data_3W8N
# 
_entry.id   3W8N 
# 
_audit_conform.dict_name       mmcif_pdbx.dic 
_audit_conform.dict_version    5.399 
_audit_conform.dict_location   http://mmcif.pdb.org/dictionaries/ascii/mmcif_pdbx.dic 
# 
loop_
_database_2.database_id 
_database_2.database_code 
_database_2.pdbx_database_accession 
_database_2.pdbx_DOI 
PDB   3W8N         pdb_00003w8n 10.2210/pdb3w8n/pdb 
RCSB  RCSB096024   ?            ?                   
WWPDB D_1000096024 ?            ?                   
# 
loop_
_pdbx_audit_revision_history.ordinal 
_pdbx_audit_revision_history.data_content_type 
_pdbx_audit_revision_history.major_revision 
_pdbx_audit_revision_history.minor_revision 
_pdbx_audit_revision_history.revision_date 
1 'Structure model' 1 0 2013-09-25 
2 'Structure model' 1 1 2017-11-22 
3 'Structure model' 1 2 2024-11-20 
# 
_pdbx_audit_revision_details.ordinal             1 
_pdbx_audit_revision_details.revision_ordinal    1 
_pdbx_audit_revision_details.data_content_type   'Structure model' 
_pdbx_audit_revision_details.provider            repository 
_pdbx_audit_revision_details.type                'Initial release' 
_pdbx_audit_revision_details.description         ? 
_pdbx_audit_revision_details.details             ? 
# 
loop_
_pdbx_audit_revision_group.ordinal 
_pdbx_audit_revision_group.revision_ordinal 
_pdbx_audit_revision_group.data_content_type 
_pdbx_audit_revision_group.group 
1 2 'Structure model' 'Refinement description' 
2 3 'Structure model' 'Data collection'        
3 3 'Structure model' 'Database references'    
4 3 'Structure model' 'Derived calculations'   
5 3 'Structure model' 'Structure summary'      
# 
loop_
_pdbx_audit_revision_category.ordinal 
_pdbx_audit_revision_category.revision_ordinal 
_pdbx_audit_revision_category.data_content_type 
_pdbx_audit_revision_category.category 
1 2 'Structure model' software                  
2 3 'Structure model' chem_comp_atom            
3 3 'Structure model' chem_comp_bond            
4 3 'Structure model' database_2                
5 3 'Structure model' pdbx_entry_details        
6 3 'Structure model' pdbx_modification_feature 
7 3 'Structure model' struct_conn               
8 3 'Structure model' struct_site               
# 
loop_
_pdbx_audit_revision_item.ordinal 
_pdbx_audit_revision_item.revision_ordinal 
_pdbx_audit_revision_item.data_content_type 
_pdbx_audit_revision_item.item 
1 3 'Structure model' '_database_2.pdbx_DOI'                
2 3 'Structure model' '_database_2.pdbx_database_accession' 
3 3 'Structure model' '_struct_conn.pdbx_leaving_atom_flag' 
4 3 'Structure model' '_struct_site.pdbx_auth_asym_id'      
5 3 'Structure model' '_struct_site.pdbx_auth_comp_id'      
6 3 'Structure model' '_struct_site.pdbx_auth_seq_id'       
# 
_pdbx_database_status.entry_id                        3W8N 
_pdbx_database_status.methods_development_category    ? 
_pdbx_database_status.deposit_site                    PDBJ 
_pdbx_database_status.process_site                    PDBJ 
_pdbx_database_status.recvd_initial_deposition_date   2013-03-19 
_pdbx_database_status.status_code                     REL 
_pdbx_database_status.status_code_sf                  REL 
_pdbx_database_status.status_code_mr                  ? 
_pdbx_database_status.SG_entry                        Y 
_pdbx_database_status.status_code_cs                  ? 
_pdbx_database_status.pdb_format_compatible           Y 
_pdbx_database_status.status_code_nmr_data            ? 
# 
loop_
_pdbx_database_related.db_name 
_pdbx_database_related.db_id 
_pdbx_database_related.details 
_pdbx_database_related.content_type 
PDB         3AKC                'The same protein complexed with CDP and ADP' unspecified 
PDB         3AKD                'The same protein complexed with CDP'         unspecified 
PDB         3AKE                'The same protein complexed with CMP'         unspecified 
TargetTrack RSGI-ttk003000091.2 .                                             unspecified 
# 
loop_
_audit_author.name 
_audit_author.pdbx_ordinal 
'Nakagawa, N.'                                           1 
'Mega, R.'                                               2 
'Masui, R.'                                              3 
'Kuramitsu, S.'                                          4 
'RIKEN Structural Genomics/Proteomics Initiative (RSGI)' 5 
# 
_citation.id                        primary 
_citation.title                     
'Crystal structure of CMP kinase: insights into initial substrate recognition and reaction mechanisms' 
_citation.journal_abbrev            'To be Published' 
_citation.journal_volume            ? 
_citation.page_first                ? 
_citation.page_last                 ? 
_citation.year                      ? 
_citation.journal_id_ASTM           ? 
_citation.country                   ? 
_citation.journal_id_ISSN           ? 
_citation.journal_id_CSD            0353 
_citation.book_publisher            ? 
_citation.pdbx_database_id_PubMed   ? 
_citation.pdbx_database_id_DOI      ? 
# 
loop_
_citation_author.citation_id 
_citation_author.name 
_citation_author.ordinal 
_citation_author.identifier_ORCID 
primary 'Mega, R.'      1 ? 
primary 'Nakagawa, N.'  2 ? 
primary 'Masui, R.'     3 ? 
primary 'Kuramitsu, S.' 4 ? 
# 
loop_
_entity.id 
_entity.type 
_entity.src_method 
_entity.pdbx_description 
_entity.formula_weight 
_entity.pdbx_number_of_molecules 
_entity.pdbx_ec 
_entity.pdbx_mutation 
_entity.pdbx_fragment 
_entity.details 
1 polymer     man 'Cytidylate kinase'         22725.502 1  2.7.4.25 ? ? ? 
2 non-polymer syn "CYTIDINE-5'-MONOPHOSPHATE" 323.197   1  ?        ? ? ? 
3 water       nat water                       18.015    84 ?        ? ? ? 
# 
_entity_name_com.entity_id   1 
_entity_name_com.name        'CK, Cytidine monophosphate kinase, CMP kinase' 
# 
_entity_poly.entity_id                      1 
_entity_poly.type                           'polypeptide(L)' 
_entity_poly.nstd_linkage                   no 
_entity_poly.nstd_monomer                   yes 
_entity_poly.pdbx_seq_one_letter_code       
;(MSE)RGIVTIDGPSASGKSSVARRVAAALGVPYLSSGLLYRAAAFLALRAGVDPGDEEGLLALLEGLGVRLLAQAEGNR
VLADGEDLTSFLHTPEVDRVVSAVARLPGVRAWVNRRLKEVPPPFVAEGRD(MSE)GTAVFPEAAHKFYLTASPEVRAWR
RARERPQAYEEVLRDLLRRDERDKAQSAPAPDALVLDTGG(MSE)TLDEVVAWVLAHIRR
;
_entity_poly.pdbx_seq_one_letter_code_can   
;MRGIVTIDGPSASGKSSVARRVAAALGVPYLSSGLLYRAAAFLALRAGVDPGDEEGLLALLEGLGVRLLAQAEGNRVLAD
GEDLTSFLHTPEVDRVVSAVARLPGVRAWVNRRLKEVPPPFVAEGRDMGTAVFPEAAHKFYLTASPEVRAWRRARERPQA
YEEVLRDLLRRDERDKAQSAPAPDALVLDTGGMTLDEVVAWVLAHIRR
;
_entity_poly.pdbx_strand_id                 A 
_entity_poly.pdbx_target_identifier         RSGI-ttk003000091.2 
# 
loop_
_pdbx_entity_nonpoly.entity_id 
_pdbx_entity_nonpoly.name 
_pdbx_entity_nonpoly.comp_id 
2 "CYTIDINE-5'-MONOPHOSPHATE" C5P 
3 water                       HOH 
# 
loop_
_entity_poly_seq.entity_id 
_entity_poly_seq.num 
_entity_poly_seq.mon_id 
_entity_poly_seq.hetero 
1 1   MSE n 
1 2   ARG n 
1 3   GLY n 
1 4   ILE n 
1 5   VAL n 
1 6   THR n 
1 7   ILE n 
1 8   ASP n 
1 9   GLY n 
1 10  PRO n 
1 11  SER n 
1 12  ALA n 
1 13  SER n 
1 14  GLY n 
1 15  LYS n 
1 16  SER n 
1 17  SER n 
1 18  VAL n 
1 19  ALA n 
1 20  ARG n 
1 21  ARG n 
1 22  VAL n 
1 23  ALA n 
1 24  ALA n 
1 25  ALA n 
1 26  LEU n 
1 27  GLY n 
1 28  VAL n 
1 29  PRO n 
1 30  TYR n 
1 31  LEU n 
1 32  SER n 
1 33  SER n 
1 34  GLY n 
1 35  LEU n 
1 36  LEU n 
1 37  TYR n 
1 38  ARG n 
1 39  ALA n 
1 40  ALA n 
1 41  ALA n 
1 42  PHE n 
1 43  LEU n 
1 44  ALA n 
1 45  LEU n 
1 46  ARG n 
1 47  ALA n 
1 48  GLY n 
1 49  VAL n 
1 50  ASP n 
1 51  PRO n 
1 52  GLY n 
1 53  ASP n 
1 54  GLU n 
1 55  GLU n 
1 56  GLY n 
1 57  LEU n 
1 58  LEU n 
1 59  ALA n 
1 60  LEU n 
1 61  LEU n 
1 62  GLU n 
1 63  GLY n 
1 64  LEU n 
1 65  GLY n 
1 66  VAL n 
1 67  ARG n 
1 68  LEU n 
1 69  LEU n 
1 70  ALA n 
1 71  GLN n 
1 72  ALA n 
1 73  GLU n 
1 74  GLY n 
1 75  ASN n 
1 76  ARG n 
1 77  VAL n 
1 78  LEU n 
1 79  ALA n 
1 80  ASP n 
1 81  GLY n 
1 82  GLU n 
1 83  ASP n 
1 84  LEU n 
1 85  THR n 
1 86  SER n 
1 87  PHE n 
1 88  LEU n 
1 89  HIS n 
1 90  THR n 
1 91  PRO n 
1 92  GLU n 
1 93  VAL n 
1 94  ASP n 
1 95  ARG n 
1 96  VAL n 
1 97  VAL n 
1 98  SER n 
1 99  ALA n 
1 100 VAL n 
1 101 ALA n 
1 102 ARG n 
1 103 LEU n 
1 104 PRO n 
1 105 GLY n 
1 106 VAL n 
1 107 ARG n 
1 108 ALA n 
1 109 TRP n 
1 110 VAL n 
1 111 ASN n 
1 112 ARG n 
1 113 ARG n 
1 114 LEU n 
1 115 LYS n 
1 116 GLU n 
1 117 VAL n 
1 118 PRO n 
1 119 PRO n 
1 120 PRO n 
1 121 PHE n 
1 122 VAL n 
1 123 ALA n 
1 124 GLU n 
1 125 GLY n 
1 126 ARG n 
1 127 ASP n 
1 128 MSE n 
1 129 GLY n 
1 130 THR n 
1 131 ALA n 
1 132 VAL n 
1 133 PHE n 
1 134 PRO n 
1 135 GLU n 
1 136 ALA n 
1 137 ALA n 
1 138 HIS n 
1 139 LYS n 
1 140 PHE n 
1 141 TYR n 
1 142 LEU n 
1 143 THR n 
1 144 ALA n 
1 145 SER n 
1 146 PRO n 
1 147 GLU n 
1 148 VAL n 
1 149 ARG n 
1 150 ALA n 
1 151 TRP n 
1 152 ARG n 
1 153 ARG n 
1 154 ALA n 
1 155 ARG n 
1 156 GLU n 
1 157 ARG n 
1 158 PRO n 
1 159 GLN n 
1 160 ALA n 
1 161 TYR n 
1 162 GLU n 
1 163 GLU n 
1 164 VAL n 
1 165 LEU n 
1 166 ARG n 
1 167 ASP n 
1 168 LEU n 
1 169 LEU n 
1 170 ARG n 
1 171 ARG n 
1 172 ASP n 
1 173 GLU n 
1 174 ARG n 
1 175 ASP n 
1 176 LYS n 
1 177 ALA n 
1 178 GLN n 
1 179 SER n 
1 180 ALA n 
1 181 PRO n 
1 182 ALA n 
1 183 PRO n 
1 184 ASP n 
1 185 ALA n 
1 186 LEU n 
1 187 VAL n 
1 188 LEU n 
1 189 ASP n 
1 190 THR n 
1 191 GLY n 
1 192 GLY n 
1 193 MSE n 
1 194 THR n 
1 195 LEU n 
1 196 ASP n 
1 197 GLU n 
1 198 VAL n 
1 199 VAL n 
1 200 ALA n 
1 201 TRP n 
1 202 VAL n 
1 203 LEU n 
1 204 ALA n 
1 205 HIS n 
1 206 ILE n 
1 207 ARG n 
1 208 ARG n 
# 
_entity_src_gen.entity_id                          1 
_entity_src_gen.pdbx_src_id                        1 
_entity_src_gen.pdbx_alt_source_flag               sample 
_entity_src_gen.pdbx_seq_type                      ? 
_entity_src_gen.pdbx_beg_seq_num                   ? 
_entity_src_gen.pdbx_end_seq_num                   ? 
_entity_src_gen.gene_src_common_name               ? 
_entity_src_gen.gene_src_genus                     ? 
_entity_src_gen.pdbx_gene_src_gene                 TTHA0458 
_entity_src_gen.gene_src_species                   ? 
_entity_src_gen.gene_src_strain                    HB8 
_entity_src_gen.gene_src_tissue                    ? 
_entity_src_gen.gene_src_tissue_fraction           ? 
_entity_src_gen.gene_src_details                   ? 
_entity_src_gen.pdbx_gene_src_fragment             ? 
_entity_src_gen.pdbx_gene_src_scientific_name      'Thermus thermophilus' 
_entity_src_gen.pdbx_gene_src_ncbi_taxonomy_id     300852 
_entity_src_gen.pdbx_gene_src_variant              ? 
_entity_src_gen.pdbx_gene_src_cell_line            ? 
_entity_src_gen.pdbx_gene_src_atcc                 ? 
_entity_src_gen.pdbx_gene_src_organ                ? 
_entity_src_gen.pdbx_gene_src_organelle            ? 
_entity_src_gen.pdbx_gene_src_cell                 ? 
_entity_src_gen.pdbx_gene_src_cellular_location    ? 
_entity_src_gen.host_org_common_name               ? 
_entity_src_gen.pdbx_host_org_scientific_name      'Escherichia coli' 
_entity_src_gen.pdbx_host_org_ncbi_taxonomy_id     562 
_entity_src_gen.host_org_genus                     ? 
_entity_src_gen.pdbx_host_org_gene                 ? 
_entity_src_gen.pdbx_host_org_organ                ? 
_entity_src_gen.host_org_species                   ? 
_entity_src_gen.pdbx_host_org_tissue               ? 
_entity_src_gen.pdbx_host_org_tissue_fraction      ? 
_entity_src_gen.pdbx_host_org_strain               'B834(DE3)' 
_entity_src_gen.pdbx_host_org_variant              ? 
_entity_src_gen.pdbx_host_org_cell_line            ? 
_entity_src_gen.pdbx_host_org_atcc                 ? 
_entity_src_gen.pdbx_host_org_culture_collection   ? 
_entity_src_gen.pdbx_host_org_cell                 ? 
_entity_src_gen.pdbx_host_org_organelle            ? 
_entity_src_gen.pdbx_host_org_cellular_location    ? 
_entity_src_gen.pdbx_host_org_vector_type          plasmid 
_entity_src_gen.pdbx_host_org_vector               ? 
_entity_src_gen.host_org_details                   ? 
_entity_src_gen.expression_system_id               ? 
_entity_src_gen.plasmid_name                       pET-11a 
_entity_src_gen.plasmid_details                    ? 
_entity_src_gen.pdbx_description                   ? 
# 
loop_
_chem_comp.id 
_chem_comp.type 
_chem_comp.mon_nstd_flag 
_chem_comp.name 
_chem_comp.pdbx_synonyms 
_chem_comp.formula 
_chem_comp.formula_weight 
ALA 'L-peptide linking' y ALANINE                     ? 'C3 H7 N O2'     89.093  
ARG 'L-peptide linking' y ARGININE                    ? 'C6 H15 N4 O2 1' 175.209 
ASN 'L-peptide linking' y ASPARAGINE                  ? 'C4 H8 N2 O3'    132.118 
ASP 'L-peptide linking' y 'ASPARTIC ACID'             ? 'C4 H7 N O4'     133.103 
C5P non-polymer         . "CYTIDINE-5'-MONOPHOSPHATE" ? 'C9 H14 N3 O8 P' 323.197 
GLN 'L-peptide linking' y GLUTAMINE                   ? 'C5 H10 N2 O3'   146.144 
GLU 'L-peptide linking' y 'GLUTAMIC ACID'             ? 'C5 H9 N O4'     147.129 
GLY 'peptide linking'   y GLYCINE                     ? 'C2 H5 N O2'     75.067  
HIS 'L-peptide linking' y HISTIDINE                   ? 'C6 H10 N3 O2 1' 156.162 
HOH non-polymer         . WATER                       ? 'H2 O'           18.015  
ILE 'L-peptide linking' y ISOLEUCINE                  ? 'C6 H13 N O2'    131.173 
LEU 'L-peptide linking' y LEUCINE                     ? 'C6 H13 N O2'    131.173 
LYS 'L-peptide linking' y LYSINE                      ? 'C6 H15 N2 O2 1' 147.195 
MSE 'L-peptide linking' n SELENOMETHIONINE            ? 'C5 H11 N O2 Se' 196.106 
PHE 'L-peptide linking' y PHENYLALANINE               ? 'C9 H11 N O2'    165.189 
PRO 'L-peptide linking' y PROLINE                     ? 'C5 H9 N O2'     115.130 
SER 'L-peptide linking' y SERINE                      ? 'C3 H7 N O3'     105.093 
THR 'L-peptide linking' y THREONINE                   ? 'C4 H9 N O3'     119.119 
TRP 'L-peptide linking' y TRYPTOPHAN                  ? 'C11 H12 N2 O2'  204.225 
TYR 'L-peptide linking' y TYROSINE                    ? 'C9 H11 N O3'    181.189 
VAL 'L-peptide linking' y VALINE                      ? 'C5 H11 N O2'    117.146 
# 
loop_
_pdbx_poly_seq_scheme.asym_id 
_pdbx_poly_seq_scheme.entity_id 
_pdbx_poly_seq_scheme.seq_id 
_pdbx_poly_seq_scheme.mon_id 
_pdbx_poly_seq_scheme.ndb_seq_num 
_pdbx_poly_seq_scheme.pdb_seq_num 
_pdbx_poly_seq_scheme.auth_seq_num 
_pdbx_poly_seq_scheme.pdb_mon_id 
_pdbx_poly_seq_scheme.auth_mon_id 
_pdbx_poly_seq_scheme.pdb_strand_id 
_pdbx_poly_seq_scheme.pdb_ins_code 
_pdbx_poly_seq_scheme.hetero 
A 1 1   MSE 1   1   ?   ?   ?   A . n 
A 1 2   ARG 2   2   ?   ?   ?   A . n 
A 1 3   GLY 3   3   3   GLY GLY A . n 
A 1 4   ILE 4   4   4   ILE ILE A . n 
A 1 5   VAL 5   5   5   VAL VAL A . n 
A 1 6   THR 6   6   6   THR THR A . n 
A 1 7   ILE 7   7   7   ILE ILE A . n 
A 1 8   ASP 8   8   8   ASP ASP A . n 
A 1 9   GLY 9   9   9   GLY GLY A . n 
A 1 10  PRO 10  10  10  PRO PRO A . n 
A 1 11  SER 11  11  11  SER SER A . n 
A 1 12  ALA 12  12  12  ALA ALA A . n 
A 1 13  SER 13  13  13  SER SER A . n 
A 1 14  GLY 14  14  14  GLY GLY A . n 
A 1 15  LYS 15  15  15  LYS LYS A . n 
A 1 16  SER 16  16  16  SER SER A . n 
A 1 17  SER 17  17  17  SER SER A . n 
A 1 18  VAL 18  18  18  VAL VAL A . n 
A 1 19  ALA 19  19  19  ALA ALA A . n 
A 1 20  ARG 20  20  20  ARG ARG A . n 
A 1 21  ARG 21  21  21  ARG ARG A . n 
A 1 22  VAL 22  22  22  VAL VAL A . n 
A 1 23  ALA 23  23  23  ALA ALA A . n 
A 1 24  ALA 24  24  24  ALA ALA A . n 
A 1 25  ALA 25  25  25  ALA ALA A . n 
A 1 26  LEU 26  26  26  LEU LEU A . n 
A 1 27  GLY 27  27  27  GLY GLY A . n 
A 1 28  VAL 28  28  28  VAL VAL A . n 
A 1 29  PRO 29  29  29  PRO PRO A . n 
A 1 30  TYR 30  30  30  TYR TYR A . n 
A 1 31  LEU 31  31  31  LEU LEU A . n 
A 1 32  SER 32  32  32  SER SER A . n 
A 1 33  SER 33  33  33  SER SER A . n 
A 1 34  GLY 34  34  34  GLY GLY A . n 
A 1 35  LEU 35  35  35  LEU LEU A . n 
A 1 36  LEU 36  36  36  LEU LEU A . n 
A 1 37  TYR 37  37  37  TYR TYR A . n 
A 1 38  ARG 38  38  38  ARG ARG A . n 
A 1 39  ALA 39  39  39  ALA ALA A . n 
A 1 40  ALA 40  40  40  ALA ALA A . n 
A 1 41  ALA 41  41  41  ALA ALA A . n 
A 1 42  PHE 42  42  42  PHE PHE A . n 
A 1 43  LEU 43  43  43  LEU LEU A . n 
A 1 44  ALA 44  44  44  ALA ALA A . n 
A 1 45  LEU 45  45  45  LEU LEU A . n 
A 1 46  ARG 46  46  46  ARG ARG A . n 
A 1 47  ALA 47  47  47  ALA ALA A . n 
A 1 48  GLY 48  48  48  GLY GLY A . n 
A 1 49  VAL 49  49  49  VAL VAL A . n 
A 1 50  ASP 50  50  50  ASP ASP A . n 
A 1 51  PRO 51  51  51  PRO PRO A . n 
A 1 52  GLY 52  52  52  GLY GLY A . n 
A 1 53  ASP 53  53  53  ASP ASP A . n 
A 1 54  GLU 54  54  54  GLU GLU A . n 
A 1 55  GLU 55  55  55  GLU GLU A . n 
A 1 56  GLY 56  56  56  GLY GLY A . n 
A 1 57  LEU 57  57  57  LEU LEU A . n 
A 1 58  LEU 58  58  58  LEU LEU A . n 
A 1 59  ALA 59  59  59  ALA ALA A . n 
A 1 60  LEU 60  60  60  LEU LEU A . n 
A 1 61  LEU 61  61  61  LEU LEU A . n 
A 1 62  GLU 62  62  62  GLU GLU A . n 
A 1 63  GLY 63  63  63  GLY GLY A . n 
A 1 64  LEU 64  64  64  LEU LEU A . n 
A 1 65  GLY 65  65  65  GLY GLY A . n 
A 1 66  VAL 66  66  66  VAL VAL A . n 
A 1 67  ARG 67  67  67  ARG ARG A . n 
A 1 68  LEU 68  68  68  LEU LEU A . n 
A 1 69  LEU 69  69  69  LEU LEU A . n 
A 1 70  ALA 70  70  70  ALA ALA A . n 
A 1 71  GLN 71  71  71  GLN GLN A . n 
A 1 72  ALA 72  72  72  ALA ALA A . n 
A 1 73  GLU 73  73  73  GLU GLU A . n 
A 1 74  GLY 74  74  74  GLY GLY A . n 
A 1 75  ASN 75  75  75  ASN ASN A . n 
A 1 76  ARG 76  76  76  ARG ARG A . n 
A 1 77  VAL 77  77  77  VAL VAL A . n 
A 1 78  LEU 78  78  78  LEU LEU A . n 
A 1 79  ALA 79  79  79  ALA ALA A . n 
A 1 80  ASP 80  80  80  ASP ASP A . n 
A 1 81  GLY 81  81  81  GLY GLY A . n 
A 1 82  GLU 82  82  82  GLU GLU A . n 
A 1 83  ASP 83  83  83  ASP ASP A . n 
A 1 84  LEU 84  84  84  LEU LEU A . n 
A 1 85  THR 85  85  85  THR THR A . n 
A 1 86  SER 86  86  86  SER SER A . n 
A 1 87  PHE 87  87  87  PHE PHE A . n 
A 1 88  LEU 88  88  88  LEU LEU A . n 
A 1 89  HIS 89  89  89  HIS HIS A . n 
A 1 90  THR 90  90  90  THR THR A . n 
A 1 91  PRO 91  91  91  PRO PRO A . n 
A 1 92  GLU 92  92  92  GLU GLU A . n 
A 1 93  VAL 93  93  93  VAL VAL A . n 
A 1 94  ASP 94  94  94  ASP ASP A . n 
A 1 95  ARG 95  95  95  ARG ARG A . n 
A 1 96  VAL 96  96  96  VAL VAL A . n 
A 1 97  VAL 97  97  97  VAL VAL A . n 
A 1 98  SER 98  98  98  SER SER A . n 
A 1 99  ALA 99  99  99  ALA ALA A . n 
A 1 100 VAL 100 100 100 VAL VAL A . n 
A 1 101 ALA 101 101 101 ALA ALA A . n 
A 1 102 ARG 102 102 102 ARG ARG A . n 
A 1 103 LEU 103 103 103 LEU LEU A . n 
A 1 104 PRO 104 104 104 PRO PRO A . n 
A 1 105 GLY 105 105 105 GLY GLY A . n 
A 1 106 VAL 106 106 106 VAL VAL A . n 
A 1 107 ARG 107 107 107 ARG ARG A . n 
A 1 108 ALA 108 108 108 ALA ALA A . n 
A 1 109 TRP 109 109 109 TRP TRP A . n 
A 1 110 VAL 110 110 110 VAL VAL A . n 
A 1 111 ASN 111 111 111 ASN ASN A . n 
A 1 112 ARG 112 112 112 ARG ARG A . n 
A 1 113 ARG 113 113 113 ARG ARG A . n 
A 1 114 LEU 114 114 114 LEU LEU A . n 
A 1 115 LYS 115 115 115 LYS LYS A . n 
A 1 116 GLU 116 116 116 GLU GLU A . n 
A 1 117 VAL 117 117 117 VAL VAL A . n 
A 1 118 PRO 118 118 118 PRO PRO A . n 
A 1 119 PRO 119 119 119 PRO PRO A . n 
A 1 120 PRO 120 120 120 PRO PRO A . n 
A 1 121 PHE 121 121 121 PHE PHE A . n 
A 1 122 VAL 122 122 122 VAL VAL A . n 
A 1 123 ALA 123 123 123 ALA ALA A . n 
A 1 124 GLU 124 124 124 GLU GLU A . n 
A 1 125 GLY 125 125 125 GLY GLY A . n 
A 1 126 ARG 126 126 126 ARG ARG A . n 
A 1 127 ASP 127 127 127 ASP ASP A . n 
A 1 128 MSE 128 128 128 MSE MSE A . n 
A 1 129 GLY 129 129 129 GLY GLY A . n 
A 1 130 THR 130 130 130 THR THR A . n 
A 1 131 ALA 131 131 131 ALA ALA A . n 
A 1 132 VAL 132 132 132 VAL VAL A . n 
A 1 133 PHE 133 133 133 PHE PHE A . n 
A 1 134 PRO 134 134 134 PRO PRO A . n 
A 1 135 GLU 135 135 135 GLU GLU A . n 
A 1 136 ALA 136 136 136 ALA ALA A . n 
A 1 137 ALA 137 137 137 ALA ALA A . n 
A 1 138 HIS 138 138 138 HIS HIS A . n 
A 1 139 LYS 139 139 139 LYS LYS A . n 
A 1 140 PHE 140 140 140 PHE PHE A . n 
A 1 141 TYR 141 141 141 TYR TYR A . n 
A 1 142 LEU 142 142 142 LEU LEU A . n 
A 1 143 THR 143 143 143 THR THR A . n 
A 1 144 ALA 144 144 144 ALA ALA A . n 
A 1 145 SER 145 145 145 SER SER A . n 
A 1 146 PRO 146 146 146 PRO PRO A . n 
A 1 147 GLU 147 147 147 GLU GLU A . n 
A 1 148 VAL 148 148 148 VAL VAL A . n 
A 1 149 ARG 149 149 149 ARG ARG A . n 
A 1 150 ALA 150 150 150 ALA ALA A . n 
A 1 151 TRP 151 151 151 TRP TRP A . n 
A 1 152 ARG 152 152 152 ARG ARG A . n 
A 1 153 ARG 153 153 153 ARG ARG A . n 
A 1 154 ALA 154 154 154 ALA ALA A . n 
A 1 155 ARG 155 155 ?   ?   ?   A . n 
A 1 156 GLU 156 156 ?   ?   ?   A . n 
A 1 157 ARG 157 157 ?   ?   ?   A . n 
A 1 158 PRO 158 158 158 PRO PRO A . n 
A 1 159 GLN 159 159 159 GLN GLN A . n 
A 1 160 ALA 160 160 160 ALA ALA A . n 
A 1 161 TYR 161 161 161 TYR TYR A . n 
A 1 162 GLU 162 162 162 GLU GLU A . n 
A 1 163 GLU 163 163 163 GLU GLU A . n 
A 1 164 VAL 164 164 164 VAL VAL A . n 
A 1 165 LEU 165 165 165 LEU LEU A . n 
A 1 166 ARG 166 166 166 ARG ARG A . n 
A 1 167 ASP 167 167 167 ASP ASP A . n 
A 1 168 LEU 168 168 168 LEU LEU A . n 
A 1 169 LEU 169 169 169 LEU LEU A . n 
A 1 170 ARG 170 170 170 ARG ARG A . n 
A 1 171 ARG 171 171 171 ARG ARG A . n 
A 1 172 ASP 172 172 172 ASP ASP A . n 
A 1 173 GLU 173 173 173 GLU GLU A . n 
A 1 174 ARG 174 174 174 ARG ARG A . n 
A 1 175 ASP 175 175 175 ASP ASP A . n 
A 1 176 LYS 176 176 176 LYS LYS A . n 
A 1 177 ALA 177 177 177 ALA ALA A . n 
A 1 178 GLN 178 178 178 GLN GLN A . n 
A 1 179 SER 179 179 179 SER SER A . n 
A 1 180 ALA 180 180 180 ALA ALA A . n 
A 1 181 PRO 181 181 181 PRO PRO A . n 
A 1 182 ALA 182 182 182 ALA ALA A . n 
A 1 183 PRO 183 183 183 PRO PRO A . n 
A 1 184 ASP 184 184 184 ASP ASP A . n 
A 1 185 ALA 185 185 185 ALA ALA A . n 
A 1 186 LEU 186 186 186 LEU LEU A . n 
A 1 187 VAL 187 187 187 VAL VAL A . n 
A 1 188 LEU 188 188 188 LEU LEU A . n 
A 1 189 ASP 189 189 189 ASP ASP A . n 
A 1 190 THR 190 190 190 THR THR A . n 
A 1 191 GLY 191 191 191 GLY GLY A . n 
A 1 192 GLY 192 192 192 GLY GLY A . n 
A 1 193 MSE 193 193 193 MSE MSE A . n 
A 1 194 THR 194 194 194 THR THR A . n 
A 1 195 LEU 195 195 195 LEU LEU A . n 
A 1 196 ASP 196 196 196 ASP ASP A . n 
A 1 197 GLU 197 197 197 GLU GLU A . n 
A 1 198 VAL 198 198 198 VAL VAL A . n 
A 1 199 VAL 199 199 199 VAL VAL A . n 
A 1 200 ALA 200 200 200 ALA ALA A . n 
A 1 201 TRP 201 201 201 TRP TRP A . n 
A 1 202 VAL 202 202 202 VAL VAL A . n 
A 1 203 LEU 203 203 203 LEU LEU A . n 
A 1 204 ALA 204 204 204 ALA ALA A . n 
A 1 205 HIS 205 205 205 HIS HIS A . n 
A 1 206 ILE 206 206 206 ILE ILE A . n 
A 1 207 ARG 207 207 ?   ?   ?   A . n 
A 1 208 ARG 208 208 ?   ?   ?   A . n 
# 
loop_
_pdbx_nonpoly_scheme.asym_id 
_pdbx_nonpoly_scheme.entity_id 
_pdbx_nonpoly_scheme.mon_id 
_pdbx_nonpoly_scheme.ndb_seq_num 
_pdbx_nonpoly_scheme.pdb_seq_num 
_pdbx_nonpoly_scheme.auth_seq_num 
_pdbx_nonpoly_scheme.pdb_mon_id 
_pdbx_nonpoly_scheme.auth_mon_id 
_pdbx_nonpoly_scheme.pdb_strand_id 
_pdbx_nonpoly_scheme.pdb_ins_code 
B 2 C5P 1  301 1  C5P C5P A . 
C 3 HOH 1  401 1  HOH TIP A . 
C 3 HOH 2  402 2  HOH TIP A . 
C 3 HOH 3  403 3  HOH TIP A . 
C 3 HOH 4  404 4  HOH TIP A . 
C 3 HOH 5  405 5  HOH TIP A . 
C 3 HOH 6  406 6  HOH TIP A . 
C 3 HOH 7  407 7  HOH TIP A . 
C 3 HOH 8  408 8  HOH TIP A . 
C 3 HOH 9  409 9  HOH TIP A . 
C 3 HOH 10 410 10 HOH TIP A . 
C 3 HOH 11 411 11 HOH TIP A . 
C 3 HOH 12 412 12 HOH TIP A . 
C 3 HOH 13 413 13 HOH TIP A . 
C 3 HOH 14 414 14 HOH TIP A . 
C 3 HOH 15 415 15 HOH TIP A . 
C 3 HOH 16 416 16 HOH TIP A . 
C 3 HOH 17 417 17 HOH TIP A . 
C 3 HOH 18 418 18 HOH TIP A . 
C 3 HOH 19 419 19 HOH TIP A . 
C 3 HOH 20 420 20 HOH TIP A . 
C 3 HOH 21 421 21 HOH TIP A . 
C 3 HOH 22 422 22 HOH TIP A . 
C 3 HOH 23 423 23 HOH TIP A . 
C 3 HOH 24 424 24 HOH TIP A . 
C 3 HOH 25 425 25 HOH TIP A . 
C 3 HOH 26 426 26 HOH TIP A . 
C 3 HOH 27 427 27 HOH TIP A . 
C 3 HOH 28 428 29 HOH TIP A . 
C 3 HOH 29 429 30 HOH TIP A . 
C 3 HOH 30 430 31 HOH TIP A . 
C 3 HOH 31 431 32 HOH TIP A . 
C 3 HOH 32 432 33 HOH TIP A . 
C 3 HOH 33 433 34 HOH TIP A . 
C 3 HOH 34 434 35 HOH TIP A . 
C 3 HOH 35 435 36 HOH TIP A . 
C 3 HOH 36 436 37 HOH TIP A . 
C 3 HOH 37 437 38 HOH TIP A . 
C 3 HOH 38 438 39 HOH TIP A . 
C 3 HOH 39 439 40 HOH TIP A . 
C 3 HOH 40 440 41 HOH TIP A . 
C 3 HOH 41 441 42 HOH TIP A . 
C 3 HOH 42 442 43 HOH TIP A . 
C 3 HOH 43 443 44 HOH TIP A . 
C 3 HOH 44 444 46 HOH TIP A . 
C 3 HOH 45 445 47 HOH TIP A . 
C 3 HOH 46 446 48 HOH TIP A . 
C 3 HOH 47 447 49 HOH TIP A . 
C 3 HOH 48 448 51 HOH TIP A . 
C 3 HOH 49 449 52 HOH TIP A . 
C 3 HOH 50 450 53 HOH TIP A . 
C 3 HOH 51 451 56 HOH TIP A . 
C 3 HOH 52 452 57 HOH TIP A . 
C 3 HOH 53 453 58 HOH TIP A . 
C 3 HOH 54 454 59 HOH TIP A . 
C 3 HOH 55 455 60 HOH TIP A . 
C 3 HOH 56 456 61 HOH TIP A . 
C 3 HOH 57 457 62 HOH TIP A . 
C 3 HOH 58 458 63 HOH TIP A . 
C 3 HOH 59 459 64 HOH TIP A . 
C 3 HOH 60 460 65 HOH TIP A . 
C 3 HOH 61 461 67 HOH TIP A . 
C 3 HOH 62 462 68 HOH TIP A . 
C 3 HOH 63 463 69 HOH TIP A . 
C 3 HOH 64 464 72 HOH TIP A . 
C 3 HOH 65 465 74 HOH TIP A . 
C 3 HOH 66 466 75 HOH TIP A . 
C 3 HOH 67 467 76 HOH TIP A . 
C 3 HOH 68 468 77 HOH TIP A . 
C 3 HOH 69 469 78 HOH TIP A . 
C 3 HOH 70 470 79 HOH TIP A . 
C 3 HOH 71 471 80 HOH TIP A . 
C 3 HOH 72 472 81 HOH TIP A . 
C 3 HOH 73 473 83 HOH TIP A . 
C 3 HOH 74 474 84 HOH TIP A . 
C 3 HOH 75 475 85 HOH TIP A . 
C 3 HOH 76 476 87 HOH TIP A . 
C 3 HOH 77 477 88 HOH TIP A . 
C 3 HOH 78 478 89 HOH TIP A . 
C 3 HOH 79 479 90 HOH TIP A . 
C 3 HOH 80 480 91 HOH TIP A . 
C 3 HOH 81 481 92 HOH TIP A . 
C 3 HOH 82 482 95 HOH TIP A . 
C 3 HOH 83 483 96 HOH TIP A . 
C 3 HOH 84 484 97 HOH TIP A . 
# 
loop_
_software.pdbx_ordinal 
_software.name 
_software.version 
_software.date 
_software.type 
_software.contact_author 
_software.contact_author_email 
_software.classification 
_software.location 
_software.language 
_software.citation_id 
1 DENZO       .    ?                package 'Zbyszek Otwinowski'    hkl@hkl-xray.com         'data reduction'  
http://www.hkl-xray.com/                  ?          ? 
2 SCALEPACK   .    ?                package 'Zbyszek Otwinowski'    hkl@hkl-xray.com         'data scaling'    
http://www.hkl-xray.com/                  ?          ? 
3 SOLVE       2.13 24-Feb-2008      program 'Tom Terwilliger'       terwilliger@LANL.gov     phasing           
http://www.solve.lanl.gov/                ?          ? 
4 RESOLVE     2.13 6-Mar-2008       program 'Thomas C. Terwilliger' terwilliger@lanl.gov     phasing           
http://www.solve.lanl.gov/                ?          ? 
5 CNS         1.3  ?                package 'Axel T. Brunger'       axel.brunger@yale.edu    refinement        
http://cns-online.org/                    Fortran_77 ? 
6 PDB_EXTRACT 3.11 'April 22, 2011' package PDB                     deposit@deposit.rcsb.org 'data extraction' 
http://sw-tools.pdb.org/apps/PDB_EXTRACT/ C++        ? 
7 HKL-2000    .    ?                ?       ?                       ?                        'data reduction'  ? ?          ? 
8 HKL-2000    .    ?                ?       ?                       ?                        'data scaling'    ? ?          ? 
# 
_cell.length_a           49.212 
_cell.length_b           49.212 
_cell.length_c           98.051 
_cell.angle_alpha        90.000 
_cell.angle_beta         90.000 
_cell.angle_gamma        120.000 
_cell.entry_id           3W8N 
_cell.pdbx_unique_axis   ? 
_cell.Z_PDB              3 
_cell.length_a_esd       ? 
_cell.length_b_esd       ? 
_cell.length_c_esd       ? 
_cell.angle_alpha_esd    ? 
_cell.angle_beta_esd     ? 
_cell.angle_gamma_esd    ? 
# 
_symmetry.space_group_name_H-M             'P 31' 
_symmetry.entry_id                         3W8N 
_symmetry.Int_Tables_number                144 
_symmetry.pdbx_full_space_group_name_H-M   ? 
_symmetry.cell_setting                     ? 
_symmetry.space_group_name_Hall            ? 
# 
_exptl.crystals_number   1 
_exptl.entry_id          3W8N 
_exptl.method            'X-RAY DIFFRACTION' 
# 
_exptl_crystal.id                    1 
_exptl_crystal.pdbx_mosaicity        0.354 
_exptl_crystal.pdbx_mosaicity_esd    ? 
_exptl_crystal.density_Matthews      3.02 
_exptl_crystal.density_diffrn        ? 
_exptl_crystal.density_meas          ? 
_exptl_crystal.density_meas_temp     ? 
_exptl_crystal.density_percent_sol   59.22 
_exptl_crystal.size_max              ? 
_exptl_crystal.size_mid              ? 
_exptl_crystal.size_min              ? 
_exptl_crystal.size_rad              ? 
_exptl_crystal.description           ? 
_exptl_crystal.F_000                 ? 
_exptl_crystal.preparation           ? 
# 
_exptl_crystal_grow.crystal_id      1 
_exptl_crystal_grow.method          'VAPOR DIFFUSION, HANGING DROP' 
_exptl_crystal_grow.pH              7.0 
_exptl_crystal_grow.temp            293 
_exptl_crystal_grow.temp_details    ? 
_exptl_crystal_grow.pdbx_details    
'10mM CMP, 10mM MgCl2, 0.6M sodium succinate, pH 7.0, VAPOR DIFFUSION, HANGING DROP, temperature 293K' 
_exptl_crystal_grow.pdbx_pH_range   . 
# 
_diffrn.id                     1 
_diffrn.ambient_temp           90 
_diffrn.ambient_temp_details   ? 
_diffrn.crystal_id             1 
# 
_diffrn_detector.diffrn_id              1 
_diffrn_detector.detector               'IMAGE PLATE' 
_diffrn_detector.type                   'RIGAKU RAXIS V' 
_diffrn_detector.pdbx_collection_date   2004-04-10 
_diffrn_detector.details                ? 
# 
_diffrn_radiation.diffrn_id                        1 
_diffrn_radiation.wavelength_id                    1 
_diffrn_radiation.pdbx_diffrn_protocol             'SINGLE WAVELENGTH' 
_diffrn_radiation.monochromator                    'transparent double crystal' 
_diffrn_radiation.pdbx_monochromatic_or_laue_m_l   M 
_diffrn_radiation.pdbx_scattering_type             x-ray 
# 
_diffrn_radiation_wavelength.id           1 
_diffrn_radiation_wavelength.wavelength   0.9791 
_diffrn_radiation_wavelength.wt           1.0 
# 
_diffrn_source.diffrn_id                   1 
_diffrn_source.source                      SYNCHROTRON 
_diffrn_source.type                        'SPRING-8 BEAMLINE BL45PX' 
_diffrn_source.pdbx_wavelength             ? 
_diffrn_source.pdbx_wavelength_list        0.9791 
_diffrn_source.pdbx_synchrotron_site       SPring-8 
_diffrn_source.pdbx_synchrotron_beamline   BL45PX 
# 
_reflns.entry_id                     3W8N 
_reflns.d_resolution_high            2.200 
_reflns.d_resolution_low             50.000 
_reflns.number_obs                   26811 
_reflns.pdbx_Rmerge_I_obs            0.049 
_reflns.pdbx_netI_over_sigmaI        23.300 
_reflns.pdbx_chi_squared             1.767 
_reflns.percent_possible_obs         99.500 
_reflns.observed_criterion_sigma_F   -3 
_reflns.observed_criterion_sigma_I   ? 
_reflns.number_all                   ? 
_reflns.pdbx_Rsym_value              ? 
_reflns.B_iso_Wilson_estimate        ? 
_reflns.pdbx_redundancy              2.0 
_reflns.R_free_details               ? 
_reflns.limit_h_max                  ? 
_reflns.limit_h_min                  ? 
_reflns.limit_k_max                  ? 
_reflns.limit_k_min                  ? 
_reflns.limit_l_max                  ? 
_reflns.limit_l_min                  ? 
_reflns.observed_criterion_F_max     ? 
_reflns.observed_criterion_F_min     ? 
_reflns.pdbx_scaling_rejects         ? 
_reflns.pdbx_ordinal                 1 
_reflns.pdbx_diffrn_id               1 
# 
loop_
_reflns_shell.d_res_high 
_reflns_shell.d_res_low 
_reflns_shell.number_measured_obs 
_reflns_shell.number_measured_all 
_reflns_shell.number_unique_obs 
_reflns_shell.pdbx_rejects 
_reflns_shell.Rmerge_I_obs 
_reflns_shell.meanI_over_sigI_obs 
_reflns_shell.pdbx_Rsym_value 
_reflns_shell.pdbx_chi_squared 
_reflns_shell.pdbx_redundancy 
_reflns_shell.percent_possible_obs 
_reflns_shell.pdbx_netI_over_sigmaI_obs 
_reflns_shell.number_possible 
_reflns_shell.number_unique_all 
_reflns_shell.Rmerge_F_all 
_reflns_shell.Rmerge_F_obs 
_reflns_shell.Rmerge_I_all 
_reflns_shell.meanI_over_sigI_all 
_reflns_shell.percent_possible_all 
_reflns_shell.pdbx_Rrim_I_all 
_reflns_shell.pdbx_Rpim_I_all 
_reflns_shell.pdbx_ordinal 
_reflns_shell.pdbx_diffrn_id 
2.200 2.280  ? ? ? ? 0.262 ? ? 1.298 ? ? ? ? 2684 ? ? ? ? 99.200 ? ? 1  1 
2.280 2.370  ? ? ? ? 0.205 ? ? 1.379 ? ? ? ? 2646 ? ? ? ? 99.400 ? ? 2  1 
2.370 2.480  ? ? ? ? 0.151 ? ? 1.533 ? ? ? ? 2692 ? ? ? ? 99.300 ? ? 3  1 
2.480 2.610  ? ? ? ? 0.124 ? ? 1.749 ? ? ? ? 2671 ? ? ? ? 99.500 ? ? 4  1 
2.610 2.770  ? ? ? ? 0.093 ? ? 1.763 ? ? ? ? 2696 ? ? ? ? 99.600 ? ? 5  1 
2.770 2.990  ? ? ? ? 0.072 ? ? 1.938 ? ? ? ? 2644 ? ? ? ? 99.500 ? ? 6  1 
2.990 3.290  ? ? ? ? 0.056 ? ? 2.145 ? ? ? ? 2725 ? ? ? ? 99.500 ? ? 7  1 
3.290 3.760  ? ? ? ? 0.046 ? ? 2.249 ? ? ? ? 2669 ? ? ? ? 99.600 ? ? 8  1 
3.760 4.740  ? ? ? ? 0.037 ? ? 1.880 ? ? ? ? 2682 ? ? ? ? 99.800 ? ? 9  1 
4.740 50.000 ? ? ? ? 0.032 ? ? 1.717 ? ? ? ? 2702 ? ? ? ? 99.400 ? ? 10 1 
# 
_refine.entry_id                                 3W8N 
_refine.ls_d_res_high                            2.2000 
_refine.ls_d_res_low                             42.6200 
_refine.pdbx_ls_sigma_F                          0.000 
_refine.pdbx_data_cutoff_high_absF               821362.0000 
_refine.pdbx_data_cutoff_low_absF                0.0000 
_refine.ls_percent_reflns_obs                    96.5000 
_refine.ls_number_reflns_obs                     26009 
_refine.ls_number_reflns_all                     ? 
_refine.pdbx_ls_cross_valid_method               THROUGHOUT 
_refine.pdbx_R_Free_selection_details            RANDOM 
_refine.details                                  'BULK SOLVENT MODEL USED' 
_refine.ls_R_factor_all                          ? 
_refine.ls_R_factor_obs                          ? 
_refine.ls_R_factor_R_work                       0.1990 
_refine.ls_wR_factor_R_work                      ? 
_refine.ls_R_factor_R_free                       0.2450 
_refine.ls_wR_factor_R_free                      ? 
_refine.ls_percent_reflns_R_free                 9.5000 
_refine.ls_number_reflns_R_free                  2462 
_refine.ls_R_factor_R_free_error                 0.0050 
_refine.B_iso_mean                               37.6258 
_refine.solvent_model_param_bsol                 40.7231 
_refine.solvent_model_param_ksol                 0.4000 
_refine.pdbx_isotropic_thermal_model             RESTRAINED 
_refine.aniso_B[1][1]                            -0.1700 
_refine.aniso_B[2][2]                            -0.1700 
_refine.aniso_B[3][3]                            0.3400 
_refine.aniso_B[1][2]                            0.0000 
_refine.aniso_B[1][3]                            0.0000 
_refine.aniso_B[2][3]                            0.0000 
_refine.correlation_coeff_Fo_to_Fc               ? 
_refine.correlation_coeff_Fo_to_Fc_free          ? 
_refine.overall_SU_R_Cruickshank_DPI             ? 
_refine.overall_SU_R_free                        ? 
_refine.pdbx_overall_ESU_R                       ? 
_refine.pdbx_overall_ESU_R_Free                  ? 
_refine.overall_SU_ML                            ? 
_refine.overall_SU_B                             ? 
_refine.solvent_model_details                    'FLAT MODEL' 
_refine.pdbx_solvent_vdw_probe_radii             ? 
_refine.pdbx_solvent_ion_probe_radii             ? 
_refine.pdbx_solvent_shrinkage_radii             ? 
_refine.ls_number_parameters                     ? 
_refine.ls_number_restraints                     ? 
_refine.pdbx_starting_model                      ? 
_refine.pdbx_method_to_determine_struct          SAD 
_refine.pdbx_stereochemistry_target_values       'Engh & Huber' 
_refine.pdbx_stereochem_target_val_spec_case     ? 
_refine.overall_FOM_work_R_set                   0.8396 
_refine.B_iso_max                                85.000 
_refine.B_iso_min                                18.160 
_refine.pdbx_overall_phase_error                 ? 
_refine.occupancy_max                            1.000 
_refine.occupancy_min                            1.000 
_refine.pdbx_ls_sigma_I                          ? 
_refine.ls_redundancy_reflns_obs                 ? 
_refine.ls_R_factor_R_free_error_details         ? 
_refine.pdbx_data_cutoff_high_rms_absF           ? 
_refine.overall_FOM_free_R_set                   ? 
_refine.pdbx_diffrn_id                           1 
_refine.pdbx_refine_id                           'X-RAY DIFFRACTION' 
_refine.pdbx_TLS_residual_ADP_flag               ? 
_refine.pdbx_overall_SU_R_free_Cruickshank_DPI   ? 
_refine.pdbx_overall_SU_R_Blow_DPI               ? 
_refine.pdbx_overall_SU_R_free_Blow_DPI          ? 
# 
_refine_analyze.entry_id                        3W8N 
_refine_analyze.Luzzati_coordinate_error_obs    0.260 
_refine_analyze.Luzzati_sigma_a_obs             0.240 
_refine_analyze.Luzzati_d_res_low_obs           5.000 
_refine_analyze.Luzzati_coordinate_error_free   0.330 
_refine_analyze.Luzzati_sigma_a_free            0.300 
_refine_analyze.Luzzati_d_res_low_free          ? 
_refine_analyze.number_disordered_residues      ? 
_refine_analyze.occupancy_sum_non_hydrogen      ? 
_refine_analyze.occupancy_sum_hydrogen          ? 
_refine_analyze.pdbx_Luzzati_d_res_high_obs     ? 
_refine_analyze.pdbx_refine_id                  'X-RAY DIFFRACTION' 
# 
_refine_hist.pdbx_refine_id                   'X-RAY DIFFRACTION' 
_refine_hist.cycle_id                         LAST 
_refine_hist.pdbx_number_atoms_protein        1518 
_refine_hist.pdbx_number_atoms_nucleic_acid   0 
_refine_hist.pdbx_number_atoms_ligand         21 
_refine_hist.number_atoms_solvent             84 
_refine_hist.number_atoms_total               1623 
_refine_hist.d_res_high                       2.2000 
_refine_hist.d_res_low                        42.6200 
# 
loop_
_refine_ls_restr.type 
_refine_ls_restr.number 
_refine_ls_restr.dev_ideal 
_refine_ls_restr.dev_ideal_target 
_refine_ls_restr.weight 
_refine_ls_restr.pdbx_restraint_function 
_refine_ls_restr.pdbx_refine_id 
c_bond_d           ? 0.008  ?     ? ? 'X-RAY DIFFRACTION' 
c_angle_deg        ? 1.400  ?     ? ? 'X-RAY DIFFRACTION' 
c_dihedral_angle_d ? 22.600 ?     ? ? 'X-RAY DIFFRACTION' 
c_improper_angle_d ? 1.400  ?     ? ? 'X-RAY DIFFRACTION' 
c_mcbond_it        ? 2.050  1.500 ? ? 'X-RAY DIFFRACTION' 
c_mcangle_it       ? 3.020  2.000 ? ? 'X-RAY DIFFRACTION' 
c_scbond_it        ? 3.810  2.000 ? ? 'X-RAY DIFFRACTION' 
c_scangle_it       ? 5.060  2.500 ? ? 'X-RAY DIFFRACTION' 
# 
_refine_ls_shell.d_res_high                       2.2000 
_refine_ls_shell.d_res_low                        2.3400 
_refine_ls_shell.pdbx_total_number_of_bins_used   6 
_refine_ls_shell.percent_reflns_obs               89.6000 
_refine_ls_shell.number_reflns_R_work             3632 
_refine_ls_shell.R_factor_all                     ? 
_refine_ls_shell.R_factor_R_work                  0.2640 
_refine_ls_shell.R_factor_R_free                  0.3190 
_refine_ls_shell.percent_reflns_R_free            10.2000 
_refine_ls_shell.number_reflns_R_free             411 
_refine_ls_shell.R_factor_R_free_error            0.0160 
_refine_ls_shell.number_reflns_all                4043 
_refine_ls_shell.number_reflns_obs                ? 
_refine_ls_shell.pdbx_refine_id                   'X-RAY DIFFRACTION' 
_refine_ls_shell.redundancy_reflns_obs            ? 
# 
loop_
_pdbx_xplor_file.pdbx_refine_id 
_pdbx_xplor_file.serial_no 
_pdbx_xplor_file.param_file 
_pdbx_xplor_file.topol_file 
'X-RAY DIFFRACTION' 1 protein.param      protein.top      
'X-RAY DIFFRACTION' 2 dna-rna.param      dna-rna.top      
'X-RAY DIFFRACTION' 3 water.param        water.top        
'X-RAY DIFFRACTION' 4 ion.param          ion.top          
'X-RAY DIFFRACTION' 5 carbohydrate.param carbohydrate.top 
'X-RAY DIFFRACTION' 6 c5p.param          c5p.top          
# 
_struct.entry_id                  3W8N 
_struct.title                     'Open form structure of CMP kinase in complex with CMP from Thermus thermophilus HB8' 
_struct.pdbx_model_details        ? 
_struct.pdbx_CASP_flag            ? 
_struct.pdbx_model_type_details   ? 
# 
_struct_keywords.entry_id        3W8N 
_struct_keywords.pdbx_keywords   TRANSFERASE 
_struct_keywords.text            
;Structural Genomics, NPPSFA, National Project on Protein Structural and Functional Analyses, RIKEN Structural Genomics/Proteomics Initiative, RSGI, kinase, CMP, TRANSFERASE
;
# 
loop_
_struct_asym.id 
_struct_asym.pdbx_blank_PDB_chainid_flag 
_struct_asym.pdbx_modified 
_struct_asym.entity_id 
_struct_asym.details 
A N N 1 ? 
B N N 2 ? 
C N N 3 ? 
# 
_struct_ref.id                         1 
_struct_ref.db_name                    UNP 
_struct_ref.db_code                    KCY_THET8 
_struct_ref.pdbx_db_accession          Q5SL35 
_struct_ref.entity_id                  1 
_struct_ref.pdbx_seq_one_letter_code   
;MRGIVTIDGPSASGKSSVARRVAAALGVPYLSSGLLYRAAAFLALRAGVDPGDEEGLLALLEGLGVRLLAQAEGNRVLAD
GEDLTSFLHTPEVDRVVSAVARLPGVRAWVNRRLKEVPPPFVAEGRDMGTAVFPEAAHKFYLTASPEVRAWRRARERPQA
YEEVLRDLLRRDERDKAQSAPAPDALVLDTGGMTLDEVVAWVLAHIRR
;
_struct_ref.pdbx_align_begin           1 
_struct_ref.pdbx_db_isoform            ? 
# 
_struct_ref_seq.align_id                      1 
_struct_ref_seq.ref_id                        1 
_struct_ref_seq.pdbx_PDB_id_code              3W8N 
_struct_ref_seq.pdbx_strand_id                A 
_struct_ref_seq.seq_align_beg                 1 
_struct_ref_seq.pdbx_seq_align_beg_ins_code   ? 
_struct_ref_seq.seq_align_end                 208 
_struct_ref_seq.pdbx_seq_align_end_ins_code   ? 
_struct_ref_seq.pdbx_db_accession             Q5SL35 
_struct_ref_seq.db_align_beg                  1 
_struct_ref_seq.pdbx_db_align_beg_ins_code    ? 
_struct_ref_seq.db_align_end                  208 
_struct_ref_seq.pdbx_db_align_end_ins_code    ? 
_struct_ref_seq.pdbx_auth_seq_align_beg       1 
_struct_ref_seq.pdbx_auth_seq_align_end       208 
# 
_pdbx_struct_assembly.id                   1 
_pdbx_struct_assembly.details              author_and_software_defined_assembly 
_pdbx_struct_assembly.method_details       PISA 
_pdbx_struct_assembly.oligomeric_details   monomeric 
_pdbx_struct_assembly.oligomeric_count     1 
# 
_pdbx_struct_assembly_gen.assembly_id       1 
_pdbx_struct_assembly_gen.oper_expression   1 
_pdbx_struct_assembly_gen.asym_id_list      A,B,C 
# 
_pdbx_struct_oper_list.id                   1 
_pdbx_struct_oper_list.type                 'identity operation' 
_pdbx_struct_oper_list.name                 1_555 
_pdbx_struct_oper_list.symmetry_operation   x,y,z 
_pdbx_struct_oper_list.matrix[1][1]         1.0000000000 
_pdbx_struct_oper_list.matrix[1][2]         0.0000000000 
_pdbx_struct_oper_list.matrix[1][3]         0.0000000000 
_pdbx_struct_oper_list.vector[1]            0.0000000000 
_pdbx_struct_oper_list.matrix[2][1]         0.0000000000 
_pdbx_struct_oper_list.matrix[2][2]         1.0000000000 
_pdbx_struct_oper_list.matrix[2][3]         0.0000000000 
_pdbx_struct_oper_list.vector[2]            0.0000000000 
_pdbx_struct_oper_list.matrix[3][1]         0.0000000000 
_pdbx_struct_oper_list.matrix[3][2]         0.0000000000 
_pdbx_struct_oper_list.matrix[3][3]         1.0000000000 
_pdbx_struct_oper_list.vector[3]            0.0000000000 
# 
_struct_biol.id        1 
_struct_biol.details   ? 
# 
loop_
_struct_conf.conf_type_id 
_struct_conf.id 
_struct_conf.pdbx_PDB_helix_id 
_struct_conf.beg_label_comp_id 
_struct_conf.beg_label_asym_id 
_struct_conf.beg_label_seq_id 
_struct_conf.pdbx_beg_PDB_ins_code 
_struct_conf.end_label_comp_id 
_struct_conf.end_label_asym_id 
_struct_conf.end_label_seq_id 
_struct_conf.pdbx_end_PDB_ins_code 
_struct_conf.beg_auth_comp_id 
_struct_conf.beg_auth_asym_id 
_struct_conf.beg_auth_seq_id 
_struct_conf.end_auth_comp_id 
_struct_conf.end_auth_asym_id 
_struct_conf.end_auth_seq_id 
_struct_conf.pdbx_PDB_helix_class 
_struct_conf.details 
_struct_conf.pdbx_PDB_helix_length 
HELX_P HELX_P1  1  GLY A 14  ? GLY A 27  ? GLY A 14  GLY A 27  1 ? 14 
HELX_P HELX_P2  2  SER A 33  ? GLY A 48  ? SER A 33  GLY A 48  1 ? 16 
HELX_P HELX_P3  3  ASP A 53  ? GLY A 65  ? ASP A 53  GLY A 65  1 ? 13 
HELX_P HELX_P4  4  THR A 85  ? LEU A 88  ? THR A 85  LEU A 88  5 ? 4  
HELX_P HELX_P5  5  THR A 90  ? ARG A 102 ? THR A 90  ARG A 102 1 ? 13 
HELX_P HELX_P6  6  LEU A 103 ? GLU A 116 ? LEU A 103 GLU A 116 1 ? 14 
HELX_P HELX_P7  7  SER A 145 ? ALA A 154 ? SER A 145 ALA A 154 1 ? 10 
HELX_P HELX_P8  8  ALA A 160 ? ASP A 175 ? ALA A 160 ASP A 175 1 ? 16 
HELX_P HELX_P9  9  LYS A 176 ? SER A 179 ? LYS A 176 SER A 179 5 ? 4  
HELX_P HELX_P10 10 THR A 194 ? ALA A 204 ? THR A 194 ALA A 204 1 ? 11 
# 
_struct_conf_type.id          HELX_P 
_struct_conf_type.criteria    ? 
_struct_conf_type.reference   ? 
# 
loop_
_struct_conn.id 
_struct_conn.conn_type_id 
_struct_conn.pdbx_leaving_atom_flag 
_struct_conn.pdbx_PDB_id 
_struct_conn.ptnr1_label_asym_id 
_struct_conn.ptnr1_label_comp_id 
_struct_conn.ptnr1_label_seq_id 
_struct_conn.ptnr1_label_atom_id 
_struct_conn.pdbx_ptnr1_label_alt_id 
_struct_conn.pdbx_ptnr1_PDB_ins_code 
_struct_conn.pdbx_ptnr1_standard_comp_id 
_struct_conn.ptnr1_symmetry 
_struct_conn.ptnr2_label_asym_id 
_struct_conn.ptnr2_label_comp_id 
_struct_conn.ptnr2_label_seq_id 
_struct_conn.ptnr2_label_atom_id 
_struct_conn.pdbx_ptnr2_label_alt_id 
_struct_conn.pdbx_ptnr2_PDB_ins_code 
_struct_conn.ptnr1_auth_asym_id 
_struct_conn.ptnr1_auth_comp_id 
_struct_conn.ptnr1_auth_seq_id 
_struct_conn.ptnr2_auth_asym_id 
_struct_conn.ptnr2_auth_comp_id 
_struct_conn.ptnr2_auth_seq_id 
_struct_conn.ptnr2_symmetry 
_struct_conn.pdbx_ptnr3_label_atom_id 
_struct_conn.pdbx_ptnr3_label_seq_id 
_struct_conn.pdbx_ptnr3_label_comp_id 
_struct_conn.pdbx_ptnr3_label_asym_id 
_struct_conn.pdbx_ptnr3_label_alt_id 
_struct_conn.pdbx_ptnr3_PDB_ins_code 
_struct_conn.details 
_struct_conn.pdbx_dist_value 
_struct_conn.pdbx_value_order 
_struct_conn.pdbx_role 
covale1 covale both ? A ASP 127 C ? ? ? 1_555 A MSE 128 N ? ? A ASP 127 A MSE 128 1_555 ? ? ? ? ? ? ? 1.330 ? ? 
covale2 covale both ? A MSE 128 C ? ? ? 1_555 A GLY 129 N ? ? A MSE 128 A GLY 129 1_555 ? ? ? ? ? ? ? 1.330 ? ? 
covale3 covale both ? A GLY 192 C ? ? ? 1_555 A MSE 193 N ? ? A GLY 192 A MSE 193 1_555 ? ? ? ? ? ? ? 1.333 ? ? 
covale4 covale both ? A MSE 193 C ? ? ? 1_555 A THR 194 N ? ? A MSE 193 A THR 194 1_555 ? ? ? ? ? ? ? 1.323 ? ? 
# 
_struct_conn_type.id          covale 
_struct_conn_type.criteria    ? 
_struct_conn_type.reference   ? 
# 
loop_
_pdbx_modification_feature.ordinal 
_pdbx_modification_feature.label_comp_id 
_pdbx_modification_feature.label_asym_id 
_pdbx_modification_feature.label_seq_id 
_pdbx_modification_feature.label_alt_id 
_pdbx_modification_feature.modified_residue_label_comp_id 
_pdbx_modification_feature.modified_residue_label_asym_id 
_pdbx_modification_feature.modified_residue_label_seq_id 
_pdbx_modification_feature.modified_residue_label_alt_id 
_pdbx_modification_feature.auth_comp_id 
_pdbx_modification_feature.auth_asym_id 
_pdbx_modification_feature.auth_seq_id 
_pdbx_modification_feature.PDB_ins_code 
_pdbx_modification_feature.symmetry 
_pdbx_modification_feature.modified_residue_auth_comp_id 
_pdbx_modification_feature.modified_residue_auth_asym_id 
_pdbx_modification_feature.modified_residue_auth_seq_id 
_pdbx_modification_feature.modified_residue_PDB_ins_code 
_pdbx_modification_feature.modified_residue_symmetry 
_pdbx_modification_feature.comp_id_linking_atom 
_pdbx_modification_feature.modified_residue_id_linking_atom 
_pdbx_modification_feature.modified_residue_id 
_pdbx_modification_feature.ref_pcm_id 
_pdbx_modification_feature.ref_comp_id 
_pdbx_modification_feature.type 
_pdbx_modification_feature.category 
1 MSE A 128 ? . . . . MSE A 128 ? 1_555 . . . . . . . MET 1 MSE Selenomethionine 'Named protein modification' 
2 MSE A 193 ? . . . . MSE A 193 ? 1_555 . . . . . . . MET 1 MSE Selenomethionine 'Named protein modification' 
# 
_struct_mon_prot_cis.pdbx_id                1 
_struct_mon_prot_cis.label_comp_id          PRO 
_struct_mon_prot_cis.label_seq_id           119 
_struct_mon_prot_cis.label_asym_id          A 
_struct_mon_prot_cis.label_alt_id           . 
_struct_mon_prot_cis.pdbx_PDB_ins_code      ? 
_struct_mon_prot_cis.auth_comp_id           PRO 
_struct_mon_prot_cis.auth_seq_id            119 
_struct_mon_prot_cis.auth_asym_id           A 
_struct_mon_prot_cis.pdbx_label_comp_id_2   PRO 
_struct_mon_prot_cis.pdbx_label_seq_id_2    120 
_struct_mon_prot_cis.pdbx_label_asym_id_2   A 
_struct_mon_prot_cis.pdbx_PDB_ins_code_2    ? 
_struct_mon_prot_cis.pdbx_auth_comp_id_2    PRO 
_struct_mon_prot_cis.pdbx_auth_seq_id_2     120 
_struct_mon_prot_cis.pdbx_auth_asym_id_2    A 
_struct_mon_prot_cis.pdbx_PDB_model_num     1 
_struct_mon_prot_cis.pdbx_omega_angle       0.05 
# 
loop_
_struct_sheet.id 
_struct_sheet.type 
_struct_sheet.number_strands 
_struct_sheet.details 
A ? 4 ? 
B ? 3 ? 
C ? 2 ? 
# 
loop_
_struct_sheet_order.sheet_id 
_struct_sheet_order.range_id_1 
_struct_sheet_order.range_id_2 
_struct_sheet_order.offset 
_struct_sheet_order.sense 
A 1 2 ? parallel      
A 2 3 ? parallel      
A 3 4 ? parallel      
B 1 2 ? anti-parallel 
B 2 3 ? anti-parallel 
C 1 2 ? anti-parallel 
# 
loop_
_struct_sheet_range.sheet_id 
_struct_sheet_range.id 
_struct_sheet_range.beg_label_comp_id 
_struct_sheet_range.beg_label_asym_id 
_struct_sheet_range.beg_label_seq_id 
_struct_sheet_range.pdbx_beg_PDB_ins_code 
_struct_sheet_range.end_label_comp_id 
_struct_sheet_range.end_label_asym_id 
_struct_sheet_range.end_label_seq_id 
_struct_sheet_range.pdbx_end_PDB_ins_code 
_struct_sheet_range.beg_auth_comp_id 
_struct_sheet_range.beg_auth_asym_id 
_struct_sheet_range.beg_auth_seq_id 
_struct_sheet_range.end_auth_comp_id 
_struct_sheet_range.end_auth_asym_id 
_struct_sheet_range.end_auth_seq_id 
A 1 PHE A 121 ? ALA A 123 ? PHE A 121 ALA A 123 
A 2 ILE A 4   ? ASP A 8   ? ILE A 4   ASP A 8   
A 3 HIS A 138 ? THR A 143 ? HIS A 138 THR A 143 
A 4 LEU A 186 ? ASP A 189 ? LEU A 186 ASP A 189 
B 1 VAL A 66  ? LEU A 69  ? VAL A 66  LEU A 69  
B 2 ARG A 76  ? ALA A 79  ? ARG A 76  ALA A 79  
B 3 GLU A 82  ? ASP A 83  ? GLU A 82  ASP A 83  
C 1 ARG A 126 ? ASP A 127 ? ARG A 126 ASP A 127 
C 2 THR A 130 ? ALA A 131 ? THR A 130 ALA A 131 
# 
loop_
_pdbx_struct_sheet_hbond.sheet_id 
_pdbx_struct_sheet_hbond.range_id_1 
_pdbx_struct_sheet_hbond.range_id_2 
_pdbx_struct_sheet_hbond.range_1_label_atom_id 
_pdbx_struct_sheet_hbond.range_1_label_comp_id 
_pdbx_struct_sheet_hbond.range_1_label_asym_id 
_pdbx_struct_sheet_hbond.range_1_label_seq_id 
_pdbx_struct_sheet_hbond.range_1_PDB_ins_code 
_pdbx_struct_sheet_hbond.range_1_auth_atom_id 
_pdbx_struct_sheet_hbond.range_1_auth_comp_id 
_pdbx_struct_sheet_hbond.range_1_auth_asym_id 
_pdbx_struct_sheet_hbond.range_1_auth_seq_id 
_pdbx_struct_sheet_hbond.range_2_label_atom_id 
_pdbx_struct_sheet_hbond.range_2_label_comp_id 
_pdbx_struct_sheet_hbond.range_2_label_asym_id 
_pdbx_struct_sheet_hbond.range_2_label_seq_id 
_pdbx_struct_sheet_hbond.range_2_PDB_ins_code 
_pdbx_struct_sheet_hbond.range_2_auth_atom_id 
_pdbx_struct_sheet_hbond.range_2_auth_comp_id 
_pdbx_struct_sheet_hbond.range_2_auth_asym_id 
_pdbx_struct_sheet_hbond.range_2_auth_seq_id 
A 1 2 O PHE A 121 ? O PHE A 121 N VAL A 5   ? N VAL A 5   
A 2 3 N ASP A 8   ? N ASP A 8   O LEU A 142 ? O LEU A 142 
A 3 4 N TYR A 141 ? N TYR A 141 O LEU A 186 ? O LEU A 186 
B 1 2 N LEU A 69  ? N LEU A 69  O ARG A 76  ? O ARG A 76  
B 2 3 N ALA A 79  ? N ALA A 79  O GLU A 82  ? O GLU A 82  
C 1 2 N ASP A 127 ? N ASP A 127 O THR A 130 ? O THR A 130 
# 
_struct_site.id                   AC1 
_struct_site.pdbx_evidence_code   Software 
_struct_site.pdbx_auth_asym_id    A 
_struct_site.pdbx_auth_comp_id    C5P 
_struct_site.pdbx_auth_seq_id     301 
_struct_site.pdbx_auth_ins_code   ? 
_struct_site.pdbx_num_residues    9 
_struct_site.details              'BINDING SITE FOR RESIDUE C5P A 301' 
# 
loop_
_struct_site_gen.id 
_struct_site_gen.site_id 
_struct_site_gen.pdbx_num_res 
_struct_site_gen.label_comp_id 
_struct_site_gen.label_asym_id 
_struct_site_gen.label_seq_id 
_struct_site_gen.pdbx_auth_ins_code 
_struct_site_gen.auth_comp_id 
_struct_site_gen.auth_asym_id 
_struct_site_gen.auth_seq_id 
_struct_site_gen.label_atom_id 
_struct_site_gen.label_alt_id 
_struct_site_gen.symmetry 
_struct_site_gen.details 
1 AC1 9 GLY A 34  ? GLY A 34  . ? 1_555 ? 
2 AC1 9 TYR A 37  ? TYR A 37  . ? 1_555 ? 
3 AC1 9 ARG A 38  ? ARG A 38  . ? 1_555 ? 
4 AC1 9 SER A 98  ? SER A 98  . ? 1_555 ? 
5 AC1 9 ALA A 101 ? ALA A 101 . ? 1_555 ? 
6 AC1 9 ARG A 107 ? ARG A 107 . ? 1_555 ? 
7 AC1 9 HOH C .   ? HOH A 420 . ? 1_555 ? 
8 AC1 9 HOH C .   ? HOH A 442 . ? 1_555 ? 
9 AC1 9 HOH C .   ? HOH A 466 . ? 1_555 ? 
# 
_pdbx_entry_details.entry_id                   3W8N 
_pdbx_entry_details.compound_details           ? 
_pdbx_entry_details.source_details             ? 
_pdbx_entry_details.nonpolymer_details         ? 
_pdbx_entry_details.sequence_details           ? 
_pdbx_entry_details.has_ligand_of_interest     ? 
_pdbx_entry_details.has_protein_modification   Y 
# 
loop_
_pdbx_validate_torsion.id 
_pdbx_validate_torsion.PDB_model_num 
_pdbx_validate_torsion.auth_comp_id 
_pdbx_validate_torsion.auth_asym_id 
_pdbx_validate_torsion.auth_seq_id 
_pdbx_validate_torsion.PDB_ins_code 
_pdbx_validate_torsion.label_alt_id 
_pdbx_validate_torsion.phi 
_pdbx_validate_torsion.psi 
1 1 MSE A 128 ? ? 63.88  -115.84 
2 1 ASP A 175 ? ? -95.52 33.41   
3 1 SER A 179 ? ? -74.21 28.00   
# 
_pdbx_SG_project.id                    1 
_pdbx_SG_project.project_name          'NPPSFA, National Project on Protein Structural and Functional Analyses' 
_pdbx_SG_project.full_name_of_center   'RIKEN Structural Genomics/Proteomics Initiative' 
_pdbx_SG_project.initial_of_center     RSGI 
# 
loop_
_pdbx_struct_mod_residue.id 
_pdbx_struct_mod_residue.label_asym_id 
_pdbx_struct_mod_residue.label_comp_id 
_pdbx_struct_mod_residue.label_seq_id 
_pdbx_struct_mod_residue.auth_asym_id 
_pdbx_struct_mod_residue.auth_comp_id 
_pdbx_struct_mod_residue.auth_seq_id 
_pdbx_struct_mod_residue.PDB_ins_code 
_pdbx_struct_mod_residue.parent_comp_id 
_pdbx_struct_mod_residue.details 
1 A MSE 128 A MSE 128 ? MET SELENOMETHIONINE 
2 A MSE 193 A MSE 193 ? MET SELENOMETHIONINE 
# 
_diffrn_reflns.diffrn_id                   1 
_diffrn_reflns.pdbx_d_res_high             2.200 
_diffrn_reflns.pdbx_d_res_low              50.000 
_diffrn_reflns.pdbx_number_obs             26811 
_diffrn_reflns.pdbx_Rmerge_I_obs           0.049 
_diffrn_reflns.pdbx_Rsym_value             ? 
_diffrn_reflns.pdbx_chi_squared            1.77 
_diffrn_reflns.av_sigmaI_over_netI         20.39 
_diffrn_reflns.pdbx_redundancy             ? 
_diffrn_reflns.pdbx_percent_possible_obs   99.50 
_diffrn_reflns.number                      52425 
_diffrn_reflns.pdbx_observed_criterion     ? 
_diffrn_reflns.limit_h_max                 ? 
_diffrn_reflns.limit_h_min                 ? 
_diffrn_reflns.limit_k_max                 ? 
_diffrn_reflns.limit_k_min                 ? 
_diffrn_reflns.limit_l_max                 ? 
_diffrn_reflns.limit_l_min                 ? 
# 
loop_
_pdbx_diffrn_reflns_shell.diffrn_id 
_pdbx_diffrn_reflns_shell.d_res_high 
_pdbx_diffrn_reflns_shell.d_res_low 
_pdbx_diffrn_reflns_shell.number_obs 
_pdbx_diffrn_reflns_shell.rejects 
_pdbx_diffrn_reflns_shell.Rmerge_I_obs 
_pdbx_diffrn_reflns_shell.Rsym_value 
_pdbx_diffrn_reflns_shell.chi_squared 
_pdbx_diffrn_reflns_shell.redundancy 
_pdbx_diffrn_reflns_shell.percent_possible_obs 
1 4.74 50.00 ? ? 0.032 ? 1.717 ? 99.40 
1 3.76 4.74  ? ? 0.037 ? 1.880 ? 99.80 
1 3.29 3.76  ? ? 0.046 ? 2.249 ? 99.60 
1 2.99 3.29  ? ? 0.056 ? 2.145 ? 99.50 
1 2.77 2.99  ? ? 0.072 ? 1.938 ? 99.50 
1 2.61 2.77  ? ? 0.093 ? 1.763 ? 99.60 
1 2.48 2.61  ? ? 0.124 ? 1.749 ? 99.50 
1 2.37 2.48  ? ? 0.151 ? 1.533 ? 99.30 
1 2.28 2.37  ? ? 0.205 ? 1.379 ? 99.40 
1 2.20 2.28  ? ? 0.262 ? 1.298 ? 99.20 
# 
_pdbx_phasing_dm.entry_id          3W8N 
_pdbx_phasing_dm.fom_acentric      0.580 
_pdbx_phasing_dm.fom_centric       0.000 
_pdbx_phasing_dm.fom               0.580 
_pdbx_phasing_dm.reflns_acentric   12904 
_pdbx_phasing_dm.reflns_centric    0 
_pdbx_phasing_dm.reflns            12904 
# 
loop_
_pdbx_phasing_dm_shell.d_res_high 
_pdbx_phasing_dm_shell.d_res_low 
_pdbx_phasing_dm_shell.delta_phi_final 
_pdbx_phasing_dm_shell.delta_phi_initial 
_pdbx_phasing_dm_shell.fom_acentric 
_pdbx_phasing_dm_shell.fom_centric 
_pdbx_phasing_dm_shell.fom 
_pdbx_phasing_dm_shell.reflns_acentric 
_pdbx_phasing_dm_shell.reflns_centric 
_pdbx_phasing_dm_shell.reflns 
6.300 39.086 ? ? 0.950 ? 0.950 562  ? 562  
3.900 6.300  ? ? 0.930 ? 0.930 1783 ? 1783 
3.100 3.900  ? ? 0.860 ? 0.860 2241 ? 2241 
2.800 3.100  ? ? 0.660 ? 0.660 2241 ? 2241 
2.400 2.800  ? ? 0.380 ? 0.380 3830 ? 3830 
2.200 2.400  ? ? 0.180 ? 0.180 2247 ? 2247 
# 
_phasing.method   SAD 
# 
loop_
_pdbx_unobs_or_zero_occ_residues.id 
_pdbx_unobs_or_zero_occ_residues.PDB_model_num 
_pdbx_unobs_or_zero_occ_residues.polymer_flag 
_pdbx_unobs_or_zero_occ_residues.occupancy_flag 
_pdbx_unobs_or_zero_occ_residues.auth_asym_id 
_pdbx_unobs_or_zero_occ_residues.auth_comp_id 
_pdbx_unobs_or_zero_occ_residues.auth_seq_id 
_pdbx_unobs_or_zero_occ_residues.PDB_ins_code 
_pdbx_unobs_or_zero_occ_residues.label_asym_id 
_pdbx_unobs_or_zero_occ_residues.label_comp_id 
_pdbx_unobs_or_zero_occ_residues.label_seq_id 
1 1 Y 1 A MSE 1   ? A MSE 1   
2 1 Y 1 A ARG 2   ? A ARG 2   
3 1 Y 1 A ARG 155 ? A ARG 155 
4 1 Y 1 A GLU 156 ? A GLU 156 
5 1 Y 1 A ARG 157 ? A ARG 157 
6 1 Y 1 A ARG 207 ? A ARG 207 
7 1 Y 1 A ARG 208 ? A ARG 208 
# 
loop_
_chem_comp_atom.comp_id 
_chem_comp_atom.atom_id 
_chem_comp_atom.type_symbol 
_chem_comp_atom.pdbx_aromatic_flag 
_chem_comp_atom.pdbx_stereo_config 
_chem_comp_atom.pdbx_ordinal 
ALA N      N  N N 1   
ALA CA     C  N S 2   
ALA C      C  N N 3   
ALA O      O  N N 4   
ALA CB     C  N N 5   
ALA OXT    O  N N 6   
ALA H      H  N N 7   
ALA H2     H  N N 8   
ALA HA     H  N N 9   
ALA HB1    H  N N 10  
ALA HB2    H  N N 11  
ALA HB3    H  N N 12  
ALA HXT    H  N N 13  
ARG N      N  N N 14  
ARG CA     C  N S 15  
ARG C      C  N N 16  
ARG O      O  N N 17  
ARG CB     C  N N 18  
ARG CG     C  N N 19  
ARG CD     C  N N 20  
ARG NE     N  N N 21  
ARG CZ     C  N N 22  
ARG NH1    N  N N 23  
ARG NH2    N  N N 24  
ARG OXT    O  N N 25  
ARG H      H  N N 26  
ARG H2     H  N N 27  
ARG HA     H  N N 28  
ARG HB2    H  N N 29  
ARG HB3    H  N N 30  
ARG HG2    H  N N 31  
ARG HG3    H  N N 32  
ARG HD2    H  N N 33  
ARG HD3    H  N N 34  
ARG HE     H  N N 35  
ARG HH11   H  N N 36  
ARG HH12   H  N N 37  
ARG HH21   H  N N 38  
ARG HH22   H  N N 39  
ARG HXT    H  N N 40  
ASN N      N  N N 41  
ASN CA     C  N S 42  
ASN C      C  N N 43  
ASN O      O  N N 44  
ASN CB     C  N N 45  
ASN CG     C  N N 46  
ASN OD1    O  N N 47  
ASN ND2    N  N N 48  
ASN OXT    O  N N 49  
ASN H      H  N N 50  
ASN H2     H  N N 51  
ASN HA     H  N N 52  
ASN HB2    H  N N 53  
ASN HB3    H  N N 54  
ASN HD21   H  N N 55  
ASN HD22   H  N N 56  
ASN HXT    H  N N 57  
ASP N      N  N N 58  
ASP CA     C  N S 59  
ASP C      C  N N 60  
ASP O      O  N N 61  
ASP CB     C  N N 62  
ASP CG     C  N N 63  
ASP OD1    O  N N 64  
ASP OD2    O  N N 65  
ASP OXT    O  N N 66  
ASP H      H  N N 67  
ASP H2     H  N N 68  
ASP HA     H  N N 69  
ASP HB2    H  N N 70  
ASP HB3    H  N N 71  
ASP HD2    H  N N 72  
ASP HXT    H  N N 73  
C5P O3P    O  N N 74  
C5P P      P  N N 75  
C5P O1P    O  N N 76  
C5P O2P    O  N N 77  
C5P "O5'"  O  N N 78  
C5P "C5'"  C  N N 79  
C5P "C4'"  C  N R 80  
C5P "O4'"  O  N N 81  
C5P "C3'"  C  N S 82  
C5P "O3'"  O  N N 83  
C5P "C2'"  C  N R 84  
C5P "O2'"  O  N N 85  
C5P "C1'"  C  N R 86  
C5P N1     N  N N 87  
C5P C2     C  N N 88  
C5P N3     N  N N 89  
C5P C4     C  N N 90  
C5P C5     C  N N 91  
C5P C6     C  N N 92  
C5P O2     O  N N 93  
C5P N4     N  N N 94  
C5P HOP3   H  N N 95  
C5P HOP2   H  N N 96  
C5P "H5'1" H  N N 97  
C5P "H5'2" H  N N 98  
C5P "H4'"  H  N N 99  
C5P "H3'"  H  N N 100 
C5P "HO3'" H  N N 101 
C5P "H2'1" H  N N 102 
C5P "HO2'" H  N N 103 
C5P "H1'"  H  N N 104 
C5P H5     H  N N 105 
C5P H6     H  N N 106 
C5P HN41   H  N N 107 
C5P HN42   H  N N 108 
GLN N      N  N N 109 
GLN CA     C  N S 110 
GLN C      C  N N 111 
GLN O      O  N N 112 
GLN CB     C  N N 113 
GLN CG     C  N N 114 
GLN CD     C  N N 115 
GLN OE1    O  N N 116 
GLN NE2    N  N N 117 
GLN OXT    O  N N 118 
GLN H      H  N N 119 
GLN H2     H  N N 120 
GLN HA     H  N N 121 
GLN HB2    H  N N 122 
GLN HB3    H  N N 123 
GLN HG2    H  N N 124 
GLN HG3    H  N N 125 
GLN HE21   H  N N 126 
GLN HE22   H  N N 127 
GLN HXT    H  N N 128 
GLU N      N  N N 129 
GLU CA     C  N S 130 
GLU C      C  N N 131 
GLU O      O  N N 132 
GLU CB     C  N N 133 
GLU CG     C  N N 134 
GLU CD     C  N N 135 
GLU OE1    O  N N 136 
GLU OE2    O  N N 137 
GLU OXT    O  N N 138 
GLU H      H  N N 139 
GLU H2     H  N N 140 
GLU HA     H  N N 141 
GLU HB2    H  N N 142 
GLU HB3    H  N N 143 
GLU HG2    H  N N 144 
GLU HG3    H  N N 145 
GLU HE2    H  N N 146 
GLU HXT    H  N N 147 
GLY N      N  N N 148 
GLY CA     C  N N 149 
GLY C      C  N N 150 
GLY O      O  N N 151 
GLY OXT    O  N N 152 
GLY H      H  N N 153 
GLY H2     H  N N 154 
GLY HA2    H  N N 155 
GLY HA3    H  N N 156 
GLY HXT    H  N N 157 
HIS N      N  N N 158 
HIS CA     C  N S 159 
HIS C      C  N N 160 
HIS O      O  N N 161 
HIS CB     C  N N 162 
HIS CG     C  Y N 163 
HIS ND1    N  Y N 164 
HIS CD2    C  Y N 165 
HIS CE1    C  Y N 166 
HIS NE2    N  Y N 167 
HIS OXT    O  N N 168 
HIS H      H  N N 169 
HIS H2     H  N N 170 
HIS HA     H  N N 171 
HIS HB2    H  N N 172 
HIS HB3    H  N N 173 
HIS HD1    H  N N 174 
HIS HD2    H  N N 175 
HIS HE1    H  N N 176 
HIS HE2    H  N N 177 
HIS HXT    H  N N 178 
HOH O      O  N N 179 
HOH H1     H  N N 180 
HOH H2     H  N N 181 
ILE N      N  N N 182 
ILE CA     C  N S 183 
ILE C      C  N N 184 
ILE O      O  N N 185 
ILE CB     C  N S 186 
ILE CG1    C  N N 187 
ILE CG2    C  N N 188 
ILE CD1    C  N N 189 
ILE OXT    O  N N 190 
ILE H      H  N N 191 
ILE H2     H  N N 192 
ILE HA     H  N N 193 
ILE HB     H  N N 194 
ILE HG12   H  N N 195 
ILE HG13   H  N N 196 
ILE HG21   H  N N 197 
ILE HG22   H  N N 198 
ILE HG23   H  N N 199 
ILE HD11   H  N N 200 
ILE HD12   H  N N 201 
ILE HD13   H  N N 202 
ILE HXT    H  N N 203 
LEU N      N  N N 204 
LEU CA     C  N S 205 
LEU C      C  N N 206 
LEU O      O  N N 207 
LEU CB     C  N N 208 
LEU CG     C  N N 209 
LEU CD1    C  N N 210 
LEU CD2    C  N N 211 
LEU OXT    O  N N 212 
LEU H      H  N N 213 
LEU H2     H  N N 214 
LEU HA     H  N N 215 
LEU HB2    H  N N 216 
LEU HB3    H  N N 217 
LEU HG     H  N N 218 
LEU HD11   H  N N 219 
LEU HD12   H  N N 220 
LEU HD13   H  N N 221 
LEU HD21   H  N N 222 
LEU HD22   H  N N 223 
LEU HD23   H  N N 224 
LEU HXT    H  N N 225 
LYS N      N  N N 226 
LYS CA     C  N S 227 
LYS C      C  N N 228 
LYS O      O  N N 229 
LYS CB     C  N N 230 
LYS CG     C  N N 231 
LYS CD     C  N N 232 
LYS CE     C  N N 233 
LYS NZ     N  N N 234 
LYS OXT    O  N N 235 
LYS H      H  N N 236 
LYS H2     H  N N 237 
LYS HA     H  N N 238 
LYS HB2    H  N N 239 
LYS HB3    H  N N 240 
LYS HG2    H  N N 241 
LYS HG3    H  N N 242 
LYS HD2    H  N N 243 
LYS HD3    H  N N 244 
LYS HE2    H  N N 245 
LYS HE3    H  N N 246 
LYS HZ1    H  N N 247 
LYS HZ2    H  N N 248 
LYS HZ3    H  N N 249 
LYS HXT    H  N N 250 
MSE N      N  N N 251 
MSE CA     C  N S 252 
MSE C      C  N N 253 
MSE O      O  N N 254 
MSE OXT    O  N N 255 
MSE CB     C  N N 256 
MSE CG     C  N N 257 
MSE SE     SE N N 258 
MSE CE     C  N N 259 
MSE H      H  N N 260 
MSE H2     H  N N 261 
MSE HA     H  N N 262 
MSE HXT    H  N N 263 
MSE HB2    H  N N 264 
MSE HB3    H  N N 265 
MSE HG2    H  N N 266 
MSE HG3    H  N N 267 
MSE HE1    H  N N 268 
MSE HE2    H  N N 269 
MSE HE3    H  N N 270 
PHE N      N  N N 271 
PHE CA     C  N S 272 
PHE C      C  N N 273 
PHE O      O  N N 274 
PHE CB     C  N N 275 
PHE CG     C  Y N 276 
PHE CD1    C  Y N 277 
PHE CD2    C  Y N 278 
PHE CE1    C  Y N 279 
PHE CE2    C  Y N 280 
PHE CZ     C  Y N 281 
PHE OXT    O  N N 282 
PHE H      H  N N 283 
PHE H2     H  N N 284 
PHE HA     H  N N 285 
PHE HB2    H  N N 286 
PHE HB3    H  N N 287 
PHE HD1    H  N N 288 
PHE HD2    H  N N 289 
PHE HE1    H  N N 290 
PHE HE2    H  N N 291 
PHE HZ     H  N N 292 
PHE HXT    H  N N 293 
PRO N      N  N N 294 
PRO CA     C  N S 295 
PRO C      C  N N 296 
PRO O      O  N N 297 
PRO CB     C  N N 298 
PRO CG     C  N N 299 
PRO CD     C  N N 300 
PRO OXT    O  N N 301 
PRO H      H  N N 302 
PRO HA     H  N N 303 
PRO HB2    H  N N 304 
PRO HB3    H  N N 305 
PRO HG2    H  N N 306 
PRO HG3    H  N N 307 
PRO HD2    H  N N 308 
PRO HD3    H  N N 309 
PRO HXT    H  N N 310 
SER N      N  N N 311 
SER CA     C  N S 312 
SER C      C  N N 313 
SER O      O  N N 314 
SER CB     C  N N 315 
SER OG     O  N N 316 
SER OXT    O  N N 317 
SER H      H  N N 318 
SER H2     H  N N 319 
SER HA     H  N N 320 
SER HB2    H  N N 321 
SER HB3    H  N N 322 
SER HG     H  N N 323 
SER HXT    H  N N 324 
THR N      N  N N 325 
THR CA     C  N S 326 
THR C      C  N N 327 
THR O      O  N N 328 
THR CB     C  N R 329 
THR OG1    O  N N 330 
THR CG2    C  N N 331 
THR OXT    O  N N 332 
THR H      H  N N 333 
THR H2     H  N N 334 
THR HA     H  N N 335 
THR HB     H  N N 336 
THR HG1    H  N N 337 
THR HG21   H  N N 338 
THR HG22   H  N N 339 
THR HG23   H  N N 340 
THR HXT    H  N N 341 
TRP N      N  N N 342 
TRP CA     C  N S 343 
TRP C      C  N N 344 
TRP O      O  N N 345 
TRP CB     C  N N 346 
TRP CG     C  Y N 347 
TRP CD1    C  Y N 348 
TRP CD2    C  Y N 349 
TRP NE1    N  Y N 350 
TRP CE2    C  Y N 351 
TRP CE3    C  Y N 352 
TRP CZ2    C  Y N 353 
TRP CZ3    C  Y N 354 
TRP CH2    C  Y N 355 
TRP OXT    O  N N 356 
TRP H      H  N N 357 
TRP H2     H  N N 358 
TRP HA     H  N N 359 
TRP HB2    H  N N 360 
TRP HB3    H  N N 361 
TRP HD1    H  N N 362 
TRP HE1    H  N N 363 
TRP HE3    H  N N 364 
TRP HZ2    H  N N 365 
TRP HZ3    H  N N 366 
TRP HH2    H  N N 367 
TRP HXT    H  N N 368 
TYR N      N  N N 369 
TYR CA     C  N S 370 
TYR C      C  N N 371 
TYR O      O  N N 372 
TYR CB     C  N N 373 
TYR CG     C  Y N 374 
TYR CD1    C  Y N 375 
TYR CD2    C  Y N 376 
TYR CE1    C  Y N 377 
TYR CE2    C  Y N 378 
TYR CZ     C  Y N 379 
TYR OH     O  N N 380 
TYR OXT    O  N N 381 
TYR H      H  N N 382 
TYR H2     H  N N 383 
TYR HA     H  N N 384 
TYR HB2    H  N N 385 
TYR HB3    H  N N 386 
TYR HD1    H  N N 387 
TYR HD2    H  N N 388 
TYR HE1    H  N N 389 
TYR HE2    H  N N 390 
TYR HH     H  N N 391 
TYR HXT    H  N N 392 
VAL N      N  N N 393 
VAL CA     C  N S 394 
VAL C      C  N N 395 
VAL O      O  N N 396 
VAL CB     C  N N 397 
VAL CG1    C  N N 398 
VAL CG2    C  N N 399 
VAL OXT    O  N N 400 
VAL H      H  N N 401 
VAL H2     H  N N 402 
VAL HA     H  N N 403 
VAL HB     H  N N 404 
VAL HG11   H  N N 405 
VAL HG12   H  N N 406 
VAL HG13   H  N N 407 
VAL HG21   H  N N 408 
VAL HG22   H  N N 409 
VAL HG23   H  N N 410 
VAL HXT    H  N N 411 
# 
loop_
_chem_comp_bond.comp_id 
_chem_comp_bond.atom_id_1 
_chem_comp_bond.atom_id_2 
_chem_comp_bond.value_order 
_chem_comp_bond.pdbx_aromatic_flag 
_chem_comp_bond.pdbx_stereo_config 
_chem_comp_bond.pdbx_ordinal 
ALA N     CA     sing N N 1   
ALA N     H      sing N N 2   
ALA N     H2     sing N N 3   
ALA CA    C      sing N N 4   
ALA CA    CB     sing N N 5   
ALA CA    HA     sing N N 6   
ALA C     O      doub N N 7   
ALA C     OXT    sing N N 8   
ALA CB    HB1    sing N N 9   
ALA CB    HB2    sing N N 10  
ALA CB    HB3    sing N N 11  
ALA OXT   HXT    sing N N 12  
ARG N     CA     sing N N 13  
ARG N     H      sing N N 14  
ARG N     H2     sing N N 15  
ARG CA    C      sing N N 16  
ARG CA    CB     sing N N 17  
ARG CA    HA     sing N N 18  
ARG C     O      doub N N 19  
ARG C     OXT    sing N N 20  
ARG CB    CG     sing N N 21  
ARG CB    HB2    sing N N 22  
ARG CB    HB3    sing N N 23  
ARG CG    CD     sing N N 24  
ARG CG    HG2    sing N N 25  
ARG CG    HG3    sing N N 26  
ARG CD    NE     sing N N 27  
ARG CD    HD2    sing N N 28  
ARG CD    HD3    sing N N 29  
ARG NE    CZ     sing N N 30  
ARG NE    HE     sing N N 31  
ARG CZ    NH1    sing N N 32  
ARG CZ    NH2    doub N N 33  
ARG NH1   HH11   sing N N 34  
ARG NH1   HH12   sing N N 35  
ARG NH2   HH21   sing N N 36  
ARG NH2   HH22   sing N N 37  
ARG OXT   HXT    sing N N 38  
ASN N     CA     sing N N 39  
ASN N     H      sing N N 40  
ASN N     H2     sing N N 41  
ASN CA    C      sing N N 42  
ASN CA    CB     sing N N 43  
ASN CA    HA     sing N N 44  
ASN C     O      doub N N 45  
ASN C     OXT    sing N N 46  
ASN CB    CG     sing N N 47  
ASN CB    HB2    sing N N 48  
ASN CB    HB3    sing N N 49  
ASN CG    OD1    doub N N 50  
ASN CG    ND2    sing N N 51  
ASN ND2   HD21   sing N N 52  
ASN ND2   HD22   sing N N 53  
ASN OXT   HXT    sing N N 54  
ASP N     CA     sing N N 55  
ASP N     H      sing N N 56  
ASP N     H2     sing N N 57  
ASP CA    C      sing N N 58  
ASP CA    CB     sing N N 59  
ASP CA    HA     sing N N 60  
ASP C     O      doub N N 61  
ASP C     OXT    sing N N 62  
ASP CB    CG     sing N N 63  
ASP CB    HB2    sing N N 64  
ASP CB    HB3    sing N N 65  
ASP CG    OD1    doub N N 66  
ASP CG    OD2    sing N N 67  
ASP OD2   HD2    sing N N 68  
ASP OXT   HXT    sing N N 69  
C5P O3P   P      sing N N 70  
C5P O3P   HOP3   sing N N 71  
C5P P     O1P    doub N N 72  
C5P P     O2P    sing N N 73  
C5P P     "O5'"  sing N N 74  
C5P O2P   HOP2   sing N N 75  
C5P "O5'" "C5'"  sing N N 76  
C5P "C5'" "C4'"  sing N N 77  
C5P "C5'" "H5'1" sing N N 78  
C5P "C5'" "H5'2" sing N N 79  
C5P "C4'" "O4'"  sing N N 80  
C5P "C4'" "C3'"  sing N N 81  
C5P "C4'" "H4'"  sing N N 82  
C5P "O4'" "C1'"  sing N N 83  
C5P "C3'" "O3'"  sing N N 84  
C5P "C3'" "C2'"  sing N N 85  
C5P "C3'" "H3'"  sing N N 86  
C5P "O3'" "HO3'" sing N N 87  
C5P "C2'" "O2'"  sing N N 88  
C5P "C2'" "C1'"  sing N N 89  
C5P "C2'" "H2'1" sing N N 90  
C5P "O2'" "HO2'" sing N N 91  
C5P "C1'" N1     sing N N 92  
C5P "C1'" "H1'"  sing N N 93  
C5P N1    C2     sing N N 94  
C5P N1    C6     sing N N 95  
C5P C2    N3     sing N N 96  
C5P C2    O2     doub N N 97  
C5P N3    C4     doub N N 98  
C5P C4    C5     sing N N 99  
C5P C4    N4     sing N N 100 
C5P C5    C6     doub N N 101 
C5P C5    H5     sing N N 102 
C5P C6    H6     sing N N 103 
C5P N4    HN41   sing N N 104 
C5P N4    HN42   sing N N 105 
GLN N     CA     sing N N 106 
GLN N     H      sing N N 107 
GLN N     H2     sing N N 108 
GLN CA    C      sing N N 109 
GLN CA    CB     sing N N 110 
GLN CA    HA     sing N N 111 
GLN C     O      doub N N 112 
GLN C     OXT    sing N N 113 
GLN CB    CG     sing N N 114 
GLN CB    HB2    sing N N 115 
GLN CB    HB3    sing N N 116 
GLN CG    CD     sing N N 117 
GLN CG    HG2    sing N N 118 
GLN CG    HG3    sing N N 119 
GLN CD    OE1    doub N N 120 
GLN CD    NE2    sing N N 121 
GLN NE2   HE21   sing N N 122 
GLN NE2   HE22   sing N N 123 
GLN OXT   HXT    sing N N 124 
GLU N     CA     sing N N 125 
GLU N     H      sing N N 126 
GLU N     H2     sing N N 127 
GLU CA    C      sing N N 128 
GLU CA    CB     sing N N 129 
GLU CA    HA     sing N N 130 
GLU C     O      doub N N 131 
GLU C     OXT    sing N N 132 
GLU CB    CG     sing N N 133 
GLU CB    HB2    sing N N 134 
GLU CB    HB3    sing N N 135 
GLU CG    CD     sing N N 136 
GLU CG    HG2    sing N N 137 
GLU CG    HG3    sing N N 138 
GLU CD    OE1    doub N N 139 
GLU CD    OE2    sing N N 140 
GLU OE2   HE2    sing N N 141 
GLU OXT   HXT    sing N N 142 
GLY N     CA     sing N N 143 
GLY N     H      sing N N 144 
GLY N     H2     sing N N 145 
GLY CA    C      sing N N 146 
GLY CA    HA2    sing N N 147 
GLY CA    HA3    sing N N 148 
GLY C     O      doub N N 149 
GLY C     OXT    sing N N 150 
GLY OXT   HXT    sing N N 151 
HIS N     CA     sing N N 152 
HIS N     H      sing N N 153 
HIS N     H2     sing N N 154 
HIS CA    C      sing N N 155 
HIS CA    CB     sing N N 156 
HIS CA    HA     sing N N 157 
HIS C     O      doub N N 158 
HIS C     OXT    sing N N 159 
HIS CB    CG     sing N N 160 
HIS CB    HB2    sing N N 161 
HIS CB    HB3    sing N N 162 
HIS CG    ND1    sing Y N 163 
HIS CG    CD2    doub Y N 164 
HIS ND1   CE1    doub Y N 165 
HIS ND1   HD1    sing N N 166 
HIS CD2   NE2    sing Y N 167 
HIS CD2   HD2    sing N N 168 
HIS CE1   NE2    sing Y N 169 
HIS CE1   HE1    sing N N 170 
HIS NE2   HE2    sing N N 171 
HIS OXT   HXT    sing N N 172 
HOH O     H1     sing N N 173 
HOH O     H2     sing N N 174 
ILE N     CA     sing N N 175 
ILE N     H      sing N N 176 
ILE N     H2     sing N N 177 
ILE CA    C      sing N N 178 
ILE CA    CB     sing N N 179 
ILE CA    HA     sing N N 180 
ILE C     O      doub N N 181 
ILE C     OXT    sing N N 182 
ILE CB    CG1    sing N N 183 
ILE CB    CG2    sing N N 184 
ILE CB    HB     sing N N 185 
ILE CG1   CD1    sing N N 186 
ILE CG1   HG12   sing N N 187 
ILE CG1   HG13   sing N N 188 
ILE CG2   HG21   sing N N 189 
ILE CG2   HG22   sing N N 190 
ILE CG2   HG23   sing N N 191 
ILE CD1   HD11   sing N N 192 
ILE CD1   HD12   sing N N 193 
ILE CD1   HD13   sing N N 194 
ILE OXT   HXT    sing N N 195 
LEU N     CA     sing N N 196 
LEU N     H      sing N N 197 
LEU N     H2     sing N N 198 
LEU CA    C      sing N N 199 
LEU CA    CB     sing N N 200 
LEU CA    HA     sing N N 201 
LEU C     O      doub N N 202 
LEU C     OXT    sing N N 203 
LEU CB    CG     sing N N 204 
LEU CB    HB2    sing N N 205 
LEU CB    HB3    sing N N 206 
LEU CG    CD1    sing N N 207 
LEU CG    CD2    sing N N 208 
LEU CG    HG     sing N N 209 
LEU CD1   HD11   sing N N 210 
LEU CD1   HD12   sing N N 211 
LEU CD1   HD13   sing N N 212 
LEU CD2   HD21   sing N N 213 
LEU CD2   HD22   sing N N 214 
LEU CD2   HD23   sing N N 215 
LEU OXT   HXT    sing N N 216 
LYS N     CA     sing N N 217 
LYS N     H      sing N N 218 
LYS N     H2     sing N N 219 
LYS CA    C      sing N N 220 
LYS CA    CB     sing N N 221 
LYS CA    HA     sing N N 222 
LYS C     O      doub N N 223 
LYS C     OXT    sing N N 224 
LYS CB    CG     sing N N 225 
LYS CB    HB2    sing N N 226 
LYS CB    HB3    sing N N 227 
LYS CG    CD     sing N N 228 
LYS CG    HG2    sing N N 229 
LYS CG    HG3    sing N N 230 
LYS CD    CE     sing N N 231 
LYS CD    HD2    sing N N 232 
LYS CD    HD3    sing N N 233 
LYS CE    NZ     sing N N 234 
LYS CE    HE2    sing N N 235 
LYS CE    HE3    sing N N 236 
LYS NZ    HZ1    sing N N 237 
LYS NZ    HZ2    sing N N 238 
LYS NZ    HZ3    sing N N 239 
LYS OXT   HXT    sing N N 240 
MSE N     CA     sing N N 241 
MSE N     H      sing N N 242 
MSE N     H2     sing N N 243 
MSE CA    C      sing N N 244 
MSE CA    CB     sing N N 245 
MSE CA    HA     sing N N 246 
MSE C     O      doub N N 247 
MSE C     OXT    sing N N 248 
MSE OXT   HXT    sing N N 249 
MSE CB    CG     sing N N 250 
MSE CB    HB2    sing N N 251 
MSE CB    HB3    sing N N 252 
MSE CG    SE     sing N N 253 
MSE CG    HG2    sing N N 254 
MSE CG    HG3    sing N N 255 
MSE SE    CE     sing N N 256 
MSE CE    HE1    sing N N 257 
MSE CE    HE2    sing N N 258 
MSE CE    HE3    sing N N 259 
PHE N     CA     sing N N 260 
PHE N     H      sing N N 261 
PHE N     H2     sing N N 262 
PHE CA    C      sing N N 263 
PHE CA    CB     sing N N 264 
PHE CA    HA     sing N N 265 
PHE C     O      doub N N 266 
PHE C     OXT    sing N N 267 
PHE CB    CG     sing N N 268 
PHE CB    HB2    sing N N 269 
PHE CB    HB3    sing N N 270 
PHE CG    CD1    doub Y N 271 
PHE CG    CD2    sing Y N 272 
PHE CD1   CE1    sing Y N 273 
PHE CD1   HD1    sing N N 274 
PHE CD2   CE2    doub Y N 275 
PHE CD2   HD2    sing N N 276 
PHE CE1   CZ     doub Y N 277 
PHE CE1   HE1    sing N N 278 
PHE CE2   CZ     sing Y N 279 
PHE CE2   HE2    sing N N 280 
PHE CZ    HZ     sing N N 281 
PHE OXT   HXT    sing N N 282 
PRO N     CA     sing N N 283 
PRO N     CD     sing N N 284 
PRO N     H      sing N N 285 
PRO CA    C      sing N N 286 
PRO CA    CB     sing N N 287 
PRO CA    HA     sing N N 288 
PRO C     O      doub N N 289 
PRO C     OXT    sing N N 290 
PRO CB    CG     sing N N 291 
PRO CB    HB2    sing N N 292 
PRO CB    HB3    sing N N 293 
PRO CG    CD     sing N N 294 
PRO CG    HG2    sing N N 295 
PRO CG    HG3    sing N N 296 
PRO CD    HD2    sing N N 297 
PRO CD    HD3    sing N N 298 
PRO OXT   HXT    sing N N 299 
SER N     CA     sing N N 300 
SER N     H      sing N N 301 
SER N     H2     sing N N 302 
SER CA    C      sing N N 303 
SER CA    CB     sing N N 304 
SER CA    HA     sing N N 305 
SER C     O      doub N N 306 
SER C     OXT    sing N N 307 
SER CB    OG     sing N N 308 
SER CB    HB2    sing N N 309 
SER CB    HB3    sing N N 310 
SER OG    HG     sing N N 311 
SER OXT   HXT    sing N N 312 
THR N     CA     sing N N 313 
THR N     H      sing N N 314 
THR N     H2     sing N N 315 
THR CA    C      sing N N 316 
THR CA    CB     sing N N 317 
THR CA    HA     sing N N 318 
THR C     O      doub N N 319 
THR C     OXT    sing N N 320 
THR CB    OG1    sing N N 321 
THR CB    CG2    sing N N 322 
THR CB    HB     sing N N 323 
THR OG1   HG1    sing N N 324 
THR CG2   HG21   sing N N 325 
THR CG2   HG22   sing N N 326 
THR CG2   HG23   sing N N 327 
THR OXT   HXT    sing N N 328 
TRP N     CA     sing N N 329 
TRP N     H      sing N N 330 
TRP N     H2     sing N N 331 
TRP CA    C      sing N N 332 
TRP CA    CB     sing N N 333 
TRP CA    HA     sing N N 334 
TRP C     O      doub N N 335 
TRP C     OXT    sing N N 336 
TRP CB    CG     sing N N 337 
TRP CB    HB2    sing N N 338 
TRP CB    HB3    sing N N 339 
TRP CG    CD1    doub Y N 340 
TRP CG    CD2    sing Y N 341 
TRP CD1   NE1    sing Y N 342 
TRP CD1   HD1    sing N N 343 
TRP CD2   CE2    doub Y N 344 
TRP CD2   CE3    sing Y N 345 
TRP NE1   CE2    sing Y N 346 
TRP NE1   HE1    sing N N 347 
TRP CE2   CZ2    sing Y N 348 
TRP CE3   CZ3    doub Y N 349 
TRP CE3   HE3    sing N N 350 
TRP CZ2   CH2    doub Y N 351 
TRP CZ2   HZ2    sing N N 352 
TRP CZ3   CH2    sing Y N 353 
TRP CZ3   HZ3    sing N N 354 
TRP CH2   HH2    sing N N 355 
TRP OXT   HXT    sing N N 356 
TYR N     CA     sing N N 357 
TYR N     H      sing N N 358 
TYR N     H2     sing N N 359 
TYR CA    C      sing N N 360 
TYR CA    CB     sing N N 361 
TYR CA    HA     sing N N 362 
TYR C     O      doub N N 363 
TYR C     OXT    sing N N 364 
TYR CB    CG     sing N N 365 
TYR CB    HB2    sing N N 366 
TYR CB    HB3    sing N N 367 
TYR CG    CD1    doub Y N 368 
TYR CG    CD2    sing Y N 369 
TYR CD1   CE1    sing Y N 370 
TYR CD1   HD1    sing N N 371 
TYR CD2   CE2    doub Y N 372 
TYR CD2   HD2    sing N N 373 
TYR CE1   CZ     doub Y N 374 
TYR CE1   HE1    sing N N 375 
TYR CE2   CZ     sing Y N 376 
TYR CE2   HE2    sing N N 377 
TYR CZ    OH     sing N N 378 
TYR OH    HH     sing N N 379 
TYR OXT   HXT    sing N N 380 
VAL N     CA     sing N N 381 
VAL N     H      sing N N 382 
VAL N     H2     sing N N 383 
VAL CA    C      sing N N 384 
VAL CA    CB     sing N N 385 
VAL CA    HA     sing N N 386 
VAL C     O      doub N N 387 
VAL C     OXT    sing N N 388 
VAL CB    CG1    sing N N 389 
VAL CB    CG2    sing N N 390 
VAL CB    HB     sing N N 391 
VAL CG1   HG11   sing N N 392 
VAL CG1   HG12   sing N N 393 
VAL CG1   HG13   sing N N 394 
VAL CG2   HG21   sing N N 395 
VAL CG2   HG22   sing N N 396 
VAL CG2   HG23   sing N N 397 
VAL OXT   HXT    sing N N 398 
# 
_atom_sites.entry_id                    3W8N 
_atom_sites.fract_transf_matrix[1][1]   -0.02003123 
_atom_sites.fract_transf_matrix[1][2]   -0.01220887 
_atom_sites.fract_transf_matrix[1][3]   0.00048556 
_atom_sites.fract_transf_matrix[2][1]   -0.02027215 
_atom_sites.fract_transf_matrix[2][2]   0.01049758 
_atom_sites.fract_transf_matrix[2][3]   -0.00542219 
_atom_sites.fract_transf_matrix[3][1]   0.00130703 
_atom_sites.fract_transf_matrix[3][2]   -0.00253391 
_atom_sites.fract_transf_matrix[3][3]   -0.00979237 
_atom_sites.fract_transf_vector[1]      0.919546 
_atom_sites.fract_transf_vector[2]      0.791080 
_atom_sites.fract_transf_vector[3]      0.310994 
# 
loop_
_atom_type.symbol 
C  
N  
O  
P  
SE 
# 
loop_
_atom_site.group_PDB 
_atom_site.id 
_atom_site.type_symbol 
_atom_site.label_atom_id 
_atom_site.label_alt_id 
_atom_site.label_comp_id 
_atom_site.label_asym_id 
_atom_site.label_entity_id 
_atom_site.label_seq_id 
_atom_site.pdbx_PDB_ins_code 
_atom_site.Cartn_x 
_atom_site.Cartn_y 
_atom_site.Cartn_z 
_atom_site.occupancy 
_atom_site.B_iso_or_equiv 
_atom_site.pdbx_formal_charge 
_atom_site.auth_seq_id 
_atom_site.auth_comp_id 
_atom_site.auth_asym_id 
_atom_site.auth_atom_id 
_atom_site.pdbx_PDB_model_num 
ATOM   1    N  N     . GLY A 1 3   ? 16.937  -7.257  -4.731  1.00 46.25 ? 3   GLY A N     1 
ATOM   2    C  CA    . GLY A 1 3   ? 15.688  -7.309  -5.547  1.00 43.67 ? 3   GLY A CA    1 
ATOM   3    C  C     . GLY A 1 3   ? 14.443  -6.837  -4.807  1.00 40.86 ? 3   GLY A C     1 
ATOM   4    O  O     . GLY A 1 3   ? 14.486  -6.498  -3.625  1.00 39.33 ? 3   GLY A O     1 
ATOM   5    N  N     . ILE A 1 4   ? 13.325  -6.817  -5.516  1.00 36.90 ? 4   ILE A N     1 
ATOM   6    C  CA    . ILE A 1 4   ? 12.057  -6.382  -4.948  1.00 35.51 ? 4   ILE A CA    1 
ATOM   7    C  C     . ILE A 1 4   ? 11.122  -7.575  -4.789  1.00 34.16 ? 4   ILE A C     1 
ATOM   8    O  O     . ILE A 1 4   ? 11.032  -8.439  -5.673  1.00 34.43 ? 4   ILE A O     1 
ATOM   9    C  CB    . ILE A 1 4   ? 11.351  -5.353  -5.879  1.00 36.48 ? 4   ILE A CB    1 
ATOM   10   C  CG1   . ILE A 1 4   ? 12.197  -4.093  -6.044  1.00 40.13 ? 4   ILE A CG1   1 
ATOM   11   C  CG2   . ILE A 1 4   ? 9.994   -4.978  -5.336  1.00 34.22 ? 4   ILE A CG2   1 
ATOM   12   C  CD1   . ILE A 1 4   ? 11.680  -3.164  -7.140  1.00 36.04 ? 4   ILE A CD1   1 
ATOM   13   N  N     . VAL A 1 5   ? 10.446  -7.620  -3.647  1.00 31.73 ? 5   VAL A N     1 
ATOM   14   C  CA    . VAL A 1 5   ? 9.463   -8.658  -3.350  1.00 27.41 ? 5   VAL A CA    1 
ATOM   15   C  C     . VAL A 1 5   ? 8.119   -7.954  -3.304  1.00 26.27 ? 5   VAL A C     1 
ATOM   16   O  O     . VAL A 1 5   ? 7.960   -6.950  -2.589  1.00 27.32 ? 5   VAL A O     1 
ATOM   17   C  CB    . VAL A 1 5   ? 9.679   -9.303  -1.938  1.00 27.93 ? 5   VAL A CB    1 
ATOM   18   C  CG1   . VAL A 1 5   ? 8.543   -10.273 -1.612  1.00 24.67 ? 5   VAL A CG1   1 
ATOM   19   C  CG2   . VAL A 1 5   ? 11.035  -10.006 -1.859  1.00 30.76 ? 5   VAL A CG2   1 
ATOM   20   N  N     . THR A 1 6   ? 7.152   -8.448  -4.062  1.00 23.75 ? 6   THR A N     1 
ATOM   21   C  CA    . THR A 1 6   ? 5.830   -7.852  -4.008  1.00 24.96 ? 6   THR A CA    1 
ATOM   22   C  C     . THR A 1 6   ? 4.807   -8.858  -3.508  1.00 28.00 ? 6   THR A C     1 
ATOM   23   O  O     . THR A 1 6   ? 4.875   -10.057 -3.809  1.00 26.93 ? 6   THR A O     1 
ATOM   24   C  CB    . THR A 1 6   ? 5.359   -7.286  -5.364  1.00 23.27 ? 6   THR A CB    1 
ATOM   25   O  OG1   . THR A 1 6   ? 5.306   -8.346  -6.326  1.00 28.75 ? 6   THR A OG1   1 
ATOM   26   C  CG2   . THR A 1 6   ? 6.281   -6.178  -5.838  1.00 22.97 ? 6   THR A CG2   1 
ATOM   27   N  N     . ILE A 1 7   ? 3.859   -8.343  -2.739  1.00 28.14 ? 7   ILE A N     1 
ATOM   28   C  CA    . ILE A 1 7   ? 2.778   -9.136  -2.166  1.00 26.25 ? 7   ILE A CA    1 
ATOM   29   C  C     . ILE A 1 7   ? 1.477   -8.450  -2.579  1.00 26.10 ? 7   ILE A C     1 
ATOM   30   O  O     . ILE A 1 7   ? 1.238   -7.313  -2.201  1.00 26.45 ? 7   ILE A O     1 
ATOM   31   C  CB    . ILE A 1 7   ? 2.845   -9.133  -0.620  1.00 25.29 ? 7   ILE A CB    1 
ATOM   32   C  CG1   . ILE A 1 7   ? 4.245   -9.527  -0.136  1.00 26.79 ? 7   ILE A CG1   1 
ATOM   33   C  CG2   . ILE A 1 7   ? 1.766   -10.055 -0.042  1.00 26.45 ? 7   ILE A CG2   1 
ATOM   34   C  CD1   . ILE A 1 7   ? 4.597   -10.952 -0.365  1.00 31.77 ? 7   ILE A CD1   1 
ATOM   35   N  N     . ASP A 1 8   ? 0.682   -9.131  -3.396  1.00 22.49 ? 8   ASP A N     1 
ATOM   36   C  CA    . ASP A 1 8   ? -0.594  -8.634  -3.873  1.00 24.98 ? 8   ASP A CA    1 
ATOM   37   C  C     . ASP A 1 8   ? -1.751  -9.578  -3.497  1.00 27.30 ? 8   ASP A C     1 
ATOM   38   O  O     . ASP A 1 8   ? -1.531  -10.725 -3.090  1.00 23.51 ? 8   ASP A O     1 
ATOM   39   C  CB    . ASP A 1 8   ? -0.519  -8.403  -5.383  1.00 23.64 ? 8   ASP A CB    1 
ATOM   40   C  CG    . ASP A 1 8   ? 0.383   -7.225  -5.733  1.00 29.80 ? 8   ASP A CG    1 
ATOM   41   O  OD1   . ASP A 1 8   ? -0.131  -6.113  -5.876  1.00 30.55 ? 8   ASP A OD1   1 
ATOM   42   O  OD2   . ASP A 1 8   ? 1.618   -7.380  -5.796  1.00 32.64 ? 8   ASP A OD2   1 
ATOM   43   N  N     . GLY A 1 9   ? -2.974  -9.077  -3.622  1.00 24.44 ? 9   GLY A N     1 
ATOM   44   C  CA    . GLY A 1 9   ? -4.151  -9.858  -3.296  1.00 27.22 ? 9   GLY A CA    1 
ATOM   45   C  C     . GLY A 1 9   ? -5.375  -8.960  -3.230  1.00 30.96 ? 9   GLY A C     1 
ATOM   46   O  O     . GLY A 1 9   ? -5.239  -7.748  -3.356  1.00 30.16 ? 9   GLY A O     1 
ATOM   47   N  N     . PRO A 1 10  ? -6.587  -9.522  -3.075  1.00 28.62 ? 10  PRO A N     1 
ATOM   48   C  CA    . PRO A 1 10  ? -7.830  -8.753  -2.996  1.00 26.92 ? 10  PRO A CA    1 
ATOM   49   C  C     . PRO A 1 10  ? -8.012  -8.068  -1.646  1.00 28.35 ? 10  PRO A C     1 
ATOM   50   O  O     . PRO A 1 10  ? -7.185  -8.196  -0.747  1.00 26.75 ? 10  PRO A O     1 
ATOM   51   C  CB    . PRO A 1 10  ? -8.896  -9.821  -3.232  1.00 29.22 ? 10  PRO A CB    1 
ATOM   52   C  CG    . PRO A 1 10  ? -8.291  -11.009 -2.582  1.00 27.30 ? 10  PRO A CG    1 
ATOM   53   C  CD    . PRO A 1 10  ? -6.878  -10.964 -3.111  1.00 27.34 ? 10  PRO A CD    1 
ATOM   54   N  N     . SER A 1 11  ? -9.089  -7.321  -1.493  1.00 29.03 ? 11  SER A N     1 
ATOM   55   C  CA    . SER A 1 11  ? -9.290  -6.658  -0.214  1.00 32.29 ? 11  SER A CA    1 
ATOM   56   C  C     . SER A 1 11  ? -9.425  -7.684  0.925   1.00 29.26 ? 11  SER A C     1 
ATOM   57   O  O     . SER A 1 11  ? -9.907  -8.806  0.719   1.00 31.29 ? 11  SER A O     1 
ATOM   58   C  CB    . SER A 1 11  ? -10.504 -5.722  -0.283  1.00 33.44 ? 11  SER A CB    1 
ATOM   59   O  OG    . SER A 1 11  ? -11.644 -6.424  -0.723  1.00 45.10 ? 11  SER A OG    1 
ATOM   60   N  N     . ALA A 1 12  ? -8.910  -7.317  2.095   1.00 29.85 ? 12  ALA A N     1 
ATOM   61   C  CA    . ALA A 1 12  ? -8.954  -8.165  3.284   1.00 29.57 ? 12  ALA A CA    1 
ATOM   62   C  C     . ALA A 1 12  ? -8.248  -9.506  3.046   1.00 31.61 ? 12  ALA A C     1 
ATOM   63   O  O     . ALA A 1 12  ? -8.697  -10.553 3.501   1.00 32.02 ? 12  ALA A O     1 
ATOM   64   C  CB    . ALA A 1 12  ? -10.401 -8.385  3.711   1.00 27.25 ? 12  ALA A CB    1 
ATOM   65   N  N     . SER A 1 13  ? -7.150  -9.460  2.304   1.00 29.27 ? 13  SER A N     1 
ATOM   66   C  CA    . SER A 1 13  ? -6.382  -10.647 2.005   1.00 27.27 ? 13  SER A CA    1 
ATOM   67   C  C     . SER A 1 13  ? -5.209  -10.763 2.966   1.00 26.89 ? 13  SER A C     1 
ATOM   68   O  O     . SER A 1 13  ? -4.527  -11.783 2.996   1.00 26.44 ? 13  SER A O     1 
ATOM   69   C  CB    . SER A 1 13  ? -5.864  -10.585 0.574   1.00 26.33 ? 13  SER A CB    1 
ATOM   70   O  OG    . SER A 1 13  ? -5.021  -9.464  0.405   1.00 29.81 ? 13  SER A OG    1 
ATOM   71   N  N     . GLY A 1 14  ? -4.982  -9.715  3.750   1.00 23.95 ? 14  GLY A N     1 
ATOM   72   C  CA    . GLY A 1 14  ? -3.875  -9.715  4.692   1.00 24.54 ? 14  GLY A CA    1 
ATOM   73   C  C     . GLY A 1 14  ? -2.549  -9.381  4.006   1.00 26.86 ? 14  GLY A C     1 
ATOM   74   O  O     . GLY A 1 14  ? -1.487  -9.532  4.602   1.00 30.14 ? 14  GLY A O     1 
ATOM   75   N  N     . LYS A 1 15  ? -2.607  -8.879  2.775   1.00 27.80 ? 15  LYS A N     1 
ATOM   76   C  CA    . LYS A 1 15  ? -1.384  -8.554  2.030   1.00 31.89 ? 15  LYS A CA    1 
ATOM   77   C  C     . LYS A 1 15  ? -0.422  -7.569  2.692   1.00 31.07 ? 15  LYS A C     1 
ATOM   78   O  O     . LYS A 1 15  ? 0.807   -7.697  2.556   1.00 28.37 ? 15  LYS A O     1 
ATOM   79   C  CB    . LYS A 1 15  ? -1.715  -8.077  0.615   1.00 30.64 ? 15  LYS A CB    1 
ATOM   80   C  CG    . LYS A 1 15  ? -2.480  -6.781  0.537   1.00 28.70 ? 15  LYS A CG    1 
ATOM   81   C  CD    . LYS A 1 15  ? -2.700  -6.415  -0.908  1.00 31.58 ? 15  LYS A CD    1 
ATOM   82   C  CE    . LYS A 1 15  ? -4.151  -6.099  -1.193  1.00 38.80 ? 15  LYS A CE    1 
ATOM   83   N  NZ    . LYS A 1 15  ? -4.557  -4.847  -0.541  1.00 41.66 ? 15  LYS A NZ    1 
ATOM   84   N  N     . SER A 1 16  ? -0.970  -6.591  3.406   1.00 30.79 ? 16  SER A N     1 
ATOM   85   C  CA    . SER A 1 16  ? -0.132  -5.599  4.078   1.00 30.26 ? 16  SER A CA    1 
ATOM   86   C  C     . SER A 1 16  ? 0.515   -6.173  5.326   1.00 29.66 ? 16  SER A C     1 
ATOM   87   O  O     . SER A 1 16  ? 1.705   -5.968  5.562   1.00 31.94 ? 16  SER A O     1 
ATOM   88   C  CB    . SER A 1 16  ? -0.948  -4.361  4.423   1.00 33.63 ? 16  SER A CB    1 
ATOM   89   O  OG    . SER A 1 16  ? -1.409  -3.763  3.221   1.00 43.39 ? 16  SER A OG    1 
ATOM   90   N  N     . SER A 1 17  ? -0.269  -6.892  6.122   1.00 27.41 ? 17  SER A N     1 
ATOM   91   C  CA    . SER A 1 17  ? 0.245   -7.519  7.331   1.00 31.82 ? 17  SER A CA    1 
ATOM   92   C  C     . SER A 1 17  ? 1.351   -8.482  6.942   1.00 30.69 ? 17  SER A C     1 
ATOM   93   O  O     . SER A 1 17  ? 2.381   -8.524  7.590   1.00 30.64 ? 17  SER A O     1 
ATOM   94   C  CB    . SER A 1 17  ? -0.859  -8.297  8.056   1.00 33.93 ? 17  SER A CB    1 
ATOM   95   O  OG    . SER A 1 17  ? -1.858  -7.422  8.538   1.00 40.57 ? 17  SER A OG    1 
ATOM   96   N  N     . VAL A 1 18  ? 1.135   -9.242  5.865   1.00 30.26 ? 18  VAL A N     1 
ATOM   97   C  CA    . VAL A 1 18  ? 2.141   -10.190 5.419   1.00 29.61 ? 18  VAL A CA    1 
ATOM   98   C  C     . VAL A 1 18  ? 3.400   -9.482  4.946   1.00 33.26 ? 18  VAL A C     1 
ATOM   99   O  O     . VAL A 1 18  ? 4.510   -9.861  5.326   1.00 33.66 ? 18  VAL A O     1 
ATOM   100  C  CB    . VAL A 1 18  ? 1.628   -11.084 4.276   1.00 30.70 ? 18  VAL A CB    1 
ATOM   101  C  CG1   . VAL A 1 18  ? 2.773   -11.933 3.718   1.00 31.44 ? 18  VAL A CG1   1 
ATOM   102  C  CG2   . VAL A 1 18  ? 0.494   -11.976 4.766   1.00 27.30 ? 18  VAL A CG2   1 
ATOM   103  N  N     . ALA A 1 19  ? 3.225   -8.451  4.118   1.00 29.57 ? 19  ALA A N     1 
ATOM   104  C  CA    . ALA A 1 19  ? 4.369   -7.721  3.582   1.00 28.21 ? 19  ALA A CA    1 
ATOM   105  C  C     . ALA A 1 19  ? 5.239   -7.148  4.706   1.00 27.58 ? 19  ALA A C     1 
ATOM   106  O  O     . ALA A 1 19  ? 6.469   -7.194  4.651   1.00 25.90 ? 19  ALA A O     1 
ATOM   107  C  CB    . ALA A 1 19  ? 3.885   -6.605  2.622   1.00 23.16 ? 19  ALA A CB    1 
ATOM   108  N  N     . ARG A 1 20  ? 4.581   -6.640  5.737   1.00 30.41 ? 20  ARG A N     1 
ATOM   109  C  CA    . ARG A 1 20  ? 5.271   -6.041  6.872   1.00 36.03 ? 20  ARG A CA    1 
ATOM   110  C  C     . ARG A 1 20  ? 6.112   -7.059  7.632   1.00 36.01 ? 20  ARG A C     1 
ATOM   111  O  O     . ARG A 1 20  ? 7.219   -6.750  8.047   1.00 34.88 ? 20  ARG A O     1 
ATOM   112  C  CB    . ARG A 1 20  ? 4.270   -5.350  7.803   1.00 36.63 ? 20  ARG A CB    1 
ATOM   113  C  CG    . ARG A 1 20  ? 4.903   -4.529  8.918   1.00 41.40 ? 20  ARG A CG    1 
ATOM   114  C  CD    . ARG A 1 20  ? 3.834   -3.957  9.834   1.00 47.88 ? 20  ARG A CD    1 
ATOM   115  N  NE    . ARG A 1 20  ? 2.819   -3.198  9.098   1.00 52.66 ? 20  ARG A NE    1 
ATOM   116  C  CZ    . ARG A 1 20  ? 2.940   -1.919  8.744   1.00 58.41 ? 20  ARG A CZ    1 
ATOM   117  N  NH1   . ARG A 1 20  ? 4.039   -1.235  9.054   1.00 56.10 ? 20  ARG A NH1   1 
ATOM   118  N  NH2   . ARG A 1 20  ? 1.957   -1.319  8.077   1.00 55.70 ? 20  ARG A NH2   1 
ATOM   119  N  N     . ARG A 1 21  ? 5.590   -8.272  7.797   1.00 37.45 ? 21  ARG A N     1 
ATOM   120  C  CA    . ARG A 1 21  ? 6.318   -9.341  8.490   1.00 36.79 ? 21  ARG A CA    1 
ATOM   121  C  C     . ARG A 1 21  ? 7.438   -9.874  7.598   1.00 36.95 ? 21  ARG A C     1 
ATOM   122  O  O     . ARG A 1 21  ? 8.545   -10.148 8.073   1.00 38.00 ? 21  ARG A O     1 
ATOM   123  C  CB    . ARG A 1 21  ? 5.378   -10.497 8.836   1.00 40.81 ? 21  ARG A CB    1 
ATOM   124  C  CG    . ARG A 1 21  ? 4.092   -10.095 9.540   1.00 44.72 ? 21  ARG A CG    1 
ATOM   125  C  CD    . ARG A 1 21  ? 4.162   -10.285 11.041  1.00 54.13 ? 21  ARG A CD    1 
ATOM   126  N  NE    . ARG A 1 21  ? 2.840   -10.148 11.664  1.00 61.61 ? 21  ARG A NE    1 
ATOM   127  C  CZ    . ARG A 1 21  ? 2.295   -8.993  12.045  1.00 64.88 ? 21  ARG A CZ    1 
ATOM   128  N  NH1   . ARG A 1 21  ? 2.954   -7.849  11.876  1.00 66.41 ? 21  ARG A NH1   1 
ATOM   129  N  NH2   . ARG A 1 21  ? 1.084   -8.978  12.590  1.00 61.61 ? 21  ARG A NH2   1 
ATOM   130  N  N     . VAL A 1 22  ? 7.149   -10.040 6.307   1.00 34.43 ? 22  VAL A N     1 
ATOM   131  C  CA    . VAL A 1 22  ? 8.158   -10.541 5.375   1.00 30.86 ? 22  VAL A CA    1 
ATOM   132  C  C     . VAL A 1 22  ? 9.357   -9.599  5.376   1.00 32.83 ? 22  VAL A C     1 
ATOM   133  O  O     . VAL A 1 22  ? 10.492  -10.025 5.595   1.00 32.71 ? 22  VAL A O     1 
ATOM   134  C  CB    . VAL A 1 22  ? 7.595   -10.690 3.953   1.00 30.71 ? 22  VAL A CB    1 
ATOM   135  C  CG1   . VAL A 1 22  ? 8.706   -11.043 2.970   1.00 26.58 ? 22  VAL A CG1   1 
ATOM   136  C  CG2   . VAL A 1 22  ? 6.512   -11.788 3.936   1.00 33.37 ? 22  VAL A CG2   1 
ATOM   137  N  N     . ALA A 1 23  ? 9.093   -8.308  5.200   1.00 30.65 ? 23  ALA A N     1 
ATOM   138  C  CA    . ALA A 1 23  ? 10.163  -7.323  5.199   1.00 33.20 ? 23  ALA A CA    1 
ATOM   139  C  C     . ALA A 1 23  ? 10.959  -7.392  6.499   1.00 35.33 ? 23  ALA A C     1 
ATOM   140  O  O     . ALA A 1 23  ? 12.189  -7.416  6.482   1.00 35.98 ? 23  ALA A O     1 
ATOM   141  C  CB    . ALA A 1 23  ? 9.597   -5.924  5.015   1.00 27.02 ? 23  ALA A CB    1 
ATOM   142  N  N     . ALA A 1 24  ? 10.244  -7.426  7.620   1.00 36.14 ? 24  ALA A N     1 
ATOM   143  C  CA    . ALA A 1 24  ? 10.882  -7.481  8.925   1.00 38.32 ? 24  ALA A CA    1 
ATOM   144  C  C     . ALA A 1 24  ? 11.831  -8.676  9.031   1.00 40.50 ? 24  ALA A C     1 
ATOM   145  O  O     . ALA A 1 24  ? 12.983  -8.520  9.447   1.00 42.65 ? 24  ALA A O     1 
ATOM   146  C  CB    . ALA A 1 24  ? 9.839   -7.521  10.009  1.00 36.00 ? 24  ALA A CB    1 
ATOM   147  N  N     . ALA A 1 25  ? 11.372  -9.844  8.580   1.00 40.25 ? 25  ALA A N     1 
ATOM   148  C  CA    . ALA A 1 25  ? 12.185  -11.051 8.617   1.00 38.97 ? 25  ALA A CA    1 
ATOM   149  C  C     . ALA A 1 25  ? 13.405  -10.949 7.705   1.00 39.19 ? 25  ALA A C     1 
ATOM   150  O  O     . ALA A 1 25  ? 14.489  -11.418 8.055   1.00 40.81 ? 25  ALA A O     1 
ATOM   151  C  CB    . ALA A 1 25  ? 11.349  -12.267 8.256   1.00 40.16 ? 25  ALA A CB    1 
ATOM   152  N  N     . LEU A 1 26  ? 13.245  -10.311 6.551   1.00 37.81 ? 26  LEU A N     1 
ATOM   153  C  CA    . LEU A 1 26  ? 14.351  -10.173 5.613   1.00 35.54 ? 26  LEU A CA    1 
ATOM   154  C  C     . LEU A 1 26  ? 15.298  -9.043  5.978   1.00 37.48 ? 26  LEU A C     1 
ATOM   155  O  O     . LEU A 1 26  ? 16.389  -8.933  5.416   1.00 40.14 ? 26  LEU A O     1 
ATOM   156  C  CB    . LEU A 1 26  ? 13.822  -9.956  4.197   1.00 38.32 ? 26  LEU A CB    1 
ATOM   157  C  CG    . LEU A 1 26  ? 13.084  -11.139 3.562   1.00 38.65 ? 26  LEU A CG    1 
ATOM   158  C  CD1   . LEU A 1 26  ? 12.325  -10.659 2.339   1.00 33.06 ? 26  LEU A CD1   1 
ATOM   159  C  CD2   . LEU A 1 26  ? 14.082  -12.253 3.203   1.00 34.97 ? 26  LEU A CD2   1 
ATOM   160  N  N     . GLY A 1 27  ? 14.899  -8.220  6.943   1.00 37.53 ? 27  GLY A N     1 
ATOM   161  C  CA    . GLY A 1 27  ? 15.733  -7.098  7.322   1.00 38.19 ? 27  GLY A CA    1 
ATOM   162  C  C     . GLY A 1 27  ? 15.685  -5.984  6.282   1.00 40.09 ? 27  GLY A C     1 
ATOM   163  O  O     . GLY A 1 27  ? 16.652  -5.243  6.129   1.00 39.91 ? 27  GLY A O     1 
ATOM   164  N  N     . VAL A 1 28  ? 14.592  -5.897  5.523   1.00 36.52 ? 28  VAL A N     1 
ATOM   165  C  CA    . VAL A 1 28  ? 14.458  -4.833  4.528   1.00 35.93 ? 28  VAL A CA    1 
ATOM   166  C  C     . VAL A 1 28  ? 13.232  -3.962  4.813   1.00 34.24 ? 28  VAL A C     1 
ATOM   167  O  O     . VAL A 1 28  ? 12.381  -4.304  5.625   1.00 33.54 ? 28  VAL A O     1 
ATOM   168  C  CB    . VAL A 1 28  ? 14.370  -5.372  3.069   1.00 37.68 ? 28  VAL A CB    1 
ATOM   169  C  CG1   . VAL A 1 28  ? 15.569  -6.251  2.743   1.00 35.75 ? 28  VAL A CG1   1 
ATOM   170  C  CG2   . VAL A 1 28  ? 13.034  -6.087  2.823   1.00 31.64 ? 28  VAL A CG2   1 
ATOM   171  N  N     . PRO A 1 29  ? 13.135  -2.813  4.139   1.00 33.28 ? 29  PRO A N     1 
ATOM   172  C  CA    . PRO A 1 29  ? 11.991  -1.931  4.356   1.00 31.04 ? 29  PRO A CA    1 
ATOM   173  C  C     . PRO A 1 29  ? 10.708  -2.471  3.718   1.00 29.87 ? 29  PRO A C     1 
ATOM   174  O  O     . PRO A 1 29  ? 10.746  -3.280  2.790   1.00 30.88 ? 29  PRO A O     1 
ATOM   175  C  CB    . PRO A 1 29  ? 12.421  -0.639  3.634   1.00 27.43 ? 29  PRO A CB    1 
ATOM   176  C  CG    . PRO A 1 29  ? 13.906  -0.733  3.564   1.00 29.94 ? 29  PRO A CG    1 
ATOM   177  C  CD    . PRO A 1 29  ? 14.129  -2.167  3.268   1.00 30.80 ? 29  PRO A CD    1 
ATOM   178  N  N     . TYR A 1 30  ? 9.579   -2.043  4.263   1.00 31.43 ? 30  TYR A N     1 
ATOM   179  C  CA    . TYR A 1 30  ? 8.269   -2.362  3.719   1.00 29.10 ? 30  TYR A CA    1 
ATOM   180  C  C     . TYR A 1 30  ? 7.762   -0.979  3.318   1.00 29.41 ? 30  TYR A C     1 
ATOM   181  O  O     . TYR A 1 30  ? 7.678   -0.076  4.162   1.00 28.00 ? 30  TYR A O     1 
ATOM   182  C  CB    . TYR A 1 30  ? 7.347   -2.980  4.769   1.00 26.68 ? 30  TYR A CB    1 
ATOM   183  C  CG    . TYR A 1 30  ? 5.863   -2.901  4.407   1.00 28.51 ? 30  TYR A CG    1 
ATOM   184  C  CD1   . TYR A 1 30  ? 5.401   -3.311  3.152   1.00 28.03 ? 30  TYR A CD1   1 
ATOM   185  C  CD2   . TYR A 1 30  ? 4.939   -2.362  5.305   1.00 30.53 ? 30  TYR A CD2   1 
ATOM   186  C  CE1   . TYR A 1 30  ? 4.061   -3.176  2.796   1.00 27.95 ? 30  TYR A CE1   1 
ATOM   187  C  CE2   . TYR A 1 30  ? 3.592   -2.232  4.963   1.00 33.96 ? 30  TYR A CE2   1 
ATOM   188  C  CZ    . TYR A 1 30  ? 3.164   -2.639  3.701   1.00 31.88 ? 30  TYR A CZ    1 
ATOM   189  O  OH    . TYR A 1 30  ? 1.844   -2.498  3.352   1.00 35.97 ? 30  TYR A OH    1 
ATOM   190  N  N     . LEU A 1 31  ? 7.479   -0.808  2.030   1.00 28.13 ? 31  LEU A N     1 
ATOM   191  C  CA    . LEU A 1 31  ? 6.990   0.468   1.488   1.00 30.27 ? 31  LEU A CA    1 
ATOM   192  C  C     . LEU A 1 31  ? 5.503   0.654   1.701   1.00 31.15 ? 31  LEU A C     1 
ATOM   193  O  O     . LEU A 1 31  ? 4.696   0.166   0.929   1.00 33.75 ? 31  LEU A O     1 
ATOM   194  C  CB    . LEU A 1 31  ? 7.300   0.571   -0.008  1.00 29.13 ? 31  LEU A CB    1 
ATOM   195  C  CG    . LEU A 1 31  ? 8.711   1.001   -0.406  1.00 36.51 ? 31  LEU A CG    1 
ATOM   196  C  CD1   . LEU A 1 31  ? 9.746   0.258   0.397   1.00 37.32 ? 31  LEU A CD1   1 
ATOM   197  C  CD2   . LEU A 1 31  ? 8.936   0.799   -1.900  1.00 31.25 ? 31  LEU A CD2   1 
ATOM   198  N  N     . SER A 1 32  ? 5.146   1.369   2.756   1.00 32.47 ? 32  SER A N     1 
ATOM   199  C  CA    . SER A 1 32  ? 3.749   1.616   3.079   1.00 31.65 ? 32  SER A CA    1 
ATOM   200  C  C     . SER A 1 32  ? 3.359   2.952   2.464   1.00 33.32 ? 32  SER A C     1 
ATOM   201  O  O     . SER A 1 32  ? 3.881   3.989   2.865   1.00 34.82 ? 32  SER A O     1 
ATOM   202  C  CB    . SER A 1 32  ? 3.583   1.668   4.602   1.00 30.09 ? 32  SER A CB    1 
ATOM   203  O  OG    . SER A 1 32  ? 2.218   1.736   4.956   1.00 37.82 ? 32  SER A OG    1 
ATOM   204  N  N     . SER A 1 33  ? 2.446   2.919   1.495   1.00 30.41 ? 33  SER A N     1 
ATOM   205  C  CA    . SER A 1 33  ? 1.974   4.119   0.788   1.00 29.19 ? 33  SER A CA    1 
ATOM   206  C  C     . SER A 1 33  ? 1.404   5.218   1.673   1.00 24.63 ? 33  SER A C     1 
ATOM   207  O  O     . SER A 1 33  ? 1.507   6.400   1.340   1.00 26.47 ? 33  SER A O     1 
ATOM   208  C  CB    . SER A 1 33  ? 0.920   3.735   -0.255  1.00 22.39 ? 33  SER A CB    1 
ATOM   209  O  OG    . SER A 1 33  ? 1.562   3.421   -1.459  1.00 43.04 ? 33  SER A OG    1 
ATOM   210  N  N     . GLY A 1 34  ? 0.779   4.818   2.775   1.00 20.84 ? 34  GLY A N     1 
ATOM   211  C  CA    . GLY A 1 34  ? 0.182   5.774   3.703   1.00 22.40 ? 34  GLY A CA    1 
ATOM   212  C  C     . GLY A 1 34  ? 1.010   6.990   4.090   1.00 23.98 ? 34  GLY A C     1 
ATOM   213  O  O     . GLY A 1 34  ? 0.479   8.105   4.131   1.00 24.61 ? 34  GLY A O     1 
ATOM   214  N  N     . LEU A 1 35  ? 2.309   6.792   4.329   1.00 23.09 ? 35  LEU A N     1 
ATOM   215  C  CA    . LEU A 1 35  ? 3.202   7.889   4.703   1.00 24.16 ? 35  LEU A CA    1 
ATOM   216  C  C     . LEU A 1 35  ? 3.276   8.977   3.636   1.00 22.26 ? 35  LEU A C     1 
ATOM   217  O  O     . LEU A 1 35  ? 3.344   10.163  3.967   1.00 22.79 ? 35  LEU A O     1 
ATOM   218  C  CB    . LEU A 1 35  ? 4.625   7.403   4.992   1.00 23.50 ? 35  LEU A CB    1 
ATOM   219  C  CG    . LEU A 1 35  ? 5.091   7.072   6.401   1.00 35.03 ? 35  LEU A CG    1 
ATOM   220  C  CD1   . LEU A 1 35  ? 6.611   7.166   6.402   1.00 30.27 ? 35  LEU A CD1   1 
ATOM   221  C  CD2   . LEU A 1 35  ? 4.501   8.024   7.437   1.00 30.92 ? 35  LEU A CD2   1 
ATOM   222  N  N     . LEU A 1 36  ? 3.288   8.575   2.368   1.00 23.51 ? 36  LEU A N     1 
ATOM   223  C  CA    . LEU A 1 36  ? 3.354   9.543   1.270   1.00 20.39 ? 36  LEU A CA    1 
ATOM   224  C  C     . LEU A 1 36  ? 2.039   10.317  1.124   1.00 24.34 ? 36  LEU A C     1 
ATOM   225  O  O     . LEU A 1 36  ? 2.049   11.533  0.923   1.00 25.92 ? 36  LEU A O     1 
ATOM   226  C  CB    . LEU A 1 36  ? 3.764   8.860   -0.038  1.00 22.94 ? 36  LEU A CB    1 
ATOM   227  C  CG    . LEU A 1 36  ? 5.246   8.489   -0.086  1.00 21.24 ? 36  LEU A CG    1 
ATOM   228  C  CD1   . LEU A 1 36  ? 5.533   7.533   -1.231  1.00 22.74 ? 36  LEU A CD1   1 
ATOM   229  C  CD2   . LEU A 1 36  ? 6.073   9.764   -0.220  1.00 22.01 ? 36  LEU A CD2   1 
ATOM   230  N  N     . TYR A 1 37  ? 0.908   9.625   1.253   1.00 23.52 ? 37  TYR A N     1 
ATOM   231  C  CA    . TYR A 1 37  ? -0.387  10.304  1.179   1.00 23.84 ? 37  TYR A CA    1 
ATOM   232  C  C     . TYR A 1 37  ? -0.504  11.304  2.334   1.00 24.87 ? 37  TYR A C     1 
ATOM   233  O  O     . TYR A 1 37  ? -0.957  12.434  2.132   1.00 24.18 ? 37  TYR A O     1 
ATOM   234  C  CB    . TYR A 1 37  ? -1.544  9.299   1.194   1.00 23.37 ? 37  TYR A CB    1 
ATOM   235  C  CG    . TYR A 1 37  ? -1.696  8.555   -0.125  1.00 23.29 ? 37  TYR A CG    1 
ATOM   236  C  CD1   . TYR A 1 37  ? -2.153  9.210   -1.280  1.00 19.55 ? 37  TYR A CD1   1 
ATOM   237  C  CD2   . TYR A 1 37  ? -1.365  7.207   -0.224  1.00 22.42 ? 37  TYR A CD2   1 
ATOM   238  C  CE1   . TYR A 1 37  ? -2.272  8.537   -2.488  1.00 21.56 ? 37  TYR A CE1   1 
ATOM   239  C  CE2   . TYR A 1 37  ? -1.475  6.528   -1.430  1.00 26.52 ? 37  TYR A CE2   1 
ATOM   240  C  CZ    . TYR A 1 37  ? -1.926  7.198   -2.553  1.00 24.49 ? 37  TYR A CZ    1 
ATOM   241  O  OH    . TYR A 1 37  ? -2.008  6.514   -3.735  1.00 30.13 ? 37  TYR A OH    1 
ATOM   242  N  N     . ARG A 1 38  ? -0.025  10.905  3.517   1.00 19.55 ? 38  ARG A N     1 
ATOM   243  C  CA    . ARG A 1 38  ? -0.022  11.779  4.682   1.00 19.91 ? 38  ARG A CA    1 
ATOM   244  C  C     . ARG A 1 38  ? 0.885   12.986  4.400   1.00 18.16 ? 38  ARG A C     1 
ATOM   245  O  O     . ARG A 1 38  ? 0.533   14.127  4.676   1.00 19.63 ? 38  ARG A O     1 
ATOM   246  C  CB    . ARG A 1 38  ? 0.470   11.030  5.932   1.00 20.70 ? 38  ARG A CB    1 
ATOM   247  C  CG    . ARG A 1 38  ? -0.533  10.011  6.462   1.00 26.01 ? 38  ARG A CG    1 
ATOM   248  C  CD    . ARG A 1 38  ? 0.039   9.145   7.562   1.00 27.37 ? 38  ARG A CD    1 
ATOM   249  N  NE    . ARG A 1 38  ? -0.949  8.167   8.017   1.00 30.65 ? 38  ARG A NE    1 
ATOM   250  C  CZ    . ARG A 1 38  ? -2.002  8.470   8.767   1.00 33.76 ? 38  ARG A CZ    1 
ATOM   251  N  NH1   . ARG A 1 38  ? -2.197  9.722   9.161   1.00 28.87 ? 38  ARG A NH1   1 
ATOM   252  N  NH2   . ARG A 1 38  ? -2.898  7.543   9.058   1.00 33.47 ? 38  ARG A NH2   1 
ATOM   253  N  N     . ALA A 1 39  ? 2.045   12.722  3.824   1.00 19.97 ? 39  ALA A N     1 
ATOM   254  C  CA    . ALA A 1 39  ? 2.984   13.789  3.499   1.00 22.74 ? 39  ALA A CA    1 
ATOM   255  C  C     . ALA A 1 39  ? 2.284   14.801  2.597   1.00 27.01 ? 39  ALA A C     1 
ATOM   256  O  O     . ALA A 1 39  ? 2.367   16.013  2.832   1.00 28.87 ? 39  ALA A O     1 
ATOM   257  C  CB    . ALA A 1 39  ? 4.222   13.210  2.808   1.00 20.41 ? 39  ALA A CB    1 
ATOM   258  N  N     . ALA A 1 40  ? 1.537   14.289  1.611   1.00 25.42 ? 40  ALA A N     1 
ATOM   259  C  CA    . ALA A 1 40  ? 0.822   15.150  0.677   1.00 26.37 ? 40  ALA A CA    1 
ATOM   260  C  C     . ALA A 1 40  ? -0.201  16.015  1.401   1.00 26.25 ? 40  ALA A C     1 
ATOM   261  O  O     . ALA A 1 40  ? -0.338  17.201  1.108   1.00 24.69 ? 40  ALA A O     1 
ATOM   262  C  CB    . ALA A 1 40  ? 0.141   14.320  -0.430  1.00 22.82 ? 40  ALA A CB    1 
ATOM   263  N  N     . ALA A 1 41  ? -0.903  15.419  2.357   1.00 24.79 ? 41  ALA A N     1 
ATOM   264  C  CA    . ALA A 1 41  ? -1.914  16.145  3.112   1.00 24.57 ? 41  ALA A CA    1 
ATOM   265  C  C     . ALA A 1 41  ? -1.247  17.217  3.967   1.00 25.64 ? 41  ALA A C     1 
ATOM   266  O  O     . ALA A 1 41  ? -1.690  18.363  4.007   1.00 28.14 ? 41  ALA A O     1 
ATOM   267  C  CB    . ALA A 1 41  ? -2.704  15.179  3.994   1.00 20.18 ? 41  ALA A CB    1 
ATOM   268  N  N     . PHE A 1 42  ? -0.175  16.827  4.644   1.00 25.29 ? 42  PHE A N     1 
ATOM   269  C  CA    . PHE A 1 42  ? 0.568   17.727  5.501   1.00 26.92 ? 42  PHE A CA    1 
ATOM   270  C  C     . PHE A 1 42  ? 1.044   18.958  4.727   1.00 26.90 ? 42  PHE A C     1 
ATOM   271  O  O     . PHE A 1 42  ? 0.836   20.091  5.165   1.00 27.44 ? 42  PHE A O     1 
ATOM   272  C  CB    . PHE A 1 42  ? 1.778   17.004  6.116   1.00 25.49 ? 42  PHE A CB    1 
ATOM   273  C  CG    . PHE A 1 42  ? 2.705   17.923  6.888   1.00 28.57 ? 42  PHE A CG    1 
ATOM   274  C  CD1   . PHE A 1 42  ? 2.480   18.192  8.229   1.00 26.68 ? 42  PHE A CD1   1 
ATOM   275  C  CD2   . PHE A 1 42  ? 3.789   18.529  6.264   1.00 30.59 ? 42  PHE A CD2   1 
ATOM   276  C  CE1   . PHE A 1 42  ? 3.318   19.054  8.937   1.00 29.51 ? 42  PHE A CE1   1 
ATOM   277  C  CE2   . PHE A 1 42  ? 4.633   19.391  6.964   1.00 27.76 ? 42  PHE A CE2   1 
ATOM   278  C  CZ    . PHE A 1 42  ? 4.396   19.652  8.299   1.00 25.91 ? 42  PHE A CZ    1 
ATOM   279  N  N     . LEU A 1 43  ? 1.708   18.720  3.601   1.00 23.58 ? 43  LEU A N     1 
ATOM   280  C  CA    . LEU A 1 43  ? 2.246   19.801  2.773   1.00 25.70 ? 43  LEU A CA    1 
ATOM   281  C  C     . LEU A 1 43  ? 1.152   20.725  2.280   1.00 25.39 ? 43  LEU A C     1 
ATOM   282  O  O     . LEU A 1 43  ? 1.322   21.949  2.263   1.00 29.30 ? 43  LEU A O     1 
ATOM   283  C  CB    . LEU A 1 43  ? 3.071   19.229  1.611   1.00 23.24 ? 43  LEU A CB    1 
ATOM   284  C  CG    . LEU A 1 43  ? 4.344   18.529  2.109   1.00 26.87 ? 43  LEU A CG    1 
ATOM   285  C  CD1   . LEU A 1 43  ? 5.032   17.755  0.995   1.00 26.20 ? 43  LEU A CD1   1 
ATOM   286  C  CD2   . LEU A 1 43  ? 5.293   19.538  2.717   1.00 20.97 ? 43  LEU A CD2   1 
ATOM   287  N  N     . ALA A 1 44  ? 0.000   20.147  1.966   1.00 27.01 ? 44  ALA A N     1 
ATOM   288  C  CA    . ALA A 1 44  ? -1.141  20.937  1.523   1.00 27.21 ? 44  ALA A CA    1 
ATOM   289  C  C     . ALA A 1 44  ? -1.602  21.891  2.625   1.00 28.88 ? 44  ALA A C     1 
ATOM   290  O  O     . ALA A 1 44  ? -1.779  23.093  2.396   1.00 32.07 ? 44  ALA A O     1 
ATOM   291  C  CB    . ALA A 1 44  ? -2.287  20.027  1.133   1.00 24.43 ? 44  ALA A CB    1 
ATOM   292  N  N     . LEU A 1 45  ? -1.802  21.353  3.821   1.00 26.28 ? 45  LEU A N     1 
ATOM   293  C  CA    . LEU A 1 45  ? -2.280  22.156  4.936   1.00 27.37 ? 45  LEU A CA    1 
ATOM   294  C  C     . LEU A 1 45  ? -1.258  23.202  5.365   1.00 29.73 ? 45  LEU A C     1 
ATOM   295  O  O     . LEU A 1 45  ? -1.618  24.302  5.741   1.00 29.09 ? 45  LEU A O     1 
ATOM   296  C  CB    . LEU A 1 45  ? -2.657  21.260  6.117   1.00 23.56 ? 45  LEU A CB    1 
ATOM   297  C  CG    . LEU A 1 45  ? -3.796  20.245  5.945   1.00 28.54 ? 45  LEU A CG    1 
ATOM   298  C  CD1   . LEU A 1 45  ? -3.865  19.328  7.168   1.00 26.22 ? 45  LEU A CD1   1 
ATOM   299  C  CD2   . LEU A 1 45  ? -5.134  20.959  5.737   1.00 25.50 ? 45  LEU A CD2   1 
ATOM   300  N  N     . ARG A 1 46  ? 0.021   22.861  5.294   1.00 31.82 ? 46  ARG A N     1 
ATOM   301  C  CA    . ARG A 1 46  ? 1.054   23.803  5.685   1.00 36.68 ? 46  ARG A CA    1 
ATOM   302  C  C     . ARG A 1 46  ? 1.221   24.962  4.701   1.00 36.71 ? 46  ARG A C     1 
ATOM   303  O  O     . ARG A 1 46  ? 1.483   26.090  5.102   1.00 39.60 ? 46  ARG A O     1 
ATOM   304  C  CB    . ARG A 1 46  ? 2.397   23.092  5.858   1.00 36.55 ? 46  ARG A CB    1 
ATOM   305  C  CG    . ARG A 1 46  ? 3.497   24.033  6.311   1.00 42.20 ? 46  ARG A CG    1 
ATOM   306  C  CD    . ARG A 1 46  ? 4.757   23.312  6.702   1.00 49.73 ? 46  ARG A CD    1 
ATOM   307  N  NE    . ARG A 1 46  ? 5.691   24.262  7.292   1.00 62.46 ? 46  ARG A NE    1 
ATOM   308  C  CZ    . ARG A 1 46  ? 5.634   24.686  8.553   1.00 67.84 ? 46  ARG A CZ    1 
ATOM   309  N  NH1   . ARG A 1 46  ? 4.692   24.230  9.371   1.00 70.02 ? 46  ARG A NH1   1 
ATOM   310  N  NH2   . ARG A 1 46  ? 6.483   25.615  8.981   1.00 65.65 ? 46  ARG A NH2   1 
ATOM   311  N  N     . ALA A 1 47  ? 1.073   24.669  3.415   1.00 36.87 ? 47  ALA A N     1 
ATOM   312  C  CA    . ALA A 1 47  ? 1.248   25.662  2.367   1.00 36.42 ? 47  ALA A CA    1 
ATOM   313  C  C     . ALA A 1 47  ? 0.001   26.481  2.099   1.00 36.71 ? 47  ALA A C     1 
ATOM   314  O  O     . ALA A 1 47  ? 0.039   27.431  1.321   1.00 35.88 ? 47  ALA A O     1 
ATOM   315  C  CB    . ALA A 1 47  ? 1.696   24.977  1.091   1.00 38.19 ? 47  ALA A CB    1 
ATOM   316  N  N     . GLY A 1 48  ? -1.097  26.120  2.753   1.00 35.41 ? 48  GLY A N     1 
ATOM   317  C  CA    . GLY A 1 48  ? -2.341  26.831  2.541   1.00 34.64 ? 48  GLY A CA    1 
ATOM   318  C  C     . GLY A 1 48  ? -3.023  26.401  1.253   1.00 35.97 ? 48  GLY A C     1 
ATOM   319  O  O     . GLY A 1 48  ? -3.921  27.084  0.774   1.00 37.28 ? 48  GLY A O     1 
ATOM   320  N  N     . VAL A 1 49  ? -2.593  25.273  0.691   1.00 34.29 ? 49  VAL A N     1 
ATOM   321  C  CA    . VAL A 1 49  ? -3.174  24.758  -0.545  1.00 35.10 ? 49  VAL A CA    1 
ATOM   322  C  C     . VAL A 1 49  ? -4.359  23.887  -0.206  1.00 36.70 ? 49  VAL A C     1 
ATOM   323  O  O     . VAL A 1 49  ? -4.248  22.984  0.612   1.00 39.91 ? 49  VAL A O     1 
ATOM   324  C  CB    . VAL A 1 49  ? -2.141  23.923  -1.369  1.00 34.55 ? 49  VAL A CB    1 
ATOM   325  C  CG1   . VAL A 1 49  ? -2.818  23.243  -2.557  1.00 32.99 ? 49  VAL A CG1   1 
ATOM   326  C  CG2   . VAL A 1 49  ? -1.023  24.816  -1.870  1.00 34.35 ? 49  VAL A CG2   1 
ATOM   327  N  N     . ASP A 1 50  ? -5.495  24.157  -0.838  1.00 37.86 ? 50  ASP A N     1 
ATOM   328  C  CA    . ASP A 1 50  ? -6.694  23.387  -0.584  1.00 39.97 ? 50  ASP A CA    1 
ATOM   329  C  C     . ASP A 1 50  ? -6.465  21.918  -0.923  1.00 41.86 ? 50  ASP A C     1 
ATOM   330  O  O     . ASP A 1 50  ? -6.151  21.578  -2.052  1.00 40.11 ? 50  ASP A O     1 
ATOM   331  C  CB    . ASP A 1 50  ? -7.855  23.942  -1.402  1.00 44.63 ? 50  ASP A CB    1 
ATOM   332  C  CG    . ASP A 1 50  ? -9.131  23.155  -1.198  1.00 51.57 ? 50  ASP A CG    1 
ATOM   333  O  OD1   . ASP A 1 50  ? -9.656  23.147  -0.069  1.00 53.75 ? 50  ASP A OD1   1 
ATOM   334  O  OD2   . ASP A 1 50  ? -9.602  22.532  -2.167  1.00 59.22 ? 50  ASP A OD2   1 
ATOM   335  N  N     . PRO A 1 51  ? -6.640  21.022  0.057   1.00 44.86 ? 51  PRO A N     1 
ATOM   336  C  CA    . PRO A 1 51  ? -6.436  19.590  -0.189  1.00 46.21 ? 51  PRO A CA    1 
ATOM   337  C  C     . PRO A 1 51  ? -7.363  18.997  -1.249  1.00 47.60 ? 51  PRO A C     1 
ATOM   338  O  O     . PRO A 1 51  ? -7.236  17.833  -1.621  1.00 48.58 ? 51  PRO A O     1 
ATOM   339  C  CB    . PRO A 1 51  ? -6.617  18.972  1.198   1.00 45.56 ? 51  PRO A CB    1 
ATOM   340  C  CG    . PRO A 1 51  ? -7.504  19.935  1.911   1.00 47.26 ? 51  PRO A CG    1 
ATOM   341  C  CD    . PRO A 1 51  ? -7.006  21.278  1.459   1.00 45.35 ? 51  PRO A CD    1 
ATOM   342  N  N     . GLY A 1 52  ? -8.271  19.827  -1.756  1.00 51.02 ? 52  GLY A N     1 
ATOM   343  C  CA    . GLY A 1 52  ? -9.190  19.411  -2.801  1.00 49.32 ? 52  GLY A CA    1 
ATOM   344  C  C     . GLY A 1 52  ? -8.710  19.932  -4.150  1.00 48.77 ? 52  GLY A C     1 
ATOM   345  O  O     . GLY A 1 52  ? -9.150  19.471  -5.198  1.00 51.46 ? 52  GLY A O     1 
ATOM   346  N  N     . ASP A 1 53  ? -7.787  20.887  -4.124  1.00 46.97 ? 53  ASP A N     1 
ATOM   347  C  CA    . ASP A 1 53  ? -7.231  21.479  -5.341  1.00 45.45 ? 53  ASP A CA    1 
ATOM   348  C  C     . ASP A 1 53  ? -6.076  20.620  -5.854  1.00 43.52 ? 53  ASP A C     1 
ATOM   349  O  O     . ASP A 1 53  ? -4.915  20.835  -5.491  1.00 41.54 ? 53  ASP A O     1 
ATOM   350  C  CB    . ASP A 1 53  ? -6.759  22.905  -5.027  1.00 45.20 ? 53  ASP A CB    1 
ATOM   351  C  CG    . ASP A 1 53  ? -5.993  23.550  -6.170  1.00 47.72 ? 53  ASP A CG    1 
ATOM   352  O  OD1   . ASP A 1 53  ? -6.167  23.133  -7.333  1.00 46.66 ? 53  ASP A OD1   1 
ATOM   353  O  OD2   . ASP A 1 53  ? -5.203  24.480  -5.892  1.00 50.53 ? 53  ASP A OD2   1 
ATOM   354  N  N     . GLU A 1 54  ? -6.388  19.700  -6.761  1.00 43.04 ? 54  GLU A N     1 
ATOM   355  C  CA    . GLU A 1 54  ? -5.388  18.788  -7.305  1.00 42.84 ? 54  GLU A CA    1 
ATOM   356  C  C     . GLU A 1 54  ? -4.224  19.400  -8.089  1.00 43.43 ? 54  GLU A C     1 
ATOM   357  O  O     . GLU A 1 54  ? -3.059  19.031  -7.876  1.00 42.44 ? 54  GLU A O     1 
ATOM   358  C  CB    . GLU A 1 54  ? -6.061  17.692  -8.141  1.00 48.76 ? 54  GLU A CB    1 
ATOM   359  C  CG    . GLU A 1 54  ? -5.075  16.662  -8.704  1.00 49.62 ? 54  GLU A CG    1 
ATOM   360  C  CD    . GLU A 1 54  ? -5.748  15.456  -9.309  1.00 52.40 ? 54  GLU A CD    1 
ATOM   361  O  OE1   . GLU A 1 54  ? -6.773  15.002  -8.765  1.00 61.03 ? 54  GLU A OE1   1 
ATOM   362  O  OE2   . GLU A 1 54  ? -5.245  14.944  -10.325 1.00 54.60 ? 54  GLU A OE2   1 
ATOM   363  N  N     . GLU A 1 55  ? -4.525  20.311  -9.005  1.00 41.02 ? 55  GLU A N     1 
ATOM   364  C  CA    . GLU A 1 55  ? -3.467  20.916  -9.802  1.00 40.16 ? 55  GLU A CA    1 
ATOM   365  C  C     . GLU A 1 55  ? -2.551  21.756  -8.927  1.00 36.48 ? 55  GLU A C     1 
ATOM   366  O  O     . GLU A 1 55  ? -1.342  21.808  -9.143  1.00 36.93 ? 55  GLU A O     1 
ATOM   367  C  CB    . GLU A 1 55  ? -4.056  21.753  -10.943 1.00 46.40 ? 55  GLU A CB    1 
ATOM   368  C  CG    . GLU A 1 55  ? -3.010  22.364  -11.883 1.00 51.28 ? 55  GLU A CG    1 
ATOM   369  C  CD    . GLU A 1 55  ? -3.576  23.457  -12.793 1.00 57.48 ? 55  GLU A CD    1 
ATOM   370  O  OE1   . GLU A 1 55  ? -4.807  23.489  -13.034 1.00 58.00 ? 55  GLU A OE1   1 
ATOM   371  O  OE2   . GLU A 1 55  ? -2.777  24.291  -13.269 1.00 56.94 ? 55  GLU A OE2   1 
ATOM   372  N  N     . GLY A 1 56  ? -3.126  22.403  -7.924  1.00 37.32 ? 56  GLY A N     1 
ATOM   373  C  CA    . GLY A 1 56  ? -2.313  23.204  -7.026  1.00 36.41 ? 56  GLY A CA    1 
ATOM   374  C  C     . GLY A 1 56  ? -1.449  22.317  -6.140  1.00 33.85 ? 56  GLY A C     1 
ATOM   375  O  O     . GLY A 1 56  ? -0.258  22.573  -5.945  1.00 34.57 ? 56  GLY A O     1 
ATOM   376  N  N     . LEU A 1 57  ? -2.044  21.241  -5.640  1.00 34.28 ? 57  LEU A N     1 
ATOM   377  C  CA    . LEU A 1 57  ? -1.320  20.322  -4.773  1.00 33.96 ? 57  LEU A CA    1 
ATOM   378  C  C     . LEU A 1 57  ? -0.167  19.629  -5.501  1.00 33.35 ? 57  LEU A C     1 
ATOM   379  O  O     . LEU A 1 57  ? 0.964   19.581  -4.992  1.00 32.64 ? 57  LEU A O     1 
ATOM   380  C  CB    . LEU A 1 57  ? -2.287  19.304  -4.176  1.00 31.82 ? 57  LEU A CB    1 
ATOM   381  C  CG    . LEU A 1 57  ? -1.686  18.298  -3.198  1.00 30.34 ? 57  LEU A CG    1 
ATOM   382  C  CD1   . LEU A 1 57  ? -0.817  18.996  -2.167  1.00 28.07 ? 57  LEU A CD1   1 
ATOM   383  C  CD2   . LEU A 1 57  ? -2.823  17.551  -2.541  1.00 25.01 ? 57  LEU A CD2   1 
ATOM   384  N  N     . LEU A 1 58  ? -0.442  19.168  -6.720  1.00 34.02 ? 58  LEU A N     1 
ATOM   385  C  CA    . LEU A 1 58  ? 0.560   18.491  -7.537  1.00 33.98 ? 58  LEU A CA    1 
ATOM   386  C  C     . LEU A 1 58  ? 1.737   19.400  -7.848  1.00 34.50 ? 58  LEU A C     1 
ATOM   387  O  O     . LEU A 1 58  ? 2.901   18.992  -7.731  1.00 35.68 ? 58  LEU A O     1 
ATOM   388  C  CB    . LEU A 1 58  ? -0.060  17.958  -8.835  1.00 33.42 ? 58  LEU A CB    1 
ATOM   389  C  CG    . LEU A 1 58  ? -0.891  16.686  -8.645  1.00 38.73 ? 58  LEU A CG    1 
ATOM   390  C  CD1   . LEU A 1 58  ? -1.602  16.300  -9.941  1.00 35.94 ? 58  LEU A CD1   1 
ATOM   391  C  CD2   . LEU A 1 58  ? 0.036   15.560  -8.184  1.00 36.16 ? 58  LEU A CD2   1 
ATOM   392  N  N     . ALA A 1 59  ? 1.439   20.642  -8.210  1.00 31.15 ? 59  ALA A N     1 
ATOM   393  C  CA    . ALA A 1 59  ? 2.495   21.600  -8.503  1.00 32.74 ? 59  ALA A CA    1 
ATOM   394  C  C     . ALA A 1 59  ? 3.393   21.778  -7.266  1.00 33.60 ? 59  ALA A C     1 
ATOM   395  O  O     . ALA A 1 59  ? 4.630   21.823  -7.365  1.00 33.87 ? 59  ALA A O     1 
ATOM   396  C  CB    . ALA A 1 59  ? 1.877   22.943  -8.931  1.00 32.09 ? 59  ALA A CB    1 
ATOM   397  N  N     . LEU A 1 60  ? 2.761   21.867  -6.096  1.00 32.82 ? 60  LEU A N     1 
ATOM   398  C  CA    . LEU A 1 60  ? 3.497   22.015  -4.840  1.00 29.77 ? 60  LEU A CA    1 
ATOM   399  C  C     . LEU A 1 60  ? 4.376   20.790  -4.544  1.00 28.05 ? 60  LEU A C     1 
ATOM   400  O  O     . LEU A 1 60  ? 5.560   20.928  -4.225  1.00 30.81 ? 60  LEU A O     1 
ATOM   401  C  CB    . LEU A 1 60  ? 2.514   22.216  -3.679  1.00 29.21 ? 60  LEU A CB    1 
ATOM   402  C  CG    . LEU A 1 60  ? 3.075   22.225  -2.253  1.00 30.07 ? 60  LEU A CG    1 
ATOM   403  C  CD1   . LEU A 1 60  ? 3.890   23.485  -1.995  1.00 28.00 ? 60  LEU A CD1   1 
ATOM   404  C  CD2   . LEU A 1 60  ? 1.937   22.116  -1.239  1.00 27.42 ? 60  LEU A CD2   1 
ATOM   405  N  N     . LEU A 1 61  ? 3.787   19.599  -4.630  1.00 27.23 ? 61  LEU A N     1 
ATOM   406  C  CA    . LEU A 1 61  ? 4.512   18.363  -4.333  1.00 26.75 ? 61  LEU A CA    1 
ATOM   407  C  C     . LEU A 1 61  ? 5.657   18.145  -5.313  1.00 28.55 ? 61  LEU A C     1 
ATOM   408  O  O     . LEU A 1 61  ? 6.791   17.906  -4.898  1.00 28.69 ? 61  LEU A O     1 
ATOM   409  C  CB    . LEU A 1 61  ? 3.552   17.163  -4.345  1.00 25.97 ? 61  LEU A CB    1 
ATOM   410  C  CG    . LEU A 1 61  ? 2.333   17.270  -3.421  1.00 23.14 ? 61  LEU A CG    1 
ATOM   411  C  CD1   . LEU A 1 61  ? 1.366   16.093  -3.619  1.00 21.89 ? 61  LEU A CD1   1 
ATOM   412  C  CD2   . LEU A 1 61  ? 2.815   17.341  -1.982  1.00 24.68 ? 61  LEU A CD2   1 
ATOM   413  N  N     . GLU A 1 62  ? 5.371   18.246  -6.611  1.00 29.88 ? 62  GLU A N     1 
ATOM   414  C  CA    . GLU A 1 62  ? 6.419   18.072  -7.620  1.00 32.15 ? 62  GLU A CA    1 
ATOM   415  C  C     . GLU A 1 62  ? 7.494   19.123  -7.389  1.00 33.61 ? 62  GLU A C     1 
ATOM   416  O  O     . GLU A 1 62  ? 8.683   18.813  -7.395  1.00 38.05 ? 62  GLU A O     1 
ATOM   417  C  CB    . GLU A 1 62  ? 5.868   18.228  -9.050  1.00 32.43 ? 62  GLU A CB    1 
ATOM   418  C  CG    . GLU A 1 62  ? 5.120   17.015  -9.617  1.00 36.79 ? 62  GLU A CG    1 
ATOM   419  C  CD    . GLU A 1 62  ? 5.959   15.740  -9.645  1.00 43.27 ? 62  GLU A CD    1 
ATOM   420  O  OE1   . GLU A 1 62  ? 7.202   15.822  -9.796  1.00 40.24 ? 62  GLU A OE1   1 
ATOM   421  O  OE2   . GLU A 1 62  ? 5.361   14.646  -9.525  1.00 48.01 ? 62  GLU A OE2   1 
ATOM   422  N  N     . GLY A 1 63  ? 7.060   20.355  -7.121  1.00 32.90 ? 63  GLY A N     1 
ATOM   423  C  CA    . GLY A 1 63  ? 7.994   21.443  -6.896  1.00 33.39 ? 63  GLY A CA    1 
ATOM   424  C  C     . GLY A 1 63  ? 8.918   21.289  -5.698  1.00 37.51 ? 63  GLY A C     1 
ATOM   425  O  O     . GLY A 1 63  ? 10.104  21.629  -5.779  1.00 37.49 ? 63  GLY A O     1 
ATOM   426  N  N     . LEU A 1 64  ? 8.406   20.757  -4.590  1.00 36.16 ? 64  LEU A N     1 
ATOM   427  C  CA    . LEU A 1 64  ? 9.241   20.599  -3.400  1.00 37.03 ? 64  LEU A CA    1 
ATOM   428  C  C     . LEU A 1 64  ? 10.275  19.497  -3.475  1.00 39.17 ? 64  LEU A C     1 
ATOM   429  O  O     . LEU A 1 64  ? 11.294  19.569  -2.791  1.00 44.87 ? 64  LEU A O     1 
ATOM   430  C  CB    . LEU A 1 64  ? 8.393   20.377  -2.147  1.00 38.10 ? 64  LEU A CB    1 
ATOM   431  C  CG    . LEU A 1 64  ? 7.529   21.537  -1.651  1.00 37.79 ? 64  LEU A CG    1 
ATOM   432  C  CD1   . LEU A 1 64  ? 6.855   21.145  -0.353  1.00 38.48 ? 64  LEU A CD1   1 
ATOM   433  C  CD2   . LEU A 1 64  ? 8.381   22.743  -1.431  1.00 36.33 ? 64  LEU A CD2   1 
ATOM   434  N  N     . GLY A 1 65  ? 10.039  18.496  -4.317  1.00 36.14 ? 65  GLY A N     1 
ATOM   435  C  CA    . GLY A 1 65  ? 10.965  17.381  -4.399  1.00 36.46 ? 65  GLY A CA    1 
ATOM   436  C  C     . GLY A 1 65  ? 10.786  16.527  -3.142  1.00 39.61 ? 65  GLY A C     1 
ATOM   437  O  O     . GLY A 1 65  ? 11.427  16.770  -2.119  1.00 42.87 ? 65  GLY A O     1 
ATOM   438  N  N     . VAL A 1 66  ? 9.878   15.556  -3.195  1.00 36.59 ? 66  VAL A N     1 
ATOM   439  C  CA    . VAL A 1 66  ? 9.634   14.693  -2.044  1.00 33.08 ? 66  VAL A CA    1 
ATOM   440  C  C     . VAL A 1 66  ? 10.354  13.351  -2.162  1.00 32.53 ? 66  VAL A C     1 
ATOM   441  O  O     . VAL A 1 66  ? 10.423  12.763  -3.228  1.00 31.98 ? 66  VAL A O     1 
ATOM   442  C  CB    . VAL A 1 66  ? 8.126   14.499  -1.806  1.00 33.01 ? 66  VAL A CB    1 
ATOM   443  C  CG1   . VAL A 1 66  ? 7.869   13.477  -0.681  1.00 24.95 ? 66  VAL A CG1   1 
ATOM   444  C  CG2   . VAL A 1 66  ? 7.509   15.838  -1.455  1.00 26.66 ? 66  VAL A CG2   1 
ATOM   445  N  N     . ARG A 1 67  ? 10.849  12.850  -1.042  1.00 33.56 ? 67  ARG A N     1 
ATOM   446  C  CA    . ARG A 1 67  ? 11.577  11.600  -1.055  1.00 33.81 ? 67  ARG A CA    1 
ATOM   447  C  C     . ARG A 1 67  ? 11.157  10.659  0.073   1.00 33.73 ? 67  ARG A C     1 
ATOM   448  O  O     . ARG A 1 67  ? 10.963  11.092  1.222   1.00 29.08 ? 67  ARG A O     1 
ATOM   449  C  CB    . ARG A 1 67  ? 13.071  11.904  -0.935  1.00 38.05 ? 67  ARG A CB    1 
ATOM   450  C  CG    . ARG A 1 67  ? 13.986  10.855  -1.509  1.00 49.26 ? 67  ARG A CG    1 
ATOM   451  C  CD    . ARG A 1 67  ? 15.281  11.491  -2.033  1.00 53.94 ? 67  ARG A CD    1 
ATOM   452  N  NE    . ARG A 1 67  ? 16.190  11.929  -0.975  1.00 57.71 ? 67  ARG A NE    1 
ATOM   453  C  CZ    . ARG A 1 67  ? 17.085  11.142  -0.383  1.00 60.71 ? 67  ARG A CZ    1 
ATOM   454  N  NH1   . ARG A 1 67  ? 17.198  9.867   -0.742  1.00 59.93 ? 67  ARG A NH1   1 
ATOM   455  N  NH2   . ARG A 1 67  ? 17.870  11.633  0.567   1.00 59.79 ? 67  ARG A NH2   1 
ATOM   456  N  N     . LEU A 1 68  ? 10.989  9.384   -0.279  1.00 30.72 ? 68  LEU A N     1 
ATOM   457  C  CA    . LEU A 1 68  ? 10.666  8.350   0.689   1.00 30.86 ? 68  LEU A CA    1 
ATOM   458  C  C     . LEU A 1 68  ? 11.975  7.651   1.035   1.00 32.60 ? 68  LEU A C     1 
ATOM   459  O  O     . LEU A 1 68  ? 12.583  7.021   0.178   1.00 32.73 ? 68  LEU A O     1 
ATOM   460  C  CB    . LEU A 1 68  ? 9.682   7.327   0.114   1.00 29.96 ? 68  LEU A CB    1 
ATOM   461  C  CG    . LEU A 1 68  ? 9.363   6.162   1.071   1.00 31.46 ? 68  LEU A CG    1 
ATOM   462  C  CD1   . LEU A 1 68  ? 8.605   6.659   2.303   1.00 30.67 ? 68  LEU A CD1   1 
ATOM   463  C  CD2   . LEU A 1 68  ? 8.550   5.124   0.360   1.00 32.17 ? 68  LEU A CD2   1 
ATOM   464  N  N     . LEU A 1 69  ? 12.451  7.849   2.258   1.00 32.49 ? 69  LEU A N     1 
ATOM   465  C  CA    . LEU A 1 69  ? 13.678  7.212   2.740   1.00 34.35 ? 69  LEU A CA    1 
ATOM   466  C  C     . LEU A 1 69  ? 13.231  5.895   3.362   1.00 31.13 ? 69  LEU A C     1 
ATOM   467  O  O     . LEU A 1 69  ? 12.569  5.896   4.397   1.00 30.50 ? 69  LEU A O     1 
ATOM   468  C  CB    . LEU A 1 69  ? 14.342  8.081   3.810   1.00 37.53 ? 69  LEU A CB    1 
ATOM   469  C  CG    . LEU A 1 69  ? 15.729  8.650   3.548   1.00 45.63 ? 69  LEU A CG    1 
ATOM   470  C  CD1   . LEU A 1 69  ? 15.745  9.366   2.213   1.00 48.26 ? 69  LEU A CD1   1 
ATOM   471  C  CD2   . LEU A 1 69  ? 16.105  9.601   4.676   1.00 46.48 ? 69  LEU A CD2   1 
ATOM   472  N  N     . ALA A 1 70  ? 13.536  4.784   2.694   1.00 29.94 ? 70  ALA A N     1 
ATOM   473  C  CA    . ALA A 1 70  ? 13.118  3.461   3.166   1.00 26.89 ? 70  ALA A CA    1 
ATOM   474  C  C     . ALA A 1 70  ? 14.188  2.827   4.030   1.00 29.98 ? 70  ALA A C     1 
ATOM   475  O  O     . ALA A 1 70  ? 15.316  2.631   3.598   1.00 31.41 ? 70  ALA A O     1 
ATOM   476  C  CB    . ALA A 1 70  ? 12.777  2.552   1.981   1.00 19.08 ? 70  ALA A CB    1 
ATOM   477  N  N     . GLN A 1 71  ? 13.805  2.468   5.246   1.00 33.43 ? 71  GLN A N     1 
ATOM   478  C  CA    . GLN A 1 71  ? 14.726  1.882   6.199   1.00 36.57 ? 71  GLN A CA    1 
ATOM   479  C  C     . GLN A 1 71  ? 13.998  0.785   6.955   1.00 36.87 ? 71  GLN A C     1 
ATOM   480  O  O     . GLN A 1 71  ? 12.837  0.954   7.318   1.00 35.88 ? 71  GLN A O     1 
ATOM   481  C  CB    . GLN A 1 71  ? 15.154  2.966   7.185   1.00 40.12 ? 71  GLN A CB    1 
ATOM   482  C  CG    . GLN A 1 71  ? 15.536  4.297   6.532   1.00 47.46 ? 71  GLN A CG    1 
ATOM   483  C  CD    . GLN A 1 71  ? 15.722  5.432   7.535   1.00 53.22 ? 71  GLN A CD    1 
ATOM   484  O  OE1   . GLN A 1 71  ? 14.909  5.618   8.440   1.00 54.24 ? 71  GLN A OE1   1 
ATOM   485  N  NE2   . GLN A 1 71  ? 16.795  6.203   7.367   1.00 50.34 ? 71  GLN A NE2   1 
ATOM   486  N  N     . ALA A 1 72  ? 14.684  -0.325  7.213   1.00 37.20 ? 72  ALA A N     1 
ATOM   487  C  CA    . ALA A 1 72  ? 14.096  -1.453  7.950   1.00 39.51 ? 72  ALA A CA    1 
ATOM   488  C  C     . ALA A 1 72  ? 13.471  -1.046  9.285   1.00 40.04 ? 72  ALA A C     1 
ATOM   489  O  O     . ALA A 1 72  ? 12.428  -1.563  9.671   1.00 39.88 ? 72  ALA A O     1 
ATOM   490  C  CB    . ALA A 1 72  ? 15.147  -2.537  8.183   1.00 36.75 ? 72  ALA A CB    1 
ATOM   491  N  N     . GLU A 1 73  ? 14.075  -0.079  9.960   1.00 40.50 ? 73  GLU A N     1 
ATOM   492  C  CA    . GLU A 1 73  ? 13.571  0.379   11.252  1.00 44.63 ? 73  GLU A CA    1 
ATOM   493  C  C     . GLU A 1 73  ? 12.449  1.411   11.171  1.00 43.46 ? 73  GLU A C     1 
ATOM   494  O  O     . GLU A 1 73  ? 11.979  1.896   12.203  1.00 42.56 ? 73  GLU A O     1 
ATOM   495  C  CB    . GLU A 1 73  ? 14.709  0.951   12.109  1.00 50.03 ? 73  GLU A CB    1 
ATOM   496  C  CG    . GLU A 1 73  ? 16.101  0.457   11.746  1.00 57.13 ? 73  GLU A CG    1 
ATOM   497  C  CD    . GLU A 1 73  ? 16.644  1.118   10.486  1.00 62.56 ? 73  GLU A CD    1 
ATOM   498  O  OE1   . GLU A 1 73  ? 16.981  2.324   10.547  1.00 65.86 ? 73  GLU A OE1   1 
ATOM   499  O  OE2   . GLU A 1 73  ? 16.730  0.436   9.437   1.00 61.10 ? 73  GLU A OE2   1 
ATOM   500  N  N     . GLY A 1 74  ? 12.046  1.782   9.960   1.00 40.47 ? 74  GLY A N     1 
ATOM   501  C  CA    . GLY A 1 74  ? 10.977  2.760   9.819   1.00 39.03 ? 74  GLY A CA    1 
ATOM   502  C  C     . GLY A 1 74  ? 11.272  3.777   8.742   1.00 35.67 ? 74  GLY A C     1 
ATOM   503  O  O     . GLY A 1 74  ? 12.321  4.408   8.757   1.00 40.75 ? 74  GLY A O     1 
ATOM   504  N  N     . ASN A 1 75  ? 10.345  3.943   7.808   1.00 32.18 ? 75  ASN A N     1 
ATOM   505  C  CA    . ASN A 1 75  ? 10.538  4.884   6.709   1.00 29.57 ? 75  ASN A CA    1 
ATOM   506  C  C     . ASN A 1 75  ? 10.397  6.346   7.129   1.00 26.73 ? 75  ASN A C     1 
ATOM   507  O  O     . ASN A 1 75  ? 9.760   6.660   8.130   1.00 28.94 ? 75  ASN A O     1 
ATOM   508  C  CB    . ASN A 1 75  ? 9.551   4.586   5.583   1.00 24.96 ? 75  ASN A CB    1 
ATOM   509  C  CG    . ASN A 1 75  ? 9.638   3.157   5.084   1.00 27.49 ? 75  ASN A CG    1 
ATOM   510  O  OD1   . ASN A 1 75  ? 8.655   2.604   4.572   1.00 25.68 ? 75  ASN A OD1   1 
ATOM   511  N  ND2   . ASN A 1 75  ? 10.808  2.549   5.223   1.00 20.98 ? 75  ASN A ND2   1 
ATOM   512  N  N     . ARG A 1 76  ? 11.007  7.234   6.350   1.00 25.96 ? 76  ARG A N     1 
ATOM   513  C  CA    . ARG A 1 76  ? 10.930  8.667   6.599   1.00 28.78 ? 76  ARG A CA    1 
ATOM   514  C  C     . ARG A 1 76  ? 10.520  9.334   5.278   1.00 27.77 ? 76  ARG A C     1 
ATOM   515  O  O     . ARG A 1 76  ? 10.727  8.783   4.201   1.00 26.56 ? 76  ARG A O     1 
ATOM   516  C  CB    . ARG A 1 76  ? 12.304  9.242   7.000   1.00 31.40 ? 76  ARG A CB    1 
ATOM   517  C  CG    . ARG A 1 76  ? 13.136  8.428   8.003   1.00 37.02 ? 76  ARG A CG    1 
ATOM   518  C  CD    . ARG A 1 76  ? 12.509  8.379   9.393   1.00 42.81 ? 76  ARG A CD    1 
ATOM   519  N  NE    . ARG A 1 76  ? 12.468  9.688   10.048  1.00 45.99 ? 76  ARG A NE    1 
ATOM   520  C  CZ    . ARG A 1 76  ? 11.894  9.913   11.230  1.00 47.37 ? 76  ARG A CZ    1 
ATOM   521  N  NH1   . ARG A 1 76  ? 11.319  8.917   11.891  1.00 49.26 ? 76  ARG A NH1   1 
ATOM   522  N  NH2   . ARG A 1 76  ? 11.854  11.138  11.737  1.00 39.51 ? 76  ARG A NH2   1 
ATOM   523  N  N     . VAL A 1 77  ? 9.947   10.523  5.373   1.00 24.64 ? 77  VAL A N     1 
ATOM   524  C  CA    . VAL A 1 77  ? 9.571   11.291  4.193   1.00 26.95 ? 77  VAL A CA    1 
ATOM   525  C  C     . VAL A 1 77  ? 10.208  12.665  4.349   1.00 30.14 ? 77  VAL A C     1 
ATOM   526  O  O     . VAL A 1 77  ? 10.092  13.296  5.407   1.00 30.48 ? 77  VAL A O     1 
ATOM   527  C  CB    . VAL A 1 77  ? 8.052   11.483  4.067   1.00 29.43 ? 77  VAL A CB    1 
ATOM   528  C  CG1   . VAL A 1 77  ? 7.747   12.452  2.928   1.00 26.58 ? 77  VAL A CG1   1 
ATOM   529  C  CG2   . VAL A 1 77  ? 7.362   10.147  3.828   1.00 24.67 ? 77  VAL A CG2   1 
ATOM   530  N  N     . LEU A 1 78  ? 10.908  13.103  3.308   1.00 28.69 ? 78  LEU A N     1 
ATOM   531  C  CA    . LEU A 1 78  ? 11.559  14.408  3.318   1.00 31.42 ? 78  LEU A CA    1 
ATOM   532  C  C     . LEU A 1 78  ? 10.960  15.253  2.214   1.00 28.96 ? 78  LEU A C     1 
ATOM   533  O  O     . LEU A 1 78  ? 10.556  14.720  1.178   1.00 29.73 ? 78  LEU A O     1 
ATOM   534  C  CB    . LEU A 1 78  ? 13.072  14.302  3.058   1.00 32.02 ? 78  LEU A CB    1 
ATOM   535  C  CG    . LEU A 1 78  ? 14.024  13.328  3.758   1.00 34.89 ? 78  LEU A CG    1 
ATOM   536  C  CD1   . LEU A 1 78  ? 13.938  13.415  5.256   1.00 35.51 ? 78  LEU A CD1   1 
ATOM   537  C  CD2   . LEU A 1 78  ? 13.708  11.930  3.302   1.00 44.15 ? 78  LEU A CD2   1 
ATOM   538  N  N     . ALA A 1 79  ? 10.862  16.557  2.466   1.00 26.75 ? 79  ALA A N     1 
ATOM   539  C  CA    . ALA A 1 79  ? 10.348  17.531  1.503   1.00 27.39 ? 79  ALA A CA    1 
ATOM   540  C  C     . ALA A 1 79  ? 11.419  18.607  1.486   1.00 27.29 ? 79  ALA A C     1 
ATOM   541  O  O     . ALA A 1 79  ? 11.757  19.169  2.531   1.00 27.49 ? 79  ALA A O     1 
ATOM   542  C  CB    . ALA A 1 79  ? 9.001   18.118  1.955   1.00 26.65 ? 79  ALA A CB    1 
ATOM   543  N  N     . ASP A 1 80  ? 11.991  18.854  0.310   1.00 29.96 ? 80  ASP A N     1 
ATOM   544  C  CA    . ASP A 1 80  ? 13.066  19.825  0.184   1.00 30.64 ? 80  ASP A CA    1 
ATOM   545  C  C     . ASP A 1 80  ? 14.099  19.586  1.287   1.00 31.85 ? 80  ASP A C     1 
ATOM   546  O  O     . ASP A 1 80  ? 14.458  20.508  2.017   1.00 32.18 ? 80  ASP A O     1 
ATOM   547  C  CB    . ASP A 1 80  ? 12.545  21.277  0.260   1.00 28.46 ? 80  ASP A CB    1 
ATOM   548  C  CG    . ASP A 1 80  ? 13.658  22.312  -0.007  1.00 36.04 ? 80  ASP A CG    1 
ATOM   549  O  OD1   . ASP A 1 80  ? 14.559  22.025  -0.824  1.00 37.35 ? 80  ASP A OD1   1 
ATOM   550  O  OD2   . ASP A 1 80  ? 13.653  23.399  0.607   1.00 30.97 ? 80  ASP A OD2   1 
ATOM   551  N  N     . GLY A 1 81  ? 14.466  18.319  1.478   1.00 33.83 ? 81  GLY A N     1 
ATOM   552  C  CA    . GLY A 1 81  ? 15.458  17.964  2.481   1.00 33.62 ? 81  GLY A CA    1 
ATOM   553  C  C     . GLY A 1 81  ? 15.028  17.925  3.942   1.00 36.09 ? 81  GLY A C     1 
ATOM   554  O  O     . GLY A 1 81  ? 15.805  17.474  4.792   1.00 37.32 ? 81  GLY A O     1 
ATOM   555  N  N     . GLU A 1 82  ? 13.817  18.383  4.254   1.00 33.82 ? 82  GLU A N     1 
ATOM   556  C  CA    . GLU A 1 82  ? 13.327  18.380  5.641   1.00 36.25 ? 82  GLU A CA    1 
ATOM   557  C  C     . GLU A 1 82  ? 12.555  17.097  5.991   1.00 32.74 ? 82  GLU A C     1 
ATOM   558  O  O     . GLU A 1 82  ? 11.683  16.682  5.243   1.00 33.07 ? 82  GLU A O     1 
ATOM   559  C  CB    . GLU A 1 82  ? 12.427  19.608  5.900   1.00 36.81 ? 82  GLU A CB    1 
ATOM   560  C  CG    . GLU A 1 82  ? 11.960  19.762  7.371   1.00 45.10 ? 82  GLU A CG    1 
ATOM   561  C  CD    . GLU A 1 82  ? 10.976  20.925  7.594   1.00 50.97 ? 82  GLU A CD    1 
ATOM   562  O  OE1   . GLU A 1 82  ? 10.868  21.814  6.722   1.00 53.14 ? 82  GLU A OE1   1 
ATOM   563  O  OE2   . GLU A 1 82  ? 10.297  20.945  8.647   1.00 53.62 ? 82  GLU A OE2   1 
ATOM   564  N  N     . ASP A 1 83  ? 12.870  16.493  7.138   1.00 32.18 ? 83  ASP A N     1 
ATOM   565  C  CA    . ASP A 1 83  ? 12.208  15.272  7.604   1.00 30.89 ? 83  ASP A CA    1 
ATOM   566  C  C     . ASP A 1 83  ? 10.856  15.646  8.204   1.00 31.32 ? 83  ASP A C     1 
ATOM   567  O  O     . ASP A 1 83  ? 10.807  16.273  9.248   1.00 30.25 ? 83  ASP A O     1 
ATOM   568  C  CB    . ASP A 1 83  ? 13.067  14.566  8.667   1.00 34.29 ? 83  ASP A CB    1 
ATOM   569  C  CG    . ASP A 1 83  ? 12.605  13.131  8.955   1.00 32.41 ? 83  ASP A CG    1 
ATOM   570  O  OD1   . ASP A 1 83  ? 11.434  12.806  8.691   1.00 31.65 ? 83  ASP A OD1   1 
ATOM   571  O  OD2   . ASP A 1 83  ? 13.422  12.322  9.442   1.00 35.36 ? 83  ASP A OD2   1 
ATOM   572  N  N     . LEU A 1 84  ? 9.772   15.194  7.579   1.00 30.32 ? 84  LEU A N     1 
ATOM   573  C  CA    . LEU A 1 84  ? 8.409   15.521  8.027   1.00 31.33 ? 84  LEU A CA    1 
ATOM   574  C  C     . LEU A 1 84  ? 7.712   14.407  8.781   1.00 28.63 ? 84  LEU A C     1 
ATOM   575  O  O     . LEU A 1 84  ? 6.560   14.552  9.219   1.00 26.09 ? 84  LEU A O     1 
ATOM   576  C  CB    . LEU A 1 84  ? 7.526   15.808  6.815   1.00 29.81 ? 84  LEU A CB    1 
ATOM   577  C  CG    . LEU A 1 84  ? 7.957   16.747  5.704   1.00 35.48 ? 84  LEU A CG    1 
ATOM   578  C  CD1   . LEU A 1 84  ? 6.860   16.708  4.648   1.00 34.82 ? 84  LEU A CD1   1 
ATOM   579  C  CD2   . LEU A 1 84  ? 8.168   18.157  6.236   1.00 30.63 ? 84  LEU A CD2   1 
ATOM   580  N  N     . THR A 1 85  ? 8.362   13.258  8.796   1.00 28.58 ? 85  THR A N     1 
ATOM   581  C  CA    . THR A 1 85  ? 7.838   12.054  9.403   1.00 29.64 ? 85  THR A CA    1 
ATOM   582  C  C     . THR A 1 85  ? 7.089   12.192  10.726  1.00 31.37 ? 85  THR A C     1 
ATOM   583  O  O     . THR A 1 85  ? 5.992   11.666  10.864  1.00 30.83 ? 85  THR A O     1 
ATOM   584  C  CB    . THR A 1 85  ? 8.955   11.020  9.537   1.00 29.65 ? 85  THR A CB    1 
ATOM   585  O  OG1   . THR A 1 85  ? 9.673   10.972  8.300   1.00 28.96 ? 85  THR A OG1   1 
ATOM   586  C  CG2   . THR A 1 85  ? 8.378   9.629   9.815   1.00 27.14 ? 85  THR A CG2   1 
ATOM   587  N  N     . SER A 1 86  ? 7.644   12.937  11.672  1.00 30.40 ? 86  SER A N     1 
ATOM   588  C  CA    . SER A 1 86  ? 6.998   13.083  12.983  1.00 32.68 ? 86  SER A CA    1 
ATOM   589  C  C     . SER A 1 86  ? 5.694   13.868  12.981  1.00 30.80 ? 86  SER A C     1 
ATOM   590  O  O     . SER A 1 86  ? 4.975   13.865  13.979  1.00 31.95 ? 86  SER A O     1 
ATOM   591  C  CB    . SER A 1 86  ? 7.959   13.719  13.991  1.00 31.05 ? 86  SER A CB    1 
ATOM   592  O  OG    . SER A 1 86  ? 8.148   15.095  13.683  1.00 36.92 ? 86  SER A OG    1 
ATOM   593  N  N     . PHE A 1 87  ? 5.384   14.539  11.880  1.00 27.82 ? 87  PHE A N     1 
ATOM   594  C  CA    . PHE A 1 87  ? 4.156   15.337  11.804  1.00 30.52 ? 87  PHE A CA    1 
ATOM   595  C  C     . PHE A 1 87  ? 3.005   14.649  11.071  1.00 28.89 ? 87  PHE A C     1 
ATOM   596  O  O     . PHE A 1 87  ? 1.880   15.153  11.034  1.00 27.15 ? 87  PHE A O     1 
ATOM   597  C  CB    . PHE A 1 87  ? 4.411   16.629  11.021  1.00 33.62 ? 87  PHE A CB    1 
ATOM   598  C  CG    . PHE A 1 87  ? 5.577   17.436  11.502  1.00 34.83 ? 87  PHE A CG    1 
ATOM   599  C  CD1   . PHE A 1 87  ? 5.413   18.387  12.506  1.00 38.27 ? 87  PHE A CD1   1 
ATOM   600  C  CD2   . PHE A 1 87  ? 6.818   17.320  10.884  1.00 37.01 ? 87  PHE A CD2   1 
ATOM   601  C  CE1   . PHE A 1 87  ? 6.472   19.224  12.885  1.00 43.76 ? 87  PHE A CE1   1 
ATOM   602  C  CE2   . PHE A 1 87  ? 7.885   18.149  11.255  1.00 40.42 ? 87  PHE A CE2   1 
ATOM   603  C  CZ    . PHE A 1 87  ? 7.708   19.107  12.258  1.00 40.66 ? 87  PHE A CZ    1 
ATOM   604  N  N     . LEU A 1 88  ? 3.280   13.498  10.493  1.00 25.67 ? 88  LEU A N     1 
ATOM   605  C  CA    . LEU A 1 88  ? 2.296   12.835  9.660   1.00 27.00 ? 88  LEU A CA    1 
ATOM   606  C  C     . LEU A 1 88  ? 1.098   12.103  10.249  1.00 26.65 ? 88  LEU A C     1 
ATOM   607  O  O     . LEU A 1 88  ? 0.240   11.636  9.494   1.00 25.40 ? 88  LEU A O     1 
ATOM   608  C  CB    . LEU A 1 88  ? 3.025   11.933  8.677   1.00 24.22 ? 88  LEU A CB    1 
ATOM   609  C  CG    . LEU A 1 88  ? 4.155   12.652  7.938   1.00 27.74 ? 88  LEU A CG    1 
ATOM   610  C  CD1   . LEU A 1 88  ? 4.669   11.746  6.873   1.00 22.69 ? 88  LEU A CD1   1 
ATOM   611  C  CD2   . LEU A 1 88  ? 3.670   13.965  7.335   1.00 24.96 ? 88  LEU A CD2   1 
ATOM   612  N  N     . HIS A 1 89  ? 1.012   12.031  11.572  1.00 27.36 ? 89  HIS A N     1 
ATOM   613  C  CA    . HIS A 1 89  ? -0.088  11.324  12.204  1.00 27.77 ? 89  HIS A CA    1 
ATOM   614  C  C     . HIS A 1 89  ? -0.921  12.157  13.160  1.00 28.91 ? 89  HIS A C     1 
ATOM   615  O  O     . HIS A 1 89  ? -1.518  11.633  14.089  1.00 32.64 ? 89  HIS A O     1 
ATOM   616  C  CB    . HIS A 1 89  ? 0.428   10.052  12.887  1.00 29.29 ? 89  HIS A CB    1 
ATOM   617  C  CG    . HIS A 1 89  ? 0.917   9.012   11.928  1.00 32.01 ? 89  HIS A CG    1 
ATOM   618  N  ND1   . HIS A 1 89  ? 2.205   9.002   11.435  1.00 36.17 ? 89  HIS A ND1   1 
ATOM   619  C  CD2   . HIS A 1 89  ? 0.284   7.964   11.347  1.00 33.27 ? 89  HIS A CD2   1 
ATOM   620  C  CE1   . HIS A 1 89  ? 2.344   7.996   10.590  1.00 34.78 ? 89  HIS A CE1   1 
ATOM   621  N  NE2   . HIS A 1 89  ? 1.194   7.350   10.518  1.00 35.43 ? 89  HIS A NE2   1 
ATOM   622  N  N     . THR A 1 90  ? -0.995  13.455  12.908  1.00 29.33 ? 90  THR A N     1 
ATOM   623  C  CA    . THR A 1 90  ? -1.776  14.340  13.755  1.00 27.89 ? 90  THR A CA    1 
ATOM   624  C  C     . THR A 1 90  ? -3.234  14.306  13.306  1.00 29.97 ? 90  THR A C     1 
ATOM   625  O  O     . THR A 1 90  ? -3.545  13.848  12.199  1.00 30.22 ? 90  THR A O     1 
ATOM   626  C  CB    . THR A 1 90  ? -1.296  15.774  13.613  1.00 28.74 ? 90  THR A CB    1 
ATOM   627  O  OG1   . THR A 1 90  ? -1.465  16.185  12.252  1.00 24.29 ? 90  THR A OG1   1 
ATOM   628  C  CG2   . THR A 1 90  ? 0.163   15.895  14.030  1.00 28.72 ? 90  THR A CG2   1 
ATOM   629  N  N     . PRO A 1 91  ? -4.154  14.782  14.162  1.00 31.03 ? 91  PRO A N     1 
ATOM   630  C  CA    . PRO A 1 91  ? -5.563  14.767  13.752  1.00 29.27 ? 91  PRO A CA    1 
ATOM   631  C  C     . PRO A 1 91  ? -5.896  15.674  12.558  1.00 27.35 ? 91  PRO A C     1 
ATOM   632  O  O     . PRO A 1 91  ? -6.819  15.385  11.807  1.00 28.76 ? 91  PRO A O     1 
ATOM   633  C  CB    . PRO A 1 91  ? -6.315  15.139  15.038  1.00 29.28 ? 91  PRO A CB    1 
ATOM   634  C  CG    . PRO A 1 91  ? -5.293  15.765  15.912  1.00 31.02 ? 91  PRO A CG    1 
ATOM   635  C  CD    . PRO A 1 91  ? -4.028  15.015  15.611  1.00 30.04 ? 91  PRO A CD    1 
ATOM   636  N  N     . GLU A 1 92  ? -5.108  16.721  12.327  1.00 26.73 ? 92  GLU A N     1 
ATOM   637  C  CA    . GLU A 1 92  ? -5.377  17.593  11.182  1.00 24.62 ? 92  GLU A CA    1 
ATOM   638  C  C     . GLU A 1 92  ? -5.044  16.874  9.873   1.00 24.96 ? 92  GLU A C     1 
ATOM   639  O  O     . GLU A 1 92  ? -5.774  17.012  8.888   1.00 24.44 ? 92  GLU A O     1 
ATOM   640  C  CB    . GLU A 1 92  ? -4.632  18.919  11.288  1.00 25.26 ? 92  GLU A CB    1 
ATOM   641  C  CG    . GLU A 1 92  ? -5.028  19.748  12.512  1.00 25.94 ? 92  GLU A CG    1 
ATOM   642  C  CD    . GLU A 1 92  ? -4.464  19.206  13.829  1.00 29.90 ? 92  GLU A CD    1 
ATOM   643  O  OE1   . GLU A 1 92  ? -3.468  18.444  13.833  1.00 26.16 ? 92  GLU A OE1   1 
ATOM   644  O  OE2   . GLU A 1 92  ? -5.030  19.555  14.870  1.00 30.50 ? 92  GLU A OE2   1 
ATOM   645  N  N     . VAL A 1 93  ? -3.957  16.100  9.864   1.00 20.79 ? 93  VAL A N     1 
ATOM   646  C  CA    . VAL A 1 93  ? -3.601  15.335  8.670   1.00 22.37 ? 93  VAL A CA    1 
ATOM   647  C  C     . VAL A 1 93  ? -4.621  14.185  8.478   1.00 24.61 ? 93  VAL A C     1 
ATOM   648  O  O     . VAL A 1 93  ? -5.112  13.961  7.367   1.00 25.35 ? 93  VAL A O     1 
ATOM   649  C  CB    . VAL A 1 93  ? -2.171  14.763  8.757   1.00 24.72 ? 93  VAL A CB    1 
ATOM   650  C  CG1   . VAL A 1 93  ? -1.887  13.846  7.579   1.00 24.10 ? 93  VAL A CG1   1 
ATOM   651  C  CG2   . VAL A 1 93  ? -1.148  15.898  8.794   1.00 21.82 ? 93  VAL A CG2   1 
ATOM   652  N  N     . ASP A 1 94  ? -4.966  13.496  9.564   1.00 22.16 ? 94  ASP A N     1 
ATOM   653  C  CA    . ASP A 1 94  ? -5.936  12.390  9.513   1.00 27.99 ? 94  ASP A CA    1 
ATOM   654  C  C     . ASP A 1 94  ? -7.261  12.821  8.888   1.00 26.17 ? 94  ASP A C     1 
ATOM   655  O  O     . ASP A 1 94  ? -7.878  12.077  8.142   1.00 26.19 ? 94  ASP A O     1 
ATOM   656  C  CB    . ASP A 1 94  ? -6.263  11.864  10.922  1.00 32.18 ? 94  ASP A CB    1 
ATOM   657  C  CG    . ASP A 1 94  ? -5.171  10.957  11.507  1.00 39.54 ? 94  ASP A CG    1 
ATOM   658  O  OD1   . ASP A 1 94  ? -4.252  10.522  10.793  1.00 42.36 ? 94  ASP A OD1   1 
ATOM   659  O  OD2   . ASP A 1 94  ? -5.245  10.663  12.713  1.00 45.13 ? 94  ASP A OD2   1 
ATOM   660  N  N     . ARG A 1 95  ? -7.676  14.039  9.206   1.00 26.43 ? 95  ARG A N     1 
ATOM   661  C  CA    . ARG A 1 95  ? -8.936  14.580  8.746   1.00 27.88 ? 95  ARG A CA    1 
ATOM   662  C  C     . ARG A 1 95  ? -9.070  14.742  7.241   1.00 30.10 ? 95  ARG A C     1 
ATOM   663  O  O     . ARG A 1 95  ? -10.157 14.583  6.697   1.00 30.40 ? 95  ARG A O     1 
ATOM   664  C  CB    . ARG A 1 95  ? -9.194  15.923  9.441   1.00 31.54 ? 95  ARG A CB    1 
ATOM   665  C  CG    . ARG A 1 95  ? -10.471 16.606  9.028   1.00 33.90 ? 95  ARG A CG    1 
ATOM   666  C  CD    . ARG A 1 95  ? -10.720 17.855  9.843   1.00 35.35 ? 95  ARG A CD    1 
ATOM   667  N  NE    . ARG A 1 95  ? -11.633 18.754  9.141   1.00 36.33 ? 95  ARG A NE    1 
ATOM   668  C  CZ    . ARG A 1 95  ? -11.243 19.720  8.310   1.00 37.54 ? 95  ARG A CZ    1 
ATOM   669  N  NH1   . ARG A 1 95  ? -9.948  19.926  8.071   1.00 33.93 ? 95  ARG A NH1   1 
ATOM   670  N  NH2   . ARG A 1 95  ? -12.150 20.475  7.703   1.00 33.37 ? 95  ARG A NH2   1 
ATOM   671  N  N     . VAL A 1 96  ? -7.989  15.109  6.565   1.00 28.47 ? 96  VAL A N     1 
ATOM   672  C  CA    . VAL A 1 96  ? -8.089  15.293  5.130   1.00 27.86 ? 96  VAL A CA    1 
ATOM   673  C  C     . VAL A 1 96  ? -7.351  14.254  4.290   1.00 27.47 ? 96  VAL A C     1 
ATOM   674  O  O     . VAL A 1 96  ? -7.553  14.205  3.088   1.00 30.52 ? 96  VAL A O     1 
ATOM   675  C  CB    . VAL A 1 96  ? -7.600  16.711  4.705   1.00 29.81 ? 96  VAL A CB    1 
ATOM   676  C  CG1   . VAL A 1 96  ? -8.356  17.797  5.482   1.00 28.73 ? 96  VAL A CG1   1 
ATOM   677  C  CG2   . VAL A 1 96  ? -6.084  16.850  4.909   1.00 26.22 ? 96  VAL A CG2   1 
ATOM   678  N  N     . VAL A 1 97  ? -6.548  13.391  4.905   1.00 25.46 ? 97  VAL A N     1 
ATOM   679  C  CA    . VAL A 1 97  ? -5.780  12.465  4.099   1.00 25.06 ? 97  VAL A CA    1 
ATOM   680  C  C     . VAL A 1 97  ? -6.540  11.572  3.121   1.00 29.07 ? 97  VAL A C     1 
ATOM   681  O  O     . VAL A 1 97  ? -6.047  11.318  2.023   1.00 31.21 ? 97  VAL A O     1 
ATOM   682  C  CB    . VAL A 1 97  ? -4.766  11.637  4.915   1.00 22.83 ? 97  VAL A CB    1 
ATOM   683  C  CG1   . VAL A 1 97  ? -5.466  10.618  5.782   1.00 21.29 ? 97  VAL A CG1   1 
ATOM   684  C  CG2   . VAL A 1 97  ? -3.784  10.943  3.948   1.00 21.88 ? 97  VAL A CG2   1 
ATOM   685  N  N     . SER A 1 98  ? -7.730  11.116  3.488   1.00 27.43 ? 98  SER A N     1 
ATOM   686  C  CA    . SER A 1 98  ? -8.491  10.251  2.582   1.00 34.55 ? 98  SER A CA    1 
ATOM   687  C  C     . SER A 1 98  ? -8.953  10.966  1.329   1.00 34.22 ? 98  SER A C     1 
ATOM   688  O  O     . SER A 1 98  ? -8.845  10.430  0.227   1.00 36.07 ? 98  SER A O     1 
ATOM   689  C  CB    . SER A 1 98  ? -9.665  9.593   3.294   1.00 34.50 ? 98  SER A CB    1 
ATOM   690  O  OG    . SER A 1 98  ? -9.161  8.690   4.266   1.00 39.19 ? 98  SER A OG    1 
ATOM   691  N  N     . ALA A 1 99  ? -9.423  12.196  1.498   1.00 30.97 ? 99  ALA A N     1 
ATOM   692  C  CA    . ALA A 1 99  ? -9.862  13.000  0.374   1.00 33.05 ? 99  ALA A CA    1 
ATOM   693  C  C     . ALA A 1 99  ? -8.669  13.221  -0.553  1.00 32.56 ? 99  ALA A C     1 
ATOM   694  O  O     . ALA A 1 99  ? -8.800  13.192  -1.770  1.00 36.73 ? 99  ALA A O     1 
ATOM   695  C  CB    . ALA A 1 99  ? -10.412 14.349  0.861   1.00 31.31 ? 99  ALA A CB    1 
ATOM   696  N  N     . VAL A 1 100 ? -7.502  13.451  0.025   1.00 29.14 ? 100 VAL A N     1 
ATOM   697  C  CA    . VAL A 1 100 ? -6.317  13.666  -0.783  1.00 29.35 ? 100 VAL A CA    1 
ATOM   698  C  C     . VAL A 1 100 ? -5.942  12.412  -1.598  1.00 30.19 ? 100 VAL A C     1 
ATOM   699  O  O     . VAL A 1 100 ? -5.629  12.506  -2.790  1.00 27.61 ? 100 VAL A O     1 
ATOM   700  C  CB    . VAL A 1 100 ? -5.161  14.104  0.105   1.00 30.42 ? 100 VAL A CB    1 
ATOM   701  C  CG1   . VAL A 1 100 ? -3.836  14.007  -0.638  1.00 29.25 ? 100 VAL A CG1   1 
ATOM   702  C  CG2   . VAL A 1 100 ? -5.412  15.527  0.583   1.00 31.30 ? 100 VAL A CG2   1 
ATOM   703  N  N     . ALA A 1 101 ? -6.020  11.249  -0.951  1.00 29.21 ? 101 ALA A N     1 
ATOM   704  C  CA    . ALA A 1 101 ? -5.697  9.973   -1.576  1.00 32.28 ? 101 ALA A CA    1 
ATOM   705  C  C     . ALA A 1 101 ? -6.688  9.586   -2.668  1.00 34.48 ? 101 ALA A C     1 
ATOM   706  O  O     . ALA A 1 101 ? -6.401  8.695   -3.461  1.00 32.98 ? 101 ALA A O     1 
ATOM   707  C  CB    . ALA A 1 101 ? -5.596  8.856   -0.526  1.00 29.25 ? 101 ALA A CB    1 
ATOM   708  N  N     . ARG A 1 102 ? -7.853  10.235  -2.704  1.00 37.15 ? 102 ARG A N     1 
ATOM   709  C  CA    . ARG A 1 102 ? -8.832  9.940   -3.754  1.00 39.32 ? 102 ARG A CA    1 
ATOM   710  C  C     . ARG A 1 102 ? -8.539  10.691  -5.048  1.00 39.43 ? 102 ARG A C     1 
ATOM   711  O  O     . ARG A 1 102 ? -9.120  10.395  -6.077  1.00 43.17 ? 102 ARG A O     1 
ATOM   712  C  CB    . ARG A 1 102 ? -10.262 10.216  -3.292  1.00 40.65 ? 102 ARG A CB    1 
ATOM   713  C  CG    . ARG A 1 102 ? -10.758 9.219   -2.260  1.00 45.66 ? 102 ARG A CG    1 
ATOM   714  C  CD    . ARG A 1 102 ? -12.193 9.530   -1.855  1.00 48.94 ? 102 ARG A CD    1 
ATOM   715  N  NE    . ARG A 1 102 ? -12.444 9.259   -0.439  1.00 47.55 ? 102 ARG A NE    1 
ATOM   716  C  CZ    . ARG A 1 102 ? -12.716 10.201  0.464   1.00 47.31 ? 102 ARG A CZ    1 
ATOM   717  N  NH1   . ARG A 1 102 ? -12.772 11.481  0.108   1.00 43.75 ? 102 ARG A NH1   1 
ATOM   718  N  NH2   . ARG A 1 102 ? -12.935 9.864   1.727   1.00 48.84 ? 102 ARG A NH2   1 
ATOM   719  N  N     . LEU A 1 103 ? -7.635  11.661  -5.001  1.00 39.42 ? 103 LEU A N     1 
ATOM   720  C  CA    . LEU A 1 103 ? -7.280  12.395  -6.207  1.00 37.92 ? 103 LEU A CA    1 
ATOM   721  C  C     . LEU A 1 103 ? -6.317  11.551  -7.055  1.00 39.94 ? 103 LEU A C     1 
ATOM   722  O  O     . LEU A 1 103 ? -5.198  11.251  -6.622  1.00 40.62 ? 103 LEU A O     1 
ATOM   723  C  CB    . LEU A 1 103 ? -6.620  13.720  -5.836  1.00 35.13 ? 103 LEU A CB    1 
ATOM   724  C  CG    . LEU A 1 103 ? -7.414  14.657  -4.924  1.00 35.36 ? 103 LEU A CG    1 
ATOM   725  C  CD1   . LEU A 1 103 ? -6.505  15.782  -4.451  1.00 28.84 ? 103 LEU A CD1   1 
ATOM   726  C  CD2   . LEU A 1 103 ? -8.639  15.211  -5.658  1.00 34.84 ? 103 LEU A CD2   1 
ATOM   727  N  N     . PRO A 1 104 ? -6.721  11.191  -8.292  1.00 39.49 ? 104 PRO A N     1 
ATOM   728  C  CA    . PRO A 1 104 ? -5.892  10.378  -9.200  1.00 35.76 ? 104 PRO A CA    1 
ATOM   729  C  C     . PRO A 1 104 ? -4.469  10.884  -9.479  1.00 34.06 ? 104 PRO A C     1 
ATOM   730  O  O     . PRO A 1 104 ? -3.524  10.088  -9.552  1.00 34.35 ? 104 PRO A O     1 
ATOM   731  C  CB    . PRO A 1 104 ? -6.751  10.280  -10.471 1.00 36.66 ? 104 PRO A CB    1 
ATOM   732  C  CG    . PRO A 1 104 ? -7.654  11.487  -10.388 1.00 40.92 ? 104 PRO A CG    1 
ATOM   733  C  CD    . PRO A 1 104 ? -8.009  11.531  -8.922  1.00 40.81 ? 104 PRO A CD    1 
ATOM   734  N  N     . GLY A 1 105 ? -4.300  12.192  -9.606  1.00 32.36 ? 105 GLY A N     1 
ATOM   735  C  CA    . GLY A 1 105 ? -2.970  12.733  -9.849  1.00 30.16 ? 105 GLY A CA    1 
ATOM   736  C  C     . GLY A 1 105 ? -2.034  12.577  -8.650  1.00 31.08 ? 105 GLY A C     1 
ATOM   737  O  O     . GLY A 1 105 ? -0.815  12.496  -8.806  1.00 28.31 ? 105 GLY A O     1 
ATOM   738  N  N     . VAL A 1 106 ? -2.604  12.570  -7.448  1.00 27.95 ? 106 VAL A N     1 
ATOM   739  C  CA    . VAL A 1 106 ? -1.821  12.396  -6.226  1.00 27.93 ? 106 VAL A CA    1 
ATOM   740  C  C     . VAL A 1 106 ? -1.371  10.938  -6.121  1.00 29.62 ? 106 VAL A C     1 
ATOM   741  O  O     . VAL A 1 106 ? -0.225  10.657  -5.737  1.00 25.91 ? 106 VAL A O     1 
ATOM   742  C  CB    . VAL A 1 106 ? -2.630  12.786  -4.988  1.00 27.00 ? 106 VAL A CB    1 
ATOM   743  C  CG1   . VAL A 1 106 ? -1.836  12.466  -3.703  1.00 27.36 ? 106 VAL A CG1   1 
ATOM   744  C  CG2   . VAL A 1 106 ? -2.951  14.267  -5.056  1.00 29.77 ? 106 VAL A CG2   1 
ATOM   745  N  N     . ARG A 1 107 ? -2.261  10.015  -6.493  1.00 27.57 ? 107 ARG A N     1 
ATOM   746  C  CA    . ARG A 1 107 ? -1.924  8.594   -6.475  1.00 27.44 ? 107 ARG A CA    1 
ATOM   747  C  C     . ARG A 1 107 ? -0.751  8.346   -7.428  1.00 27.31 ? 107 ARG A C     1 
ATOM   748  O  O     . ARG A 1 107 ? 0.223   7.659   -7.068  1.00 27.63 ? 107 ARG A O     1 
ATOM   749  C  CB    . ARG A 1 107 ? -3.139  7.734   -6.850  1.00 26.85 ? 107 ARG A CB    1 
ATOM   750  C  CG    . ARG A 1 107 ? -4.297  7.885   -5.867  1.00 26.46 ? 107 ARG A CG    1 
ATOM   751  C  CD    . ARG A 1 107 ? -5.276  6.710   -5.917  1.00 30.12 ? 107 ARG A CD    1 
ATOM   752  N  NE    . ARG A 1 107 ? -4.762  5.494   -5.271  1.00 30.35 ? 107 ARG A NE    1 
ATOM   753  C  CZ    . ARG A 1 107 ? -4.752  5.274   -3.951  1.00 31.39 ? 107 ARG A CZ    1 
ATOM   754  N  NH1   . ARG A 1 107 ? -5.217  6.180   -3.101  1.00 23.88 ? 107 ARG A NH1   1 
ATOM   755  N  NH2   . ARG A 1 107 ? -4.284  4.134   -3.473  1.00 25.39 ? 107 ARG A NH2   1 
ATOM   756  N  N     . ALA A 1 108 ? -0.800  8.978   -8.605  1.00 25.76 ? 108 ALA A N     1 
ATOM   757  C  CA    . ALA A 1 108 ? 0.273   8.817   -9.586  1.00 25.87 ? 108 ALA A CA    1 
ATOM   758  C  C     . ALA A 1 108 ? 1.556   9.400   -9.035  1.00 24.34 ? 108 ALA A C     1 
ATOM   759  O  O     . ALA A 1 108 ? 2.626   8.845   -9.236  1.00 26.06 ? 108 ALA A O     1 
ATOM   760  C  CB    . ALA A 1 108 ? -0.086  9.474   -10.920 1.00 23.22 ? 108 ALA A CB    1 
ATOM   761  N  N     . TRP A 1 109 ? 1.444   10.523  -8.332  1.00 24.98 ? 109 TRP A N     1 
ATOM   762  C  CA    . TRP A 1 109 ? 2.617   11.147  -7.725  1.00 25.10 ? 109 TRP A CA    1 
ATOM   763  C  C     . TRP A 1 109 ? 3.212   10.190  -6.676  1.00 26.22 ? 109 TRP A C     1 
ATOM   764  O  O     . TRP A 1 109 ? 4.433   10.006  -6.613  1.00 26.37 ? 109 TRP A O     1 
ATOM   765  C  CB    . TRP A 1 109 ? 2.235   12.497  -7.088  1.00 25.97 ? 109 TRP A CB    1 
ATOM   766  C  CG    . TRP A 1 109 ? 3.292   13.071  -6.184  1.00 24.98 ? 109 TRP A CG    1 
ATOM   767  C  CD1   . TRP A 1 109 ? 4.417   13.762  -6.555  1.00 25.37 ? 109 TRP A CD1   1 
ATOM   768  C  CD2   . TRP A 1 109 ? 3.349   12.949  -4.761  1.00 25.87 ? 109 TRP A CD2   1 
ATOM   769  N  NE1   . TRP A 1 109 ? 5.173   14.066  -5.449  1.00 25.68 ? 109 TRP A NE1   1 
ATOM   770  C  CE2   . TRP A 1 109 ? 4.542   13.575  -4.335  1.00 22.75 ? 109 TRP A CE2   1 
ATOM   771  C  CE3   . TRP A 1 109 ? 2.507   12.368  -3.803  1.00 23.66 ? 109 TRP A CE3   1 
ATOM   772  C  CZ2   . TRP A 1 109 ? 4.914   13.633  -2.992  1.00 23.76 ? 109 TRP A CZ2   1 
ATOM   773  C  CZ3   . TRP A 1 109 ? 2.878   12.428  -2.458  1.00 23.25 ? 109 TRP A CZ3   1 
ATOM   774  C  CH2   . TRP A 1 109 ? 4.069   13.055  -2.069  1.00 27.34 ? 109 TRP A CH2   1 
ATOM   775  N  N     . VAL A 1 110 ? 2.343   9.578   -5.866  1.00 24.09 ? 110 VAL A N     1 
ATOM   776  C  CA    . VAL A 1 110 ? 2.783   8.635   -4.833  1.00 24.65 ? 110 VAL A CA    1 
ATOM   777  C  C     . VAL A 1 110 ? 3.482   7.440   -5.474  1.00 27.31 ? 110 VAL A C     1 
ATOM   778  O  O     . VAL A 1 110 ? 4.502   6.961   -4.977  1.00 28.07 ? 110 VAL A O     1 
ATOM   779  C  CB    . VAL A 1 110 ? 1.591   8.092   -4.002  1.00 25.77 ? 110 VAL A CB    1 
ATOM   780  C  CG1   . VAL A 1 110 ? 1.992   6.807   -3.251  1.00 26.97 ? 110 VAL A CG1   1 
ATOM   781  C  CG2   . VAL A 1 110 ? 1.123   9.141   -3.011  1.00 25.25 ? 110 VAL A CG2   1 
ATOM   782  N  N     . ASN A 1 111 ? 2.916   6.964   -6.577  1.00 25.32 ? 111 ASN A N     1 
ATOM   783  C  CA    . ASN A 1 111 ? 3.479   5.829   -7.271  1.00 27.26 ? 111 ASN A CA    1 
ATOM   784  C  C     . ASN A 1 111 ? 4.852   6.157   -7.840  1.00 28.85 ? 111 ASN A C     1 
ATOM   785  O  O     . ASN A 1 111 ? 5.779   5.358   -7.703  1.00 28.46 ? 111 ASN A O     1 
ATOM   786  C  CB    . ASN A 1 111 ? 2.484   5.284   -8.291  1.00 25.68 ? 111 ASN A CB    1 
ATOM   787  C  CG    . ASN A 1 111 ? 1.296   4.618   -7.610  1.00 30.57 ? 111 ASN A CG    1 
ATOM   788  O  OD1   . ASN A 1 111 ? 1.359   4.302   -6.421  1.00 28.47 ? 111 ASN A OD1   1 
ATOM   789  N  ND2   . ASN A 1 111 ? 0.208   4.435   -8.335  1.00 28.17 ? 111 ASN A ND2   1 
ATOM   790  N  N     . ARG A 1 112 ? 5.017   7.369   -8.364  1.00 29.95 ? 112 ARG A N     1 
ATOM   791  C  CA    . ARG A 1 112 ? 6.319   7.796   -8.862  1.00 28.61 ? 112 ARG A CA    1 
ATOM   792  C  C     . ARG A 1 112 ? 7.332   7.877   -7.695  1.00 30.46 ? 112 ARG A C     1 
ATOM   793  O  O     . ARG A 1 112 ? 8.499   7.528   -7.868  1.00 30.81 ? 112 ARG A O     1 
ATOM   794  C  CB    . ARG A 1 112 ? 6.223   9.149   -9.586  1.00 32.79 ? 112 ARG A CB    1 
ATOM   795  C  CG    . ARG A 1 112 ? 5.464   9.109   -10.915 1.00 32.74 ? 112 ARG A CG    1 
ATOM   796  C  CD    . ARG A 1 112 ? 5.642   10.386  -11.744 1.00 35.09 ? 112 ARG A CD    1 
ATOM   797  N  NE    . ARG A 1 112 ? 5.052   11.594  -11.146 1.00 35.48 ? 112 ARG A NE    1 
ATOM   798  C  CZ    . ARG A 1 112 ? 3.762   11.926  -11.210 1.00 32.89 ? 112 ARG A CZ    1 
ATOM   799  N  NH1   . ARG A 1 112 ? 2.894   11.137  -11.826 1.00 35.29 ? 112 ARG A NH1   1 
ATOM   800  N  NH2   . ARG A 1 112 ? 3.350   13.097  -10.733 1.00 36.18 ? 112 ARG A NH2   1 
ATOM   801  N  N     . ARG A 1 113 ? 6.901   8.321   -6.509  1.00 29.74 ? 113 ARG A N     1 
ATOM   802  C  CA    . ARG A 1 113 ? 7.830   8.383   -5.365  1.00 28.34 ? 113 ARG A CA    1 
ATOM   803  C  C     . ARG A 1 113 ? 8.222   6.970   -4.951  1.00 27.56 ? 113 ARG A C     1 
ATOM   804  O  O     . ARG A 1 113 ? 9.356   6.742   -4.533  1.00 30.66 ? 113 ARG A O     1 
ATOM   805  C  CB    . ARG A 1 113 ? 7.231   9.079   -4.150  1.00 27.47 ? 113 ARG A CB    1 
ATOM   806  C  CG    . ARG A 1 113 ? 6.824   10.507  -4.350  1.00 33.31 ? 113 ARG A CG    1 
ATOM   807  C  CD    . ARG A 1 113 ? 7.981   11.350  -4.854  1.00 39.04 ? 113 ARG A CD    1 
ATOM   808  N  NE    . ARG A 1 113 ? 7.465   12.119  -5.961  1.00 47.37 ? 113 ARG A NE    1 
ATOM   809  C  CZ    . ARG A 1 113 ? 7.939   12.080  -7.193  1.00 43.59 ? 113 ARG A CZ    1 
ATOM   810  N  NH1   . ARG A 1 113 ? 8.987   11.327  -7.493  1.00 40.55 ? 113 ARG A NH1   1 
ATOM   811  N  NH2   . ARG A 1 113 ? 7.255   12.685  -8.146  1.00 47.68 ? 113 ARG A NH2   1 
ATOM   812  N  N     . LEU A 1 114 ? 7.281   6.030   -5.063  1.00 28.19 ? 114 LEU A N     1 
ATOM   813  C  CA    . LEU A 1 114 ? 7.554   4.637   -4.718  1.00 29.66 ? 114 LEU A CA    1 
ATOM   814  C  C     . LEU A 1 114 ? 8.557   4.026   -5.691  1.00 28.03 ? 114 LEU A C     1 
ATOM   815  O  O     . LEU A 1 114 ? 9.504   3.386   -5.271  1.00 26.48 ? 114 LEU A O     1 
ATOM   816  C  CB    . LEU A 1 114 ? 6.269   3.799   -4.681  1.00 26.87 ? 114 LEU A CB    1 
ATOM   817  C  CG    . LEU A 1 114 ? 5.280   4.163   -3.567  1.00 26.98 ? 114 LEU A CG    1 
ATOM   818  C  CD1   . LEU A 1 114 ? 3.946   3.440   -3.743  1.00 24.52 ? 114 LEU A CD1   1 
ATOM   819  C  CD2   . LEU A 1 114 ? 5.891   3.862   -2.208  1.00 27.38 ? 114 LEU A CD2   1 
ATOM   820  N  N     . LYS A 1 115 ? 8.408   4.314   -6.978  1.00 28.24 ? 115 LYS A N     1 
ATOM   821  C  CA    . LYS A 1 115 ? 9.314   3.757   -7.983  1.00 30.52 ? 115 LYS A CA    1 
ATOM   822  C  C     . LYS A 1 115 ? 10.754  4.274   -7.948  1.00 30.88 ? 115 LYS A C     1 
ATOM   823  O  O     . LYS A 1 115 ? 11.625  3.690   -8.576  1.00 33.88 ? 115 LYS A O     1 
ATOM   824  C  CB    . LYS A 1 115 ? 8.720   3.893   -9.394  1.00 29.93 ? 115 LYS A CB    1 
ATOM   825  C  CG    . LYS A 1 115 ? 7.385   3.153   -9.576  1.00 39.06 ? 115 LYS A CG    1 
ATOM   826  C  CD    . LYS A 1 115 ? 7.081   2.790   -11.049 1.00 46.99 ? 115 LYS A CD    1 
ATOM   827  C  CE    . LYS A 1 115 ? 6.819   4.013   -11.938 1.00 52.91 ? 115 LYS A CE    1 
ATOM   828  N  NZ    . LYS A 1 115 ? 5.561   4.765   -11.609 1.00 54.73 ? 115 LYS A NZ    1 
ATOM   829  N  N     . GLU A 1 116 ? 11.001  5.350   -7.205  1.00 32.39 ? 116 GLU A N     1 
ATOM   830  C  CA    . GLU A 1 116 ? 12.347  5.934   -7.068  1.00 34.24 ? 116 GLU A CA    1 
ATOM   831  C  C     . GLU A 1 116 ? 13.170  5.294   -5.969  1.00 32.67 ? 116 GLU A C     1 
ATOM   832  O  O     . GLU A 1 116 ? 14.371  5.534   -5.871  1.00 33.55 ? 116 GLU A O     1 
ATOM   833  C  CB    . GLU A 1 116 ? 12.271  7.404   -6.682  1.00 31.49 ? 116 GLU A CB    1 
ATOM   834  C  CG    . GLU A 1 116 ? 11.752  8.301   -7.744  1.00 41.06 ? 116 GLU A CG    1 
ATOM   835  C  CD    . GLU A 1 116 ? 11.535  9.704   -7.235  1.00 42.65 ? 116 GLU A CD    1 
ATOM   836  O  OE1   . GLU A 1 116 ? 11.433  9.907   -5.992  1.00 42.49 ? 116 GLU A OE1   1 
ATOM   837  O  OE2   . GLU A 1 116 ? 11.459  10.602  -8.095  1.00 46.47 ? 116 GLU A OE2   1 
ATOM   838  N  N     . VAL A 1 117 ? 12.500  4.616   -5.051  1.00 30.73 ? 117 VAL A N     1 
ATOM   839  C  CA    . VAL A 1 117 ? 13.203  3.999   -3.945  1.00 28.59 ? 117 VAL A CA    1 
ATOM   840  C  C     . VAL A 1 117 ? 14.148  2.905   -4.444  1.00 29.83 ? 117 VAL A C     1 
ATOM   841  O  O     . VAL A 1 117 ? 13.775  2.067   -5.265  1.00 29.58 ? 117 VAL A O     1 
ATOM   842  C  CB    . VAL A 1 117 ? 12.211  3.378   -2.945  1.00 28.87 ? 117 VAL A CB    1 
ATOM   843  C  CG1   . VAL A 1 117 ? 12.974  2.765   -1.782  1.00 27.90 ? 117 VAL A CG1   1 
ATOM   844  C  CG2   . VAL A 1 117 ? 11.191  4.430   -2.465  1.00 26.90 ? 117 VAL A CG2   1 
ATOM   845  N  N     . PRO A 1 118 ? 15.412  2.951   -4.020  1.00 29.79 ? 118 PRO A N     1 
ATOM   846  C  CA    . PRO A 1 118 ? 16.292  1.881   -4.500  1.00 30.58 ? 118 PRO A CA    1 
ATOM   847  C  C     . PRO A 1 118 ? 16.016  0.563   -3.756  1.00 34.69 ? 118 PRO A C     1 
ATOM   848  O  O     . PRO A 1 118 ? 15.600  0.562   -2.595  1.00 35.22 ? 118 PRO A O     1 
ATOM   849  C  CB    . PRO A 1 118 ? 17.697  2.417   -4.191  1.00 32.12 ? 118 PRO A CB    1 
ATOM   850  C  CG    . PRO A 1 118 ? 17.480  3.383   -3.049  1.00 32.31 ? 118 PRO A CG    1 
ATOM   851  C  CD    . PRO A 1 118 ? 16.177  4.062   -3.418  1.00 27.28 ? 118 PRO A CD    1 
ATOM   852  N  N     . PRO A 1 119 ? 16.106  -0.569  -4.464  1.00 34.05 ? 119 PRO A N     1 
ATOM   853  C  CA    . PRO A 1 119 ? 15.876  -1.870  -3.830  1.00 33.50 ? 119 PRO A CA    1 
ATOM   854  C  C     . PRO A 1 119 ? 16.999  -2.114  -2.807  1.00 34.10 ? 119 PRO A C     1 
ATOM   855  O  O     . PRO A 1 119 ? 18.003  -1.393  -2.811  1.00 31.28 ? 119 PRO A O     1 
ATOM   856  C  CB    . PRO A 1 119 ? 15.972  -2.831  -5.010  1.00 32.88 ? 119 PRO A CB    1 
ATOM   857  C  CG    . PRO A 1 119 ? 15.426  -1.997  -6.152  1.00 35.60 ? 119 PRO A CG    1 
ATOM   858  C  CD    . PRO A 1 119 ? 16.148  -0.691  -5.930  1.00 33.49 ? 119 PRO A CD    1 
ATOM   859  N  N     . PRO A 1 120 ? 16.847  -3.119  -1.917  1.00 32.95 ? 120 PRO A N     1 
ATOM   860  C  CA    . PRO A 1 120 ? 15.720  -4.049  -1.782  1.00 31.25 ? 120 PRO A CA    1 
ATOM   861  C  C     . PRO A 1 120 ? 14.619  -3.579  -0.837  1.00 28.93 ? 120 PRO A C     1 
ATOM   862  O  O     . PRO A 1 120 ? 14.849  -2.765  0.050   1.00 29.36 ? 120 PRO A O     1 
ATOM   863  C  CB    . PRO A 1 120 ? 16.391  -5.280  -1.194  1.00 34.20 ? 120 PRO A CB    1 
ATOM   864  C  CG    . PRO A 1 120 ? 17.321  -4.663  -0.191  1.00 32.89 ? 120 PRO A CG    1 
ATOM   865  C  CD    . PRO A 1 120 ? 17.939  -3.510  -0.998  1.00 33.26 ? 120 PRO A CD    1 
ATOM   866  N  N     . PHE A 1 121 ? 13.430  -4.146  -1.014  1.00 27.61 ? 121 PHE A N     1 
ATOM   867  C  CA    . PHE A 1 121 ? 12.281  -3.847  -0.175  1.00 25.88 ? 121 PHE A CA    1 
ATOM   868  C  C     . PHE A 1 121 ? 11.108  -4.747  -0.537  1.00 27.43 ? 121 PHE A C     1 
ATOM   869  O  O     . PHE A 1 121 ? 11.162  -5.484  -1.517  1.00 26.23 ? 121 PHE A O     1 
ATOM   870  C  CB    . PHE A 1 121 ? 11.852  -2.366  -0.286  1.00 25.55 ? 121 PHE A CB    1 
ATOM   871  C  CG    . PHE A 1 121 ? 11.528  -1.919  -1.690  1.00 26.74 ? 121 PHE A CG    1 
ATOM   872  C  CD1   . PHE A 1 121 ? 12.402  -1.085  -2.378  1.00 20.85 ? 121 PHE A CD1   1 
ATOM   873  C  CD2   . PHE A 1 121 ? 10.343  -2.321  -2.313  1.00 24.01 ? 121 PHE A CD2   1 
ATOM   874  C  CE1   . PHE A 1 121 ? 12.107  -0.652  -3.669  1.00 27.42 ? 121 PHE A CE1   1 
ATOM   875  C  CE2   . PHE A 1 121 ? 10.031  -1.899  -3.606  1.00 23.02 ? 121 PHE A CE2   1 
ATOM   876  C  CZ    . PHE A 1 121 ? 10.910  -1.063  -4.290  1.00 24.87 ? 121 PHE A CZ    1 
ATOM   877  N  N     . VAL A 1 122 ? 10.071  -4.692  0.295   1.00 26.73 ? 122 VAL A N     1 
ATOM   878  C  CA    . VAL A 1 122 ? 8.845   -5.441  0.083   1.00 25.71 ? 122 VAL A CA    1 
ATOM   879  C  C     . VAL A 1 122 ? 7.765   -4.377  -0.092  1.00 27.46 ? 122 VAL A C     1 
ATOM   880  O  O     . VAL A 1 122 ? 7.773   -3.365  0.609   1.00 27.83 ? 122 VAL A O     1 
ATOM   881  C  CB    . VAL A 1 122 ? 8.486   -6.332  1.306   1.00 28.93 ? 122 VAL A CB    1 
ATOM   882  C  CG1   . VAL A 1 122 ? 7.246   -7.186  0.991   1.00 25.69 ? 122 VAL A CG1   1 
ATOM   883  C  CG2   . VAL A 1 122 ? 9.666   -7.237  1.672   1.00 24.58 ? 122 VAL A CG2   1 
ATOM   884  N  N     . ALA A 1 123 ? 6.861   -4.593  -1.046  1.00 27.24 ? 123 ALA A N     1 
ATOM   885  C  CA    . ALA A 1 123 ? 5.780   -3.652  -1.314  1.00 28.48 ? 123 ALA A CA    1 
ATOM   886  C  C     . ALA A 1 123 ? 4.635   -4.319  -2.042  1.00 28.02 ? 123 ALA A C     1 
ATOM   887  O  O     . ALA A 1 123 ? 4.697   -5.501  -2.404  1.00 25.39 ? 123 ALA A O     1 
ATOM   888  C  CB    . ALA A 1 123 ? 6.296   -2.472  -2.157  1.00 27.91 ? 123 ALA A CB    1 
ATOM   889  N  N     . GLU A 1 124 ? 3.558   -3.569  -2.226  1.00 26.70 ? 124 GLU A N     1 
ATOM   890  C  CA    . GLU A 1 124 ? 2.431   -4.105  -2.966  1.00 28.37 ? 124 GLU A CA    1 
ATOM   891  C  C     . GLU A 1 124 ? 2.812   -3.839  -4.422  1.00 27.07 ? 124 GLU A C     1 
ATOM   892  O  O     . GLU A 1 124 ? 3.367   -2.797  -4.729  1.00 26.27 ? 124 GLU A O     1 
ATOM   893  C  CB    . GLU A 1 124 ? 1.137   -3.402  -2.567  1.00 26.16 ? 124 GLU A CB    1 
ATOM   894  C  CG    . GLU A 1 124 ? -0.082  -3.990  -3.240  1.00 37.73 ? 124 GLU A CG    1 
ATOM   895  C  CD    . GLU A 1 124 ? -1.397  -3.419  -2.741  1.00 41.80 ? 124 GLU A CD    1 
ATOM   896  O  OE1   . GLU A 1 124 ? -1.428  -2.815  -1.645  1.00 45.22 ? 124 GLU A OE1   1 
ATOM   897  O  OE2   . GLU A 1 124 ? -2.408  -3.604  -3.449  1.00 36.42 ? 124 GLU A OE2   1 
ATOM   898  N  N     . GLY A 1 125 ? 2.603   -4.812  -5.296  1.00 29.00 ? 125 GLY A N     1 
ATOM   899  C  CA    . GLY A 1 125 ? 2.972   -4.633  -6.689  1.00 26.98 ? 125 GLY A CA    1 
ATOM   900  C  C     . GLY A 1 125 ? 2.026   -3.771  -7.500  1.00 29.11 ? 125 GLY A C     1 
ATOM   901  O  O     . GLY A 1 125 ? 2.401   -3.198  -8.526  1.00 28.01 ? 125 GLY A O     1 
ATOM   902  N  N     . ARG A 1 126 ? 0.805   -3.635  -7.008  1.00 26.03 ? 126 ARG A N     1 
ATOM   903  C  CA    . ARG A 1 126 ? -0.210  -2.857  -7.694  1.00 26.93 ? 126 ARG A CA    1 
ATOM   904  C  C     . ARG A 1 126 ? -0.863  -1.779  -6.832  1.00 28.11 ? 126 ARG A C     1 
ATOM   905  O  O     . ARG A 1 126 ? -0.798  -1.818  -5.611  1.00 24.52 ? 126 ARG A O     1 
ATOM   906  C  CB    . ARG A 1 126 ? -1.326  -3.790  -8.153  1.00 25.50 ? 126 ARG A CB    1 
ATOM   907  C  CG    . ARG A 1 126 ? -0.862  -4.973  -8.998  1.00 29.21 ? 126 ARG A CG    1 
ATOM   908  C  CD    . ARG A 1 126 ? -1.967  -6.008  -9.027  1.00 28.27 ? 126 ARG A CD    1 
ATOM   909  N  NE    . ARG A 1 126 ? -1.725  -7.075  -9.987  1.00 29.17 ? 126 ARG A NE    1 
ATOM   910  C  CZ    . ARG A 1 126 ? -2.469  -8.173  -10.052 1.00 28.16 ? 126 ARG A CZ    1 
ATOM   911  N  NH1   . ARG A 1 126 ? -3.485  -8.335  -9.208  1.00 25.52 ? 126 ARG A NH1   1 
ATOM   912  N  NH2   . ARG A 1 126 ? -2.208  -9.107  -10.957 1.00 27.35 ? 126 ARG A NH2   1 
ATOM   913  N  N     . ASP A 1 127 ? -1.485  -0.818  -7.509  1.00 27.37 ? 127 ASP A N     1 
ATOM   914  C  CA    . ASP A 1 127 ? -2.268  0.247   -6.887  1.00 31.70 ? 127 ASP A CA    1 
ATOM   915  C  C     . ASP A 1 127 ? -3.553  0.167   -7.713  1.00 33.52 ? 127 ASP A C     1 
ATOM   916  O  O     . ASP A 1 127 ? -3.702  0.859   -8.720  1.00 30.65 ? 127 ASP A O     1 
ATOM   917  C  CB    . ASP A 1 127 ? -1.637  1.633   -7.051  1.00 30.61 ? 127 ASP A CB    1 
ATOM   918  C  CG    . ASP A 1 127 ? -2.527  2.752   -6.482  1.00 35.33 ? 127 ASP A CG    1 
ATOM   919  O  OD1   . ASP A 1 127 ? -3.382  2.465   -5.613  1.00 38.48 ? 127 ASP A OD1   1 
ATOM   920  O  OD2   . ASP A 1 127 ? -2.381  3.915   -6.914  1.00 37.57 ? 127 ASP A OD2   1 
HETATM 921  N  N     . MSE A 1 128 ? -4.435  -0.748  -7.322  1.00 35.01 ? 128 MSE A N     1 
HETATM 922  C  CA    . MSE A 1 128 ? -5.691  -0.966  -8.023  1.00 37.84 ? 128 MSE A CA    1 
HETATM 923  C  C     . MSE A 1 128 ? -5.401  -1.466  -9.441  1.00 37.92 ? 128 MSE A C     1 
HETATM 924  O  O     . MSE A 1 128 ? -4.809  -2.533  -9.609  1.00 38.20 ? 128 MSE A O     1 
HETATM 925  C  CB    . MSE A 1 128 ? -6.521  0.314   -8.007  1.00 45.24 ? 128 MSE A CB    1 
HETATM 926  C  CG    . MSE A 1 128 ? -6.735  0.826   -6.581  1.00 59.59 ? 128 MSE A CG    1 
HETATM 927  SE SE    . MSE A 1 128 ? -7.936  2.332   -6.372  1.00 80.22 ? 128 MSE A SE    1 
HETATM 928  C  CE    . MSE A 1 128 ? -6.804  3.706   -7.081  1.00 67.30 ? 128 MSE A CE    1 
ATOM   929  N  N     . GLY A 1 129 ? -5.769  -0.688  -10.456 1.00 38.19 ? 129 GLY A N     1 
ATOM   930  C  CA    . GLY A 1 129 ? -5.527  -1.111  -11.825 1.00 33.36 ? 129 GLY A CA    1 
ATOM   931  C  C     . GLY A 1 129 ? -4.173  -0.705  -12.353 1.00 35.35 ? 129 GLY A C     1 
ATOM   932  O  O     . GLY A 1 129 ? -3.837  -1.006  -13.496 1.00 36.00 ? 129 GLY A O     1 
ATOM   933  N  N     . THR A 1 130 ? -3.387  -0.034  -11.516 1.00 33.03 ? 130 THR A N     1 
ATOM   934  C  CA    . THR A 1 130 ? -2.055  0.423   -11.900 1.00 32.53 ? 130 THR A CA    1 
ATOM   935  C  C     . THR A 1 130 ? -0.956  -0.562  -11.497 1.00 31.04 ? 130 THR A C     1 
ATOM   936  O  O     . THR A 1 130 ? -0.944  -1.086  -10.393 1.00 32.56 ? 130 THR A O     1 
ATOM   937  C  CB    . THR A 1 130 ? -1.748  1.815   -11.281 1.00 35.61 ? 130 THR A CB    1 
ATOM   938  O  OG1   . THR A 1 130 ? -2.805  2.720   -11.609 1.00 37.61 ? 130 THR A OG1   1 
ATOM   939  C  CG2   . THR A 1 130 ? -0.456  2.375   -11.819 1.00 30.58 ? 130 THR A CG2   1 
ATOM   940  N  N     . ALA A 1 131 ? -0.042  -0.806  -12.420 1.00 29.45 ? 131 ALA A N     1 
ATOM   941  C  CA    . ALA A 1 131 ? 1.077   -1.697  -12.206 1.00 28.68 ? 131 ALA A CA    1 
ATOM   942  C  C     . ALA A 1 131 ? 2.219   -0.839  -11.692 1.00 31.73 ? 131 ALA A C     1 
ATOM   943  O  O     . ALA A 1 131 ? 2.834   -0.101  -12.459 1.00 34.47 ? 131 ALA A O     1 
ATOM   944  C  CB    . ALA A 1 131 ? 1.462   -2.349  -13.517 1.00 29.75 ? 131 ALA A CB    1 
ATOM   945  N  N     . VAL A 1 132 ? 2.494   -0.932  -10.396 1.00 28.28 ? 132 VAL A N     1 
ATOM   946  C  CA    . VAL A 1 132 ? 3.555   -0.143  -9.778  1.00 25.18 ? 132 VAL A CA    1 
ATOM   947  C  C     . VAL A 1 132 ? 4.921   -0.832  -9.836  1.00 26.08 ? 132 VAL A C     1 
ATOM   948  O  O     . VAL A 1 132 ? 5.913   -0.213  -10.201 1.00 22.93 ? 132 VAL A O     1 
ATOM   949  C  CB    . VAL A 1 132 ? 3.182   0.246   -8.308  1.00 26.97 ? 132 VAL A CB    1 
ATOM   950  C  CG1   . VAL A 1 132 ? 4.236   1.210   -7.708  1.00 23.05 ? 132 VAL A CG1   1 
ATOM   951  C  CG2   . VAL A 1 132 ? 1.801   0.914   -8.289  1.00 26.56 ? 132 VAL A CG2   1 
ATOM   952  N  N     . PHE A 1 133 ? 4.983   -2.105  -9.462  1.00 24.48 ? 133 PHE A N     1 
ATOM   953  C  CA    . PHE A 1 133 ? 6.254   -2.822  -9.519  1.00 25.35 ? 133 PHE A CA    1 
ATOM   954  C  C     . PHE A 1 133 ? 6.111   -4.073  -10.388 1.00 26.01 ? 133 PHE A C     1 
ATOM   955  O  O     . PHE A 1 133 ? 6.355   -5.187  -9.947  1.00 26.05 ? 133 PHE A O     1 
ATOM   956  C  CB    . PHE A 1 133 ? 6.728   -3.153  -8.103  1.00 24.09 ? 133 PHE A CB    1 
ATOM   957  C  CG    . PHE A 1 133 ? 7.150   -1.949  -7.312  1.00 27.47 ? 133 PHE A CG    1 
ATOM   958  C  CD1   . PHE A 1 133 ? 8.299   -1.239  -7.662  1.00 27.78 ? 133 PHE A CD1   1 
ATOM   959  C  CD2   . PHE A 1 133 ? 6.399   -1.518  -6.214  1.00 25.98 ? 133 PHE A CD2   1 
ATOM   960  C  CE1   . PHE A 1 133 ? 8.699   -0.114  -6.933  1.00 24.74 ? 133 PHE A CE1   1 
ATOM   961  C  CE2   . PHE A 1 133 ? 6.790   -0.398  -5.473  1.00 22.64 ? 133 PHE A CE2   1 
ATOM   962  C  CZ    . PHE A 1 133 ? 7.944   0.309   -5.833  1.00 21.72 ? 133 PHE A CZ    1 
ATOM   963  N  N     . PRO A 1 134 ? 5.812   -3.883  -11.681 1.00 27.56 ? 134 PRO A N     1 
ATOM   964  C  CA    . PRO A 1 134 ? 5.631   -4.995  -12.626 1.00 28.93 ? 134 PRO A CA    1 
ATOM   965  C  C     . PRO A 1 134 ? 6.833   -5.880  -12.923 1.00 30.83 ? 134 PRO A C     1 
ATOM   966  O  O     . PRO A 1 134 ? 6.673   -6.973  -13.471 1.00 27.39 ? 134 PRO A O     1 
ATOM   967  C  CB    . PRO A 1 134 ? 5.134   -4.289  -13.894 1.00 26.10 ? 134 PRO A CB    1 
ATOM   968  C  CG    . PRO A 1 134 ? 5.879   -2.986  -13.845 1.00 28.71 ? 134 PRO A CG    1 
ATOM   969  C  CD    . PRO A 1 134 ? 5.787   -2.582  -12.383 1.00 23.69 ? 134 PRO A CD    1 
ATOM   970  N  N     . GLU A 1 135 ? 8.030   -5.417  -12.579 1.00 33.12 ? 135 GLU A N     1 
ATOM   971  C  CA    . GLU A 1 135 ? 9.242   -6.195  -12.843 1.00 35.88 ? 135 GLU A CA    1 
ATOM   972  C  C     . GLU A 1 135 ? 9.927   -6.739  -11.588 1.00 35.96 ? 135 GLU A C     1 
ATOM   973  O  O     . GLU A 1 135 ? 11.092  -7.111  -11.629 1.00 38.11 ? 135 GLU A O     1 
ATOM   974  C  CB    . GLU A 1 135 ? 10.231  -5.377  -13.687 1.00 39.81 ? 135 GLU A CB    1 
ATOM   975  C  CG    . GLU A 1 135 ? 9.620   -4.841  -14.997 1.00 50.10 ? 135 GLU A CG    1 
ATOM   976  C  CD    . GLU A 1 135 ? 10.635  -4.177  -15.938 1.00 57.01 ? 135 GLU A CD    1 
ATOM   977  O  OE1   . GLU A 1 135 ? 11.843  -4.131  -15.609 1.00 59.05 ? 135 GLU A OE1   1 
ATOM   978  O  OE2   . GLU A 1 135 ? 10.217  -3.706  -17.023 1.00 57.12 ? 135 GLU A OE2   1 
ATOM   979  N  N     . ALA A 1 136 ? 9.204   -6.796  -10.475 1.00 36.73 ? 136 ALA A N     1 
ATOM   980  C  CA    . ALA A 1 136 ? 9.771   -7.306  -9.231  1.00 36.64 ? 136 ALA A CA    1 
ATOM   981  C  C     . ALA A 1 136 ? 10.211  -8.764  -9.408  1.00 37.30 ? 136 ALA A C     1 
ATOM   982  O  O     . ALA A 1 136 ? 9.513   -9.562  -10.033 1.00 36.88 ? 136 ALA A O     1 
ATOM   983  C  CB    . ALA A 1 136 ? 8.756   -7.191  -8.109  1.00 34.84 ? 136 ALA A CB    1 
ATOM   984  N  N     . ALA A 1 137 ? 11.380  -9.093  -8.878  1.00 36.86 ? 137 ALA A N     1 
ATOM   985  C  CA    . ALA A 1 137 ? 11.934  -10.444 -8.978  1.00 38.02 ? 137 ALA A CA    1 
ATOM   986  C  C     . ALA A 1 137 ? 11.143  -11.518 -8.231  1.00 38.12 ? 137 ALA A C     1 
ATOM   987  O  O     . ALA A 1 137 ? 11.203  -12.687 -8.596  1.00 40.59 ? 137 ALA A O     1 
ATOM   988  C  CB    . ALA A 1 137 ? 13.382  -10.453 -8.488  1.00 34.82 ? 137 ALA A CB    1 
ATOM   989  N  N     . HIS A 1 138 ? 10.451  -11.139 -7.159  1.00 35.10 ? 138 HIS A N     1 
ATOM   990  C  CA    . HIS A 1 138 ? 9.694   -12.110 -6.379  1.00 37.00 ? 138 HIS A CA    1 
ATOM   991  C  C     . HIS A 1 138 ? 8.266   -11.639 -6.165  1.00 34.23 ? 138 HIS A C     1 
ATOM   992  O  O     . HIS A 1 138 ? 8.006   -10.822 -5.285  1.00 35.21 ? 138 HIS A O     1 
ATOM   993  C  CB    . HIS A 1 138 ? 10.377  -12.331 -5.031  1.00 39.80 ? 138 HIS A CB    1 
ATOM   994  C  CG    . HIS A 1 138 ? 11.852  -12.575 -5.136  1.00 49.28 ? 138 HIS A CG    1 
ATOM   995  N  ND1   . HIS A 1 138 ? 12.381  -13.769 -5.585  1.00 49.45 ? 138 HIS A ND1   1 
ATOM   996  C  CD2   . HIS A 1 138 ? 12.909  -11.770 -4.870  1.00 46.96 ? 138 HIS A CD2   1 
ATOM   997  C  CE1   . HIS A 1 138 ? 13.700  -13.686 -5.588  1.00 50.36 ? 138 HIS A CE1   1 
ATOM   998  N  NE2   . HIS A 1 138 ? 14.045  -12.484 -5.160  1.00 50.57 ? 138 HIS A NE2   1 
ATOM   999  N  N     . LYS A 1 139 ? 7.350   -12.147 -6.980  1.00 31.41 ? 139 LYS A N     1 
ATOM   1000 C  CA    . LYS A 1 139 ? 5.954   -11.771 -6.883  1.00 28.02 ? 139 LYS A CA    1 
ATOM   1001 C  C     . LYS A 1 139 ? 5.140   -12.874 -6.235  1.00 29.43 ? 139 LYS A C     1 
ATOM   1002 O  O     . LYS A 1 139 ? 5.302   -14.049 -6.557  1.00 31.07 ? 139 LYS A O     1 
ATOM   1003 C  CB    . LYS A 1 139 ? 5.374   -11.463 -8.262  1.00 27.01 ? 139 LYS A CB    1 
ATOM   1004 C  CG    . LYS A 1 139 ? 6.096   -10.397 -9.052  1.00 31.17 ? 139 LYS A CG    1 
ATOM   1005 C  CD    . LYS A 1 139 ? 5.284   -10.094 -10.292 1.00 37.03 ? 139 LYS A CD    1 
ATOM   1006 C  CE    . LYS A 1 139 ? 5.870   -8.989  -11.136 1.00 37.15 ? 139 LYS A CE    1 
ATOM   1007 N  NZ    . LYS A 1 139 ? 7.170   -9.371  -11.729 1.00 38.12 ? 139 LYS A NZ    1 
ATOM   1008 N  N     . PHE A 1 140 ? 4.248   -12.476 -5.332  1.00 27.36 ? 140 PHE A N     1 
ATOM   1009 C  CA    . PHE A 1 140 ? 3.367   -13.398 -4.611  1.00 26.97 ? 140 PHE A CA    1 
ATOM   1010 C  C     . PHE A 1 140 ? 1.963   -12.836 -4.623  1.00 26.84 ? 140 PHE A C     1 
ATOM   1011 O  O     . PHE A 1 140 ? 1.772   -11.628 -4.456  1.00 25.41 ? 140 PHE A O     1 
ATOM   1012 C  CB    . PHE A 1 140 ? 3.812   -13.543 -3.154  1.00 24.76 ? 140 PHE A CB    1 
ATOM   1013 C  CG    . PHE A 1 140 ? 5.164   -14.155 -2.995  1.00 28.64 ? 140 PHE A CG    1 
ATOM   1014 C  CD1   . PHE A 1 140 ? 5.317   -15.544 -2.970  1.00 31.46 ? 140 PHE A CD1   1 
ATOM   1015 C  CD2   . PHE A 1 140 ? 6.291   -13.360 -2.864  1.00 31.82 ? 140 PHE A CD2   1 
ATOM   1016 C  CE1   . PHE A 1 140 ? 6.572   -16.128 -2.817  1.00 32.09 ? 140 PHE A CE1   1 
ATOM   1017 C  CE2   . PHE A 1 140 ? 7.563   -13.938 -2.706  1.00 34.15 ? 140 PHE A CE2   1 
ATOM   1018 C  CZ    . PHE A 1 140 ? 7.697   -15.323 -2.684  1.00 31.43 ? 140 PHE A CZ    1 
ATOM   1019 N  N     . TYR A 1 141 ? 0.984   -13.707 -4.836  1.00 25.89 ? 141 TYR A N     1 
ATOM   1020 C  CA    . TYR A 1 141 ? -0.409  -13.292 -4.848  1.00 24.34 ? 141 TYR A CA    1 
ATOM   1021 C  C     . TYR A 1 141 ? -1.179  -14.103 -3.790  1.00 28.20 ? 141 TYR A C     1 
ATOM   1022 O  O     . TYR A 1 141 ? -1.265  -15.325 -3.868  1.00 25.87 ? 141 TYR A O     1 
ATOM   1023 C  CB    . TYR A 1 141 ? -1.011  -13.495 -6.230  1.00 23.77 ? 141 TYR A CB    1 
ATOM   1024 C  CG    . TYR A 1 141 ? -2.414  -12.945 -6.382  1.00 27.77 ? 141 TYR A CG    1 
ATOM   1025 C  CD1   . TYR A 1 141 ? -3.525  -13.766 -6.217  1.00 24.14 ? 141 TYR A CD1   1 
ATOM   1026 C  CD2   . TYR A 1 141 ? -2.629  -11.585 -6.659  1.00 28.83 ? 141 TYR A CD2   1 
ATOM   1027 C  CE1   . TYR A 1 141 ? -4.826  -13.245 -6.318  1.00 28.69 ? 141 TYR A CE1   1 
ATOM   1028 C  CE2   . TYR A 1 141 ? -3.926  -11.059 -6.761  1.00 23.09 ? 141 TYR A CE2   1 
ATOM   1029 C  CZ    . TYR A 1 141 ? -5.012  -11.887 -6.584  1.00 26.95 ? 141 TYR A CZ    1 
ATOM   1030 O  OH    . TYR A 1 141 ? -6.274  -11.347 -6.591  1.00 28.72 ? 141 TYR A OH    1 
ATOM   1031 N  N     . LEU A 1 142 ? -1.701  -13.413 -2.781  1.00 27.25 ? 142 LEU A N     1 
ATOM   1032 C  CA    . LEU A 1 142 ? -2.440  -14.065 -1.712  1.00 30.75 ? 142 LEU A CA    1 
ATOM   1033 C  C     . LEU A 1 142 ? -3.926  -14.034 -2.001  1.00 35.27 ? 142 LEU A C     1 
ATOM   1034 O  O     . LEU A 1 142 ? -4.524  -12.965 -2.063  1.00 40.55 ? 142 LEU A O     1 
ATOM   1035 C  CB    . LEU A 1 142 ? -2.170  -13.362 -0.392  1.00 31.26 ? 142 LEU A CB    1 
ATOM   1036 C  CG    . LEU A 1 142 ? -0.710  -13.225 0.028   1.00 30.64 ? 142 LEU A CG    1 
ATOM   1037 C  CD1   . LEU A 1 142 ? -0.656  -12.594 1.405   1.00 33.57 ? 142 LEU A CD1   1 
ATOM   1038 C  CD2   . LEU A 1 142 ? -0.038  -14.576 0.045   1.00 30.36 ? 142 LEU A CD2   1 
ATOM   1039 N  N     . THR A 1 143 ? -4.518  -15.206 -2.202  1.00 35.77 ? 143 THR A N     1 
ATOM   1040 C  CA    . THR A 1 143 ? -5.942  -15.285 -2.488  1.00 39.14 ? 143 THR A CA    1 
ATOM   1041 C  C     . THR A 1 143 ? -6.696  -16.142 -1.478  1.00 37.53 ? 143 THR A C     1 
ATOM   1042 O  O     . THR A 1 143 ? -6.122  -16.976 -0.789  1.00 39.06 ? 143 THR A O     1 
ATOM   1043 C  CB    . THR A 1 143 ? -6.218  -15.838 -3.903  1.00 38.54 ? 143 THR A CB    1 
ATOM   1044 O  OG1   . THR A 1 143 ? -7.621  -15.750 -4.173  1.00 49.63 ? 143 THR A OG1   1 
ATOM   1045 C  CG2   . THR A 1 143 ? -5.801  -17.290 -4.015  1.00 40.93 ? 143 THR A CG2   1 
ATOM   1046 N  N     . ALA A 1 144 ? -7.998  -15.913 -1.418  1.00 35.19 ? 144 ALA A N     1 
ATOM   1047 C  CA    . ALA A 1 144 ? -8.895  -16.634 -0.540  1.00 34.09 ? 144 ALA A CA    1 
ATOM   1048 C  C     . ALA A 1 144 ? -10.311 -16.268 -0.935  1.00 34.12 ? 144 ALA A C     1 
ATOM   1049 O  O     . ALA A 1 144 ? -10.554 -15.197 -1.491  1.00 34.44 ? 144 ALA A O     1 
ATOM   1050 C  CB    . ALA A 1 144 ? -8.639  -16.266 0.909   1.00 33.37 ? 144 ALA A CB    1 
ATOM   1051 N  N     . SER A 1 145 ? -11.250 -17.157 -0.656  1.00 29.69 ? 145 SER A N     1 
ATOM   1052 C  CA    . SER A 1 145 ? -12.640 -16.896 -0.994  1.00 31.12 ? 145 SER A CA    1 
ATOM   1053 C  C     . SER A 1 145 ? -13.149 -15.665 -0.253  1.00 29.78 ? 145 SER A C     1 
ATOM   1054 O  O     . SER A 1 145 ? -12.679 -15.356 0.852   1.00 27.62 ? 145 SER A O     1 
ATOM   1055 C  CB    . SER A 1 145 ? -13.503 -18.090 -0.577  1.00 25.23 ? 145 SER A CB    1 
ATOM   1056 O  OG    . SER A 1 145 ? -13.500 -18.203 0.833   1.00 29.07 ? 145 SER A OG    1 
ATOM   1057 N  N     . PRO A 1 146 ? -14.109 -14.934 -0.855  1.00 30.08 ? 146 PRO A N     1 
ATOM   1058 C  CA    . PRO A 1 146 ? -14.634 -13.756 -0.165  1.00 30.67 ? 146 PRO A CA    1 
ATOM   1059 C  C     . PRO A 1 146 ? -15.302 -14.178 1.147   1.00 32.80 ? 146 PRO A C     1 
ATOM   1060 O  O     . PRO A 1 146 ? -15.257 -13.446 2.139   1.00 35.54 ? 146 PRO A O     1 
ATOM   1061 C  CB    . PRO A 1 146 ? -15.644 -13.190 -1.166  1.00 30.67 ? 146 PRO A CB    1 
ATOM   1062 C  CG    . PRO A 1 146 ? -16.009 -14.354 -2.029  1.00 30.09 ? 146 PRO A CG    1 
ATOM   1063 C  CD    . PRO A 1 146 ? -14.697 -15.060 -2.200  1.00 29.64 ? 146 PRO A CD    1 
ATOM   1064 N  N     . GLU A 1 147 ? -15.872 -15.381 1.168   1.00 33.87 ? 147 GLU A N     1 
ATOM   1065 C  CA    . GLU A 1 147 ? -16.528 -15.880 2.376   1.00 34.22 ? 147 GLU A CA    1 
ATOM   1066 C  C     . GLU A 1 147 ? -15.525 -16.028 3.521   1.00 32.64 ? 147 GLU A C     1 
ATOM   1067 O  O     . GLU A 1 147 ? -15.784 -15.582 4.638   1.00 35.14 ? 147 GLU A O     1 
ATOM   1068 C  CB    . GLU A 1 147 ? -17.235 -17.217 2.113   1.00 36.37 ? 147 GLU A CB    1 
ATOM   1069 C  CG    . GLU A 1 147 ? -18.401 -17.143 1.126   1.00 40.51 ? 147 GLU A CG    1 
ATOM   1070 C  CD    . GLU A 1 147 ? -17.975 -17.099 -0.334  1.00 45.19 ? 147 GLU A CD    1 
ATOM   1071 O  OE1   . GLU A 1 147 ? -16.776 -17.282 -0.632  1.00 49.79 ? 147 GLU A OE1   1 
ATOM   1072 O  OE2   . GLU A 1 147 ? -18.854 -16.895 -1.196  1.00 49.07 ? 147 GLU A OE2   1 
ATOM   1073 N  N     . VAL A 1 148 ? -14.343 -16.570 3.223   1.00 33.56 ? 148 VAL A N     1 
ATOM   1074 C  CA    . VAL A 1 148 ? -13.341 -16.752 4.264   1.00 34.64 ? 148 VAL A CA    1 
ATOM   1075 C  C     . VAL A 1 148 ? -12.713 -15.412 4.634   1.00 33.44 ? 148 VAL A C     1 
ATOM   1076 O  O     . VAL A 1 148 ? -12.420 -15.148 5.800   1.00 34.89 ? 148 VAL A O     1 
ATOM   1077 C  CB    . VAL A 1 148 ? -12.283 -17.843 3.874   1.00 34.59 ? 148 VAL A CB    1 
ATOM   1078 C  CG1   . VAL A 1 148 ? -11.199 -17.284 2.977   1.00 35.01 ? 148 VAL A CG1   1 
ATOM   1079 C  CG2   . VAL A 1 148 ? -11.696 -18.457 5.106   1.00 34.27 ? 148 VAL A CG2   1 
ATOM   1080 N  N     . ARG A 1 149 ? -12.541 -14.548 3.643   1.00 35.11 ? 149 ARG A N     1 
ATOM   1081 C  CA    . ARG A 1 149 ? -11.984 -13.228 3.903   1.00 36.56 ? 149 ARG A CA    1 
ATOM   1082 C  C     . ARG A 1 149 ? -12.972 -12.420 4.758   1.00 36.30 ? 149 ARG A C     1 
ATOM   1083 O  O     . ARG A 1 149 ? -12.563 -11.736 5.706   1.00 36.10 ? 149 ARG A O     1 
ATOM   1084 C  CB    . ARG A 1 149 ? -11.642 -12.513 2.591   1.00 34.54 ? 149 ARG A CB    1 
ATOM   1085 C  CG    . ARG A 1 149 ? -10.321 -12.985 1.971   1.00 37.78 ? 149 ARG A CG    1 
ATOM   1086 C  CD    . ARG A 1 149 ? -10.322 -12.881 0.443   1.00 33.52 ? 149 ARG A CD    1 
ATOM   1087 N  NE    . ARG A 1 149 ? -10.711 -11.556 0.021   1.00 34.79 ? 149 ARG A NE    1 
ATOM   1088 C  CZ    . ARG A 1 149 ? -11.482 -11.297 -1.022  1.00 30.04 ? 149 ARG A CZ    1 
ATOM   1089 N  NH1   . ARG A 1 149 ? -11.948 -12.277 -1.788  1.00 29.73 ? 149 ARG A NH1   1 
ATOM   1090 N  NH2   . ARG A 1 149 ? -11.838 -10.049 -1.253  1.00 33.70 ? 149 ARG A NH2   1 
ATOM   1091 N  N     . ALA A 1 150 ? -14.268 -12.543 4.451   1.00 33.44 ? 150 ALA A N     1 
ATOM   1092 C  CA    . ALA A 1 150 ? -15.307 -11.843 5.213   1.00 38.06 ? 150 ALA A CA    1 
ATOM   1093 C  C     . ALA A 1 150 ? -15.388 -12.454 6.609   1.00 40.06 ? 150 ALA A C     1 
ATOM   1094 O  O     . ALA A 1 150 ? -15.376 -11.744 7.610   1.00 41.34 ? 150 ALA A O     1 
ATOM   1095 C  CB    . ALA A 1 150 ? -16.646 -11.965 4.512   1.00 37.50 ? 150 ALA A CB    1 
ATOM   1096 N  N     . TRP A 1 151 ? -15.414 -13.785 6.657   1.00 39.92 ? 151 TRP A N     1 
ATOM   1097 C  CA    . TRP A 1 151 ? -15.476 -14.525 7.906   1.00 43.00 ? 151 TRP A CA    1 
ATOM   1098 C  C     . TRP A 1 151 ? -14.389 -14.023 8.869   1.00 43.18 ? 151 TRP A C     1 
ATOM   1099 O  O     . TRP A 1 151 ? -14.690 -13.615 9.983   1.00 43.45 ? 151 TRP A O     1 
ATOM   1100 C  CB    . TRP A 1 151 ? -15.309 -16.019 7.593   1.00 44.50 ? 151 TRP A CB    1 
ATOM   1101 C  CG    . TRP A 1 151 ? -15.352 -16.962 8.758   1.00 43.30 ? 151 TRP A CG    1 
ATOM   1102 C  CD1   . TRP A 1 151 ? -14.279 -17.534 9.386   1.00 44.26 ? 151 TRP A CD1   1 
ATOM   1103 C  CD2   . TRP A 1 151 ? -16.521 -17.524 9.368   1.00 42.91 ? 151 TRP A CD2   1 
ATOM   1104 N  NE1   . TRP A 1 151 ? -14.708 -18.424 10.337  1.00 47.27 ? 151 TRP A NE1   1 
ATOM   1105 C  CE2   . TRP A 1 151 ? -16.078 -18.440 10.349  1.00 45.08 ? 151 TRP A CE2   1 
ATOM   1106 C  CE3   . TRP A 1 151 ? -17.898 -17.349 9.174   1.00 42.47 ? 151 TRP A CE3   1 
ATOM   1107 C  CZ2   . TRP A 1 151 ? -16.965 -19.184 11.138  1.00 44.86 ? 151 TRP A CZ2   1 
ATOM   1108 C  CZ3   . TRP A 1 151 ? -18.782 -18.089 9.957   1.00 45.88 ? 151 TRP A CZ3   1 
ATOM   1109 C  CH2   . TRP A 1 151 ? -18.308 -18.996 10.929  1.00 47.95 ? 151 TRP A CH2   1 
ATOM   1110 N  N     . ARG A 1 152 ? -13.142 -13.985 8.404   1.00 44.20 ? 152 ARG A N     1 
ATOM   1111 C  CA    . ARG A 1 152 ? -12.022 -13.522 9.227   1.00 45.13 ? 152 ARG A CA    1 
ATOM   1112 C  C     . ARG A 1 152 ? -12.122 -12.027 9.530   1.00 48.27 ? 152 ARG A C     1 
ATOM   1113 O  O     . ARG A 1 152 ? -11.688 -11.571 10.590  1.00 47.99 ? 152 ARG A O     1 
ATOM   1114 C  CB    . ARG A 1 152 ? -10.685 -13.793 8.524   1.00 43.54 ? 152 ARG A CB    1 
ATOM   1115 C  CG    . ARG A 1 152 ? -10.386 -15.264 8.218   1.00 41.81 ? 152 ARG A CG    1 
ATOM   1116 C  CD    . ARG A 1 152 ? -9.306  -15.359 7.142   1.00 40.40 ? 152 ARG A CD    1 
ATOM   1117 N  NE    . ARG A 1 152 ? -8.841  -16.720 6.900   1.00 35.24 ? 152 ARG A NE    1 
ATOM   1118 C  CZ    . ARG A 1 152 ? -7.895  -17.038 6.019   1.00 36.23 ? 152 ARG A CZ    1 
ATOM   1119 N  NH1   . ARG A 1 152 ? -7.312  -16.100 5.286   1.00 29.95 ? 152 ARG A NH1   1 
ATOM   1120 N  NH2   . ARG A 1 152 ? -7.498  -18.292 5.898   1.00 30.88 ? 152 ARG A NH2   1 
ATOM   1121 N  N     . ARG A 1 153 ? -12.686 -11.264 8.600   1.00 50.45 ? 153 ARG A N     1 
ATOM   1122 C  CA    . ARG A 1 153 ? -12.810 -9.826  8.801   1.00 54.69 ? 153 ARG A CA    1 
ATOM   1123 C  C     . ARG A 1 153 ? -13.728 -9.522  9.982   1.00 55.90 ? 153 ARG A C     1 
ATOM   1124 O  O     . ARG A 1 153 ? -13.441 -8.635  10.776  1.00 56.21 ? 153 ARG A O     1 
ATOM   1125 C  CB    . ARG A 1 153 ? -13.326 -9.147  7.531   1.00 59.22 ? 153 ARG A CB    1 
ATOM   1126 C  CG    . ARG A 1 153 ? -12.981 -7.662  7.420   1.00 63.32 ? 153 ARG A CG    1 
ATOM   1127 C  CD    . ARG A 1 153 ? -11.489 -7.457  7.224   1.00 68.15 ? 153 ARG A CD    1 
ATOM   1128 N  NE    . ARG A 1 153 ? -11.158 -6.054  6.969   1.00 72.58 ? 153 ARG A NE    1 
ATOM   1129 C  CZ    . ARG A 1 153 ? -9.965  -5.616  6.568   1.00 73.20 ? 153 ARG A CZ    1 
ATOM   1130 N  NH1   . ARG A 1 153 ? -8.960  -6.463  6.361   1.00 71.49 ? 153 ARG A NH1   1 
ATOM   1131 N  NH2   . ARG A 1 153 ? -9.769  -4.316  6.402   1.00 76.30 ? 153 ARG A NH2   1 
ATOM   1132 N  N     . ALA A 1 154 ? -14.800 -10.294 10.126  1.00 57.57 ? 154 ALA A N     1 
ATOM   1133 C  CA    . ALA A 1 154 ? -15.742 -10.092 11.226  1.00 60.55 ? 154 ALA A CA    1 
ATOM   1134 C  C     . ALA A 1 154 ? -15.194 -10.605 12.558  1.00 61.50 ? 154 ALA A C     1 
ATOM   1135 O  O     . ALA A 1 154 ? -15.269 -11.797 12.861  1.00 63.25 ? 154 ALA A O     1 
ATOM   1136 C  CB    . ALA A 1 154 ? -17.072 -10.758 10.909  1.00 61.07 ? 154 ALA A CB    1 
ATOM   1137 N  N     . PRO A 1 158 ? -19.408 -12.381 14.267  1.00 75.22 ? 158 PRO A N     1 
ATOM   1138 C  CA    . PRO A 1 158 ? -19.616 -13.131 13.024  1.00 75.83 ? 158 PRO A CA    1 
ATOM   1139 C  C     . PRO A 1 158 ? -20.989 -12.896 12.401  1.00 74.60 ? 158 PRO A C     1 
ATOM   1140 O  O     . PRO A 1 158 ? -21.250 -13.326 11.280  1.00 75.89 ? 158 PRO A O     1 
ATOM   1141 C  CB    . PRO A 1 158 ? -19.425 -14.580 13.469  1.00 74.64 ? 158 PRO A CB    1 
ATOM   1142 C  CG    . PRO A 1 158 ? -18.355 -14.452 14.490  1.00 76.89 ? 158 PRO A CG    1 
ATOM   1143 C  CD    . PRO A 1 158 ? -18.816 -13.249 15.300  1.00 76.71 ? 158 PRO A CD    1 
ATOM   1144 N  N     . GLN A 1 159 ? -21.879 -12.244 13.139  1.00 73.12 ? 159 GLN A N     1 
ATOM   1145 C  CA    . GLN A 1 159 ? -23.205 -11.938 12.617  1.00 71.81 ? 159 GLN A CA    1 
ATOM   1146 C  C     . GLN A 1 159 ? -23.044 -10.918 11.489  1.00 69.80 ? 159 GLN A C     1 
ATOM   1147 O  O     . GLN A 1 159 ? -23.799 -10.928 10.516  1.00 69.86 ? 159 GLN A O     1 
ATOM   1148 C  CB    . GLN A 1 159 ? -24.102 -11.372 13.722  1.00 73.18 ? 159 GLN A CB    1 
ATOM   1149 C  CG    . GLN A 1 159 ? -24.604 -12.413 14.701  1.00 72.74 ? 159 GLN A CG    1 
ATOM   1150 C  CD    . GLN A 1 159 ? -25.464 -13.460 14.026  1.00 72.31 ? 159 GLN A CD    1 
ATOM   1151 O  OE1   . GLN A 1 159 ? -24.959 -14.350 13.341  1.00 72.92 ? 159 GLN A OE1   1 
ATOM   1152 N  NE2   . GLN A 1 159 ? -26.771 -13.359 14.212  1.00 70.50 ? 159 GLN A NE2   1 
ATOM   1153 N  N     . ALA A 1 160 ? -22.019 -10.072 11.628  1.00 67.54 ? 160 ALA A N     1 
ATOM   1154 C  CA    . ALA A 1 160 ? -21.682 -9.032  10.661  1.00 63.00 ? 160 ALA A CA    1 
ATOM   1155 C  C     . ALA A 1 160 ? -21.168 -9.643  9.350   1.00 60.23 ? 160 ALA A C     1 
ATOM   1156 O  O     . ALA A 1 160 ? -21.018 -8.948  8.339   1.00 55.83 ? 160 ALA A O     1 
ATOM   1157 C  CB    . ALA A 1 160 ? -20.643 -8.091  11.257  1.00 61.69 ? 160 ALA A CB    1 
ATOM   1158 N  N     . TYR A 1 161 ? -20.927 -10.953 9.375   1.00 56.41 ? 161 TYR A N     1 
ATOM   1159 C  CA    . TYR A 1 161 ? -20.454 -11.673 8.200   1.00 55.89 ? 161 TYR A CA    1 
ATOM   1160 C  C     . TYR A 1 161 ? -21.248 -11.259 6.960   1.00 57.17 ? 161 TYR A C     1 
ATOM   1161 O  O     . TYR A 1 161 ? -20.670 -10.980 5.909   1.00 55.30 ? 161 TYR A O     1 
ATOM   1162 C  CB    . TYR A 1 161 ? -20.571 -13.187 8.419   1.00 47.24 ? 161 TYR A CB    1 
ATOM   1163 C  CG    . TYR A 1 161 ? -20.449 -14.003 7.152   1.00 43.11 ? 161 TYR A CG    1 
ATOM   1164 C  CD1   . TYR A 1 161 ? -19.207 -14.291 6.598   1.00 39.19 ? 161 TYR A CD1   1 
ATOM   1165 C  CD2   . TYR A 1 161 ? -21.578 -14.470 6.495   1.00 41.60 ? 161 TYR A CD2   1 
ATOM   1166 C  CE1   . TYR A 1 161 ? -19.099 -15.028 5.421   1.00 33.08 ? 161 TYR A CE1   1 
ATOM   1167 C  CE2   . TYR A 1 161 ? -21.477 -15.200 5.317   1.00 38.56 ? 161 TYR A CE2   1 
ATOM   1168 C  CZ    . TYR A 1 161 ? -20.238 -15.474 4.788   1.00 39.52 ? 161 TYR A CZ    1 
ATOM   1169 O  OH    . TYR A 1 161 ? -20.143 -16.212 3.623   1.00 43.38 ? 161 TYR A OH    1 
ATOM   1170 N  N     . GLU A 1 162 ? -22.568 -11.191 7.112   1.00 58.35 ? 162 GLU A N     1 
ATOM   1171 C  CA    . GLU A 1 162 ? -23.462 -10.818 6.021   1.00 61.56 ? 162 GLU A CA    1 
ATOM   1172 C  C     . GLU A 1 162 ? -23.097 -9.453  5.430   1.00 60.83 ? 162 GLU A C     1 
ATOM   1173 O  O     . GLU A 1 162 ? -22.999 -9.297  4.208   1.00 59.94 ? 162 GLU A O     1 
ATOM   1174 C  CB    . GLU A 1 162 ? -24.918 -10.804 6.518   1.00 65.81 ? 162 GLU A CB    1 
ATOM   1175 C  CG    . GLU A 1 162 ? -25.452 -12.161 7.017   1.00 69.37 ? 162 GLU A CG    1 
ATOM   1176 C  CD    . GLU A 1 162 ? -25.791 -13.132 5.886   1.00 71.59 ? 162 GLU A CD    1 
ATOM   1177 O  OE1   . GLU A 1 162 ? -24.921 -13.390 5.024   1.00 71.46 ? 162 GLU A OE1   1 
ATOM   1178 O  OE2   . GLU A 1 162 ? -26.930 -13.645 5.859   1.00 69.67 ? 162 GLU A OE2   1 
ATOM   1179 N  N     . GLU A 1 163 ? -22.866 -8.481  6.307   1.00 59.54 ? 163 GLU A N     1 
ATOM   1180 C  CA    . GLU A 1 163 ? -22.520 -7.132  5.891   1.00 59.70 ? 163 GLU A CA    1 
ATOM   1181 C  C     . GLU A 1 163 ? -21.117 -7.075  5.285   1.00 57.91 ? 163 GLU A C     1 
ATOM   1182 O  O     . GLU A 1 163 ? -20.946 -6.617  4.155   1.00 58.68 ? 163 GLU A O     1 
ATOM   1183 C  CB    . GLU A 1 163 ? -22.618 -6.170  7.075   1.00 62.80 ? 163 GLU A CB    1 
ATOM   1184 C  CG    . GLU A 1 163 ? -22.578 -4.696  6.669   1.00 71.55 ? 163 GLU A CG    1 
ATOM   1185 C  CD    . GLU A 1 163 ? -22.605 -3.734  7.849   1.00 75.65 ? 163 GLU A CD    1 
ATOM   1186 O  OE1   . GLU A 1 163 ? -23.114 -4.101  8.931   1.00 77.32 ? 163 GLU A OE1   1 
ATOM   1187 O  OE2   . GLU A 1 163 ? -22.117 -2.594  7.684   1.00 78.24 ? 163 GLU A OE2   1 
ATOM   1188 N  N     . VAL A 1 164 ? -20.121 -7.535  6.043   1.00 53.70 ? 164 VAL A N     1 
ATOM   1189 C  CA    . VAL A 1 164 ? -18.734 -7.551  5.589   1.00 51.03 ? 164 VAL A CA    1 
ATOM   1190 C  C     . VAL A 1 164 ? -18.634 -8.223  4.219   1.00 48.66 ? 164 VAL A C     1 
ATOM   1191 O  O     . VAL A 1 164 ? -17.977 -7.700  3.319   1.00 44.65 ? 164 VAL A O     1 
ATOM   1192 C  CB    . VAL A 1 164 ? -17.827 -8.287  6.605   1.00 53.13 ? 164 VAL A CB    1 
ATOM   1193 C  CG1   . VAL A 1 164 ? -16.424 -8.445  6.060   1.00 52.37 ? 164 VAL A CG1   1 
ATOM   1194 C  CG2   . VAL A 1 164 ? -17.791 -7.524  7.919   1.00 51.54 ? 164 VAL A CG2   1 
ATOM   1195 N  N     . LEU A 1 165 ? -19.335 -9.345  4.051   1.00 45.96 ? 165 LEU A N     1 
ATOM   1196 C  CA    . LEU A 1 165 ? -19.333 -10.079 2.786   1.00 48.63 ? 165 LEU A CA    1 
ATOM   1197 C  C     . LEU A 1 165 ? -19.877 -9.258  1.620   1.00 51.54 ? 165 LEU A C     1 
ATOM   1198 O  O     . LEU A 1 165 ? -19.262 -9.224  0.550   1.00 52.70 ? 165 LEU A O     1 
ATOM   1199 C  CB    . LEU A 1 165 ? -20.133 -11.389 2.898   1.00 44.88 ? 165 LEU A CB    1 
ATOM   1200 C  CG    . LEU A 1 165 ? -20.291 -12.197 1.600   1.00 41.66 ? 165 LEU A CG    1 
ATOM   1201 C  CD1   . LEU A 1 165 ? -18.965 -12.807 1.181   1.00 43.02 ? 165 LEU A CD1   1 
ATOM   1202 C  CD2   . LEU A 1 165 ? -21.338 -13.280 1.764   1.00 47.31 ? 165 LEU A CD2   1 
ATOM   1203 N  N     . ARG A 1 166 ? -21.044 -8.638  1.810   1.00 51.01 ? 166 ARG A N     1 
ATOM   1204 C  CA    . ARG A 1 166 ? -21.648 -7.827  0.755   1.00 51.57 ? 166 ARG A CA    1 
ATOM   1205 C  C     . ARG A 1 166 ? -20.695 -6.723  0.313   1.00 49.93 ? 166 ARG A C     1 
ATOM   1206 O  O     . ARG A 1 166 ? -20.638 -6.388  -0.865  1.00 49.19 ? 166 ARG A O     1 
ATOM   1207 C  CB    . ARG A 1 166 ? -22.999 -7.244  1.197   1.00 56.48 ? 166 ARG A CB    1 
ATOM   1208 C  CG    . ARG A 1 166 ? -24.201 -8.126  0.821   1.00 62.44 ? 166 ARG A CG    1 
ATOM   1209 C  CD    . ARG A 1 166 ? -25.554 -7.514  1.215   1.00 66.46 ? 166 ARG A CD    1 
ATOM   1210 N  NE    . ARG A 1 166 ? -25.946 -7.825  2.590   1.00 67.55 ? 166 ARG A NE    1 
ATOM   1211 C  CZ    . ARG A 1 166 ? -25.898 -6.968  3.610   1.00 70.11 ? 166 ARG A CZ    1 
ATOM   1212 N  NH1   . ARG A 1 166 ? -25.469 -5.720  3.432   1.00 67.85 ? 166 ARG A NH1   1 
ATOM   1213 N  NH2   . ARG A 1 166 ? -26.286 -7.361  4.817   1.00 68.86 ? 166 ARG A NH2   1 
ATOM   1214 N  N     . ASP A 1 167 ? -19.920 -6.198  1.256   1.00 45.59 ? 167 ASP A N     1 
ATOM   1215 C  CA    . ASP A 1 167 ? -18.955 -5.161  0.959   1.00 46.75 ? 167 ASP A CA    1 
ATOM   1216 C  C     . ASP A 1 167 ? -17.814 -5.759  0.133   1.00 47.44 ? 167 ASP A C     1 
ATOM   1217 O  O     . ASP A 1 167 ? -17.504 -5.257  -0.947  1.00 49.93 ? 167 ASP A O     1 
ATOM   1218 C  CB    . ASP A 1 167 ? -18.430 -4.549  2.256   1.00 50.34 ? 167 ASP A CB    1 
ATOM   1219 C  CG    . ASP A 1 167 ? -17.464 -3.396  2.018   1.00 58.55 ? 167 ASP A CG    1 
ATOM   1220 O  OD1   . ASP A 1 167 ? -17.508 -2.762  0.937   1.00 60.35 ? 167 ASP A OD1   1 
ATOM   1221 O  OD2   . ASP A 1 167 ? -16.658 -3.117  2.928   1.00 62.19 ? 167 ASP A OD2   1 
ATOM   1222 N  N     . LEU A 1 168 ? -17.227 -6.857  0.612   1.00 45.14 ? 168 LEU A N     1 
ATOM   1223 C  CA    . LEU A 1 168 ? -16.134 -7.520  -0.103  1.00 42.01 ? 168 LEU A CA    1 
ATOM   1224 C  C     . LEU A 1 168 ? -16.529 -7.972  -1.499  1.00 42.16 ? 168 LEU A C     1 
ATOM   1225 O  O     . LEU A 1 168 ? -15.711 -7.930  -2.414  1.00 41.93 ? 168 LEU A O     1 
ATOM   1226 C  CB    . LEU A 1 168 ? -15.598 -8.731  0.672   1.00 37.00 ? 168 LEU A CB    1 
ATOM   1227 C  CG    . LEU A 1 168 ? -14.773 -8.431  1.921   1.00 39.00 ? 168 LEU A CG    1 
ATOM   1228 C  CD1   . LEU A 1 168 ? -14.172 -9.725  2.486   1.00 38.88 ? 168 LEU A CD1   1 
ATOM   1229 C  CD2   . LEU A 1 168 ? -13.657 -7.453  1.582   1.00 40.35 ? 168 LEU A CD2   1 
ATOM   1230 N  N     . LEU A 1 169 ? -17.775 -8.411  -1.665  1.00 43.64 ? 169 LEU A N     1 
ATOM   1231 C  CA    . LEU A 1 169 ? -18.233 -8.870  -2.973  1.00 46.27 ? 169 LEU A CA    1 
ATOM   1232 C  C     . LEU A 1 169 ? -18.304 -7.748  -3.989  1.00 48.11 ? 169 LEU A C     1 
ATOM   1233 O  O     . LEU A 1 169 ? -18.027 -7.962  -5.172  1.00 47.76 ? 169 LEU A O     1 
ATOM   1234 C  CB    . LEU A 1 169 ? -19.578 -9.570  -2.865  1.00 46.81 ? 169 LEU A CB    1 
ATOM   1235 C  CG    . LEU A 1 169 ? -19.492 -10.937 -2.195  1.00 48.71 ? 169 LEU A CG    1 
ATOM   1236 C  CD1   . LEU A 1 169 ? -20.893 -11.478 -1.940  1.00 46.90 ? 169 LEU A CD1   1 
ATOM   1237 C  CD2   . LEU A 1 169 ? -18.685 -11.880 -3.083  1.00 47.36 ? 169 LEU A CD2   1 
ATOM   1238 N  N     . ARG A 1 170 ? -18.653 -6.554  -3.517  1.00 50.85 ? 170 ARG A N     1 
ATOM   1239 C  CA    . ARG A 1 170 ? -18.740 -5.375  -4.374  1.00 54.78 ? 170 ARG A CA    1 
ATOM   1240 C  C     . ARG A 1 170 ? -17.349 -5.006  -4.859  1.00 53.42 ? 170 ARG A C     1 
ATOM   1241 O  O     . ARG A 1 170 ? -17.154 -4.733  -6.042  1.00 53.58 ? 170 ARG A O     1 
ATOM   1242 C  CB    . ARG A 1 170 ? -19.332 -4.184  -3.613  1.00 59.18 ? 170 ARG A CB    1 
ATOM   1243 C  CG    . ARG A 1 170 ? -20.802 -4.324  -3.276  1.00 67.89 ? 170 ARG A CG    1 
ATOM   1244 C  CD    . ARG A 1 170 ? -21.292 -3.160  -2.416  1.00 74.25 ? 170 ARG A CD    1 
ATOM   1245 N  NE    . ARG A 1 170 ? -22.661 -3.380  -1.958  1.00 79.76 ? 170 ARG A NE    1 
ATOM   1246 C  CZ    . ARG A 1 170 ? -23.735 -3.317  -2.738  1.00 83.78 ? 170 ARG A CZ    1 
ATOM   1247 N  NH1   . ARG A 1 170 ? -23.609 -3.025  -4.029  1.00 82.67 ? 170 ARG A NH1   1 
ATOM   1248 N  NH2   . ARG A 1 170 ? -24.937 -3.582  -2.236  1.00 85.00 ? 170 ARG A NH2   1 
ATOM   1249 N  N     . ARG A 1 171 ? -16.394 -4.976  -3.931  1.00 51.72 ? 171 ARG A N     1 
ATOM   1250 C  CA    . ARG A 1 171 ? -15.016 -4.648  -4.267  1.00 52.76 ? 171 ARG A CA    1 
ATOM   1251 C  C     . ARG A 1 171 ? -14.441 -5.693  -5.209  1.00 54.64 ? 171 ARG A C     1 
ATOM   1252 O  O     . ARG A 1 171 ? -13.674 -5.361  -6.109  1.00 56.33 ? 171 ARG A O     1 
ATOM   1253 C  CB    . ARG A 1 171 ? -14.156 -4.541  -3.011  1.00 51.24 ? 171 ARG A CB    1 
ATOM   1254 C  CG    . ARG A 1 171 ? -14.606 -3.450  -2.075  1.00 49.41 ? 171 ARG A CG    1 
ATOM   1255 C  CD    . ARG A 1 171 ? -13.711 -3.354  -0.866  1.00 54.44 ? 171 ARG A CD    1 
ATOM   1256 N  NE    . ARG A 1 171 ? -14.251 -2.410  0.106   1.00 60.97 ? 171 ARG A NE    1 
ATOM   1257 C  CZ    . ARG A 1 171 ? -13.706 -2.158  1.291   1.00 65.94 ? 171 ARG A CZ    1 
ATOM   1258 N  NH1   . ARG A 1 171 ? -12.594 -2.779  1.662   1.00 67.89 ? 171 ARG A NH1   1 
ATOM   1259 N  NH2   . ARG A 1 171 ? -14.272 -1.279  2.106   1.00 69.14 ? 171 ARG A NH2   1 
ATOM   1260 N  N     . ASP A 1 172 ? -14.814 -6.954  -5.002  1.00 54.82 ? 172 ASP A N     1 
ATOM   1261 C  CA    . ASP A 1 172 ? -14.343 -8.021  -5.865  1.00 56.42 ? 172 ASP A CA    1 
ATOM   1262 C  C     . ASP A 1 172 ? -14.967 -7.798  -7.240  1.00 58.96 ? 172 ASP A C     1 
ATOM   1263 O  O     . ASP A 1 172 ? -14.285 -7.903  -8.256  1.00 60.77 ? 172 ASP A O     1 
ATOM   1264 C  CB    . ASP A 1 172 ? -14.719 -9.406  -5.310  1.00 53.37 ? 172 ASP A CB    1 
ATOM   1265 C  CG    . ASP A 1 172 ? -13.856 -9.830  -4.103  1.00 56.02 ? 172 ASP A CG    1 
ATOM   1266 O  OD1   . ASP A 1 172 ? -13.048 -9.019  -3.576  1.00 51.02 ? 172 ASP A OD1   1 
ATOM   1267 O  OD2   . ASP A 1 172 ? -13.997 -10.998 -3.674  1.00 53.85 ? 172 ASP A OD2   1 
ATOM   1268 N  N     . GLU A 1 173 ? -16.252 -7.444  -7.262  1.00 60.47 ? 173 GLU A N     1 
ATOM   1269 C  CA    . GLU A 1 173 ? -16.970 -7.177  -8.515  1.00 62.88 ? 173 GLU A CA    1 
ATOM   1270 C  C     . GLU A 1 173 ? -16.329 -5.978  -9.221  1.00 61.23 ? 173 GLU A C     1 
ATOM   1271 O  O     . GLU A 1 173 ? -16.051 -6.006  -10.425 1.00 58.58 ? 173 GLU A O     1 
ATOM   1272 C  CB    . GLU A 1 173 ? -18.440 -6.848  -8.219  1.00 65.79 ? 173 GLU A CB    1 
ATOM   1273 C  CG    . GLU A 1 173 ? -19.333 -6.701  -9.451  1.00 70.99 ? 173 GLU A CG    1 
ATOM   1274 C  CD    . GLU A 1 173 ? -19.950 -8.021  -9.889  1.00 74.67 ? 173 GLU A CD    1 
ATOM   1275 O  OE1   . GLU A 1 173 ? -21.105 -8.296  -9.487  1.00 73.94 ? 173 GLU A OE1   1 
ATOM   1276 O  OE2   . GLU A 1 173 ? -19.281 -8.779  -10.628 1.00 74.86 ? 173 GLU A OE2   1 
ATOM   1277 N  N     . ARG A 1 174 ? -16.102 -4.930  -8.441  1.00 60.68 ? 174 ARG A N     1 
ATOM   1278 C  CA    . ARG A 1 174 ? -15.500 -3.701  -8.919  1.00 60.38 ? 174 ARG A CA    1 
ATOM   1279 C  C     . ARG A 1 174 ? -14.100 -3.968  -9.466  1.00 61.07 ? 174 ARG A C     1 
ATOM   1280 O  O     . ARG A 1 174 ? -13.782 -3.558  -10.578 1.00 61.25 ? 174 ARG A O     1 
ATOM   1281 C  CB    . ARG A 1 174 ? -15.442 -2.706  -7.758  1.00 60.28 ? 174 ARG A CB    1 
ATOM   1282 C  CG    . ARG A 1 174 ? -14.727 -1.403  -8.025  1.00 63.98 ? 174 ARG A CG    1 
ATOM   1283 C  CD    . ARG A 1 174 ? -14.750 -0.524  -6.775  1.00 67.80 ? 174 ARG A CD    1 
ATOM   1284 N  NE    . ARG A 1 174 ? -13.412 -0.097  -6.372  1.00 72.53 ? 174 ARG A NE    1 
ATOM   1285 C  CZ    . ARG A 1 174 ? -12.714 -0.629  -5.367  1.00 76.00 ? 174 ARG A CZ    1 
ATOM   1286 N  NH1   . ARG A 1 174 ? -13.216 -1.621  -4.644  1.00 75.73 ? 174 ARG A NH1   1 
ATOM   1287 N  NH2   . ARG A 1 174 ? -11.497 -0.177  -5.092  1.00 78.09 ? 174 ARG A NH2   1 
ATOM   1288 N  N     . ASP A 1 175 ? -13.305 -4.722  -8.705  1.00 60.41 ? 175 ASP A N     1 
ATOM   1289 C  CA    . ASP A 1 175 ? -11.923 -5.043  -9.063  1.00 60.42 ? 175 ASP A CA    1 
ATOM   1290 C  C     . ASP A 1 175 ? -11.731 -6.382  -9.772  1.00 59.68 ? 175 ASP A C     1 
ATOM   1291 O  O     . ASP A 1 175 ? -10.693 -7.028  -9.616  1.00 60.11 ? 175 ASP A O     1 
ATOM   1292 C  CB    . ASP A 1 175 ? -11.045 -4.996  -7.809  1.00 61.11 ? 175 ASP A CB    1 
ATOM   1293 C  CG    . ASP A 1 175 ? -11.175 -3.681  -7.049  1.00 65.48 ? 175 ASP A CG    1 
ATOM   1294 O  OD1   . ASP A 1 175 ? -11.922 -2.788  -7.506  1.00 66.58 ? 175 ASP A OD1   1 
ATOM   1295 O  OD2   . ASP A 1 175 ? -10.533 -3.541  -5.988  1.00 66.09 ? 175 ASP A OD2   1 
ATOM   1296 N  N     . LYS A 1 176 ? -12.721 -6.767  -10.574 1.00 57.36 ? 176 LYS A N     1 
ATOM   1297 C  CA    . LYS A 1 176 ? -12.714 -8.019  -11.328 1.00 58.08 ? 176 LYS A CA    1 
ATOM   1298 C  C     . LYS A 1 176 ? -11.409 -8.272  -12.099 1.00 56.58 ? 176 LYS A C     1 
ATOM   1299 O  O     . LYS A 1 176 ? -10.761 -9.315  -11.938 1.00 52.83 ? 176 LYS A O     1 
ATOM   1300 C  CB    . LYS A 1 176 ? -13.886 -8.003  -12.314 1.00 62.51 ? 176 LYS A CB    1 
ATOM   1301 C  CG    . LYS A 1 176 ? -14.126 -9.304  -13.069 1.00 66.41 ? 176 LYS A CG    1 
ATOM   1302 C  CD    . LYS A 1 176 ? -14.828 -9.033  -14.403 1.00 68.44 ? 176 LYS A CD    1 
ATOM   1303 C  CE    . LYS A 1 176 ? -16.102 -8.213  -14.231 1.00 69.47 ? 176 LYS A CE    1 
ATOM   1304 N  NZ    . LYS A 1 176 ? -17.120 -8.918  -13.402 1.00 70.70 ? 176 LYS A NZ    1 
ATOM   1305 N  N     . ALA A 1 177 ? -11.035 -7.304  -12.930 1.00 55.58 ? 177 ALA A N     1 
ATOM   1306 C  CA    . ALA A 1 177 ? -9.833  -7.398  -13.750 1.00 54.70 ? 177 ALA A CA    1 
ATOM   1307 C  C     . ALA A 1 177 ? -8.555  -7.653  -12.957 1.00 53.59 ? 177 ALA A C     1 
ATOM   1308 O  O     . ALA A 1 177 ? -7.651  -8.326  -13.448 1.00 52.60 ? 177 ALA A O     1 
ATOM   1309 C  CB    . ALA A 1 177 ? -9.686  -6.146  -14.603 1.00 54.61 ? 177 ALA A CB    1 
ATOM   1310 N  N     . GLN A 1 178 ? -8.491  -7.139  -11.729 1.00 51.46 ? 178 GLN A N     1 
ATOM   1311 C  CA    . GLN A 1 178 ? -7.311  -7.316  -10.887 1.00 52.63 ? 178 GLN A CA    1 
ATOM   1312 C  C     . GLN A 1 178 ? -7.394  -8.519  -9.931  1.00 53.00 ? 178 GLN A C     1 
ATOM   1313 O  O     . GLN A 1 178 ? -6.452  -8.795  -9.184  1.00 52.91 ? 178 GLN A O     1 
ATOM   1314 C  CB    . GLN A 1 178 ? -7.042  -6.042  -10.087 1.00 55.75 ? 178 GLN A CB    1 
ATOM   1315 C  CG    . GLN A 1 178 ? -6.855  -4.786  -10.931 1.00 57.48 ? 178 GLN A CG    1 
ATOM   1316 C  CD    . GLN A 1 178 ? -8.164  -4.146  -11.360 1.00 57.17 ? 178 GLN A CD    1 
ATOM   1317 O  OE1   . GLN A 1 178 ? -8.970  -3.731  -10.532 1.00 56.58 ? 178 GLN A OE1   1 
ATOM   1318 N  NE2   . GLN A 1 178 ? -8.365  -4.039  -12.664 1.00 58.50 ? 178 GLN A NE2   1 
ATOM   1319 N  N     . SER A 1 179 ? -8.514  -9.240  -9.961  1.00 52.49 ? 179 SER A N     1 
ATOM   1320 C  CA    . SER A 1 179 ? -8.706  -10.400 -9.090  1.00 49.50 ? 179 SER A CA    1 
ATOM   1321 C  C     . SER A 1 179 ? -7.886  -11.591 -9.558  1.00 47.43 ? 179 SER A C     1 
ATOM   1322 O  O     . SER A 1 179 ? -8.265  -12.742 -9.342  1.00 48.84 ? 179 SER A O     1 
ATOM   1323 C  CB    . SER A 1 179 ? -10.172 -10.801 -9.057  1.00 51.71 ? 179 SER A CB    1 
ATOM   1324 O  OG    . SER A 1 179 ? -10.567 -11.269 -10.337 1.00 56.60 ? 179 SER A OG    1 
ATOM   1325 N  N     . ALA A 1 180 ? -6.772  -11.317 -10.220 1.00 41.92 ? 180 ALA A N     1 
ATOM   1326 C  CA    . ALA A 1 180 ? -5.926  -12.390 -10.703 1.00 34.75 ? 180 ALA A CA    1 
ATOM   1327 C  C     . ALA A 1 180 ? -4.465  -12.052 -10.482 1.00 29.84 ? 180 ALA A C     1 
ATOM   1328 O  O     . ALA A 1 180 ? -4.091  -10.898 -10.381 1.00 26.72 ? 180 ALA A O     1 
ATOM   1329 C  CB    . ALA A 1 180 ? -6.200  -12.653 -12.179 1.00 34.57 ? 180 ALA A CB    1 
ATOM   1330 N  N     . PRO A 1 181 ? -3.635  -13.074 -10.304 1.00 27.77 ? 181 PRO A N     1 
ATOM   1331 C  CA    . PRO A 1 181 ? -2.213  -12.834 -10.094 1.00 26.34 ? 181 PRO A CA    1 
ATOM   1332 C  C     . PRO A 1 181 ? -1.528  -12.366 -11.374 1.00 26.33 ? 181 PRO A C     1 
ATOM   1333 O  O     . PRO A 1 181 ? -2.042  -12.576 -12.478 1.00 27.88 ? 181 PRO A O     1 
ATOM   1334 C  CB    . PRO A 1 181 ? -1.698  -14.224 -9.710  1.00 26.20 ? 181 PRO A CB    1 
ATOM   1335 C  CG    . PRO A 1 181 ? -2.617  -15.149 -10.468 1.00 24.38 ? 181 PRO A CG    1 
ATOM   1336 C  CD    . PRO A 1 181 ? -3.959  -14.507 -10.175 1.00 26.54 ? 181 PRO A CD    1 
ATOM   1337 N  N     . ALA A 1 182 ? -0.374  -11.724 -11.214 1.00 24.92 ? 182 ALA A N     1 
ATOM   1338 C  CA    . ALA A 1 182 ? 0.426   -11.298 -12.359 1.00 28.18 ? 182 ALA A CA    1 
ATOM   1339 C  C     . ALA A 1 182 ? 0.866   -12.625 -12.996 1.00 28.26 ? 182 ALA A C     1 
ATOM   1340 O  O     . ALA A 1 182 ? 0.903   -13.650 -12.320 1.00 28.28 ? 182 ALA A O     1 
ATOM   1341 C  CB    . ALA A 1 182 ? 1.641   -10.496 -11.893 1.00 23.30 ? 182 ALA A CB    1 
ATOM   1342 N  N     . PRO A 1 183 ? 1.182   -12.625 -14.302 1.00 30.62 ? 183 PRO A N     1 
ATOM   1343 C  CA    . PRO A 1 183 ? 1.602   -13.852 -14.991 1.00 31.43 ? 183 PRO A CA    1 
ATOM   1344 C  C     . PRO A 1 183 ? 2.744   -14.640 -14.334 1.00 31.25 ? 183 PRO A C     1 
ATOM   1345 O  O     . PRO A 1 183 ? 2.771   -15.858 -14.420 1.00 31.58 ? 183 PRO A O     1 
ATOM   1346 C  CB    . PRO A 1 183 ? 1.985   -13.345 -16.386 1.00 30.59 ? 183 PRO A CB    1 
ATOM   1347 C  CG    . PRO A 1 183 ? 1.088   -12.162 -16.569 1.00 30.28 ? 183 PRO A CG    1 
ATOM   1348 C  CD    . PRO A 1 183 ? 1.177   -11.482 -15.234 1.00 27.32 ? 183 PRO A CD    1 
ATOM   1349 N  N     . ASP A 1 184 ? 3.700   -13.946 -13.722 1.00 29.59 ? 184 ASP A N     1 
ATOM   1350 C  CA    . ASP A 1 184 ? 4.815   -14.617 -13.075 1.00 30.43 ? 184 ASP A CA    1 
ATOM   1351 C  C     . ASP A 1 184 ? 4.703   -14.629 -11.551 1.00 33.86 ? 184 ASP A C     1 
ATOM   1352 O  O     . ASP A 1 184 ? 5.682   -14.845 -10.835 1.00 34.38 ? 184 ASP A O     1 
ATOM   1353 C  CB    . ASP A 1 184 ? 6.162   -14.028 -13.521 1.00 31.11 ? 184 ASP A CB    1 
ATOM   1354 C  CG    . ASP A 1 184 ? 6.316   -12.551 -13.185 1.00 34.59 ? 184 ASP A CG    1 
ATOM   1355 O  OD1   . ASP A 1 184 ? 5.305   -11.825 -13.148 1.00 33.75 ? 184 ASP A OD1   1 
ATOM   1356 O  OD2   . ASP A 1 184 ? 7.470   -12.109 -13.009 1.00 37.62 ? 184 ASP A OD2   1 
ATOM   1357 N  N     . ALA A 1 185 ? 3.494   -14.424 -11.051 1.00 28.90 ? 185 ALA A N     1 
ATOM   1358 C  CA    . ALA A 1 185 ? 3.295   -14.435 -9.616  1.00 32.03 ? 185 ALA A CA    1 
ATOM   1359 C  C     . ALA A 1 185 ? 3.064   -15.851 -9.084  1.00 31.76 ? 185 ALA A C     1 
ATOM   1360 O  O     . ALA A 1 185 ? 2.464   -16.684 -9.749  1.00 33.57 ? 185 ALA A O     1 
ATOM   1361 C  CB    . ALA A 1 185 ? 2.131   -13.544 -9.248  1.00 27.25 ? 185 ALA A CB    1 
ATOM   1362 N  N     . LEU A 1 186 ? 3.604   -16.129 -7.907  1.00 32.93 ? 186 LEU A N     1 
ATOM   1363 C  CA    . LEU A 1 186 ? 3.411   -17.420 -7.253  1.00 33.98 ? 186 LEU A CA    1 
ATOM   1364 C  C     . LEU A 1 186 ? 2.123   -17.226 -6.433  1.00 33.85 ? 186 LEU A C     1 
ATOM   1365 O  O     . LEU A 1 186 ? 2.009   -16.259 -5.678  1.00 32.74 ? 186 LEU A O     1 
ATOM   1366 C  CB    . LEU A 1 186 ? 4.604   -17.702 -6.338  1.00 40.20 ? 186 LEU A CB    1 
ATOM   1367 C  CG    . LEU A 1 186 ? 4.781   -19.120 -5.800  1.00 47.71 ? 186 LEU A CG    1 
ATOM   1368 C  CD1   . LEU A 1 186 ? 4.823   -20.115 -6.965  1.00 44.48 ? 186 LEU A CD1   1 
ATOM   1369 C  CD2   . LEU A 1 186 ? 6.064   -19.178 -4.965  1.00 46.22 ? 186 LEU A CD2   1 
ATOM   1370 N  N     . VAL A 1 187 ? 1.155   -18.121 -6.600  1.00 34.07 ? 187 VAL A N     1 
ATOM   1371 C  CA    . VAL A 1 187 ? -0.136  -18.006 -5.918  1.00 29.85 ? 187 VAL A CA    1 
ATOM   1372 C  C     . VAL A 1 187 ? -0.277  -18.863 -4.675  1.00 33.24 ? 187 VAL A C     1 
ATOM   1373 O  O     . VAL A 1 187 ? 0.155   -20.012 -4.648  1.00 31.86 ? 187 VAL A O     1 
ATOM   1374 C  CB    . VAL A 1 187 ? -1.295  -18.360 -6.888  1.00 30.36 ? 187 VAL A CB    1 
ATOM   1375 C  CG1   . VAL A 1 187 ? -2.649  -18.247 -6.194  1.00 27.52 ? 187 VAL A CG1   1 
ATOM   1376 C  CG2   . VAL A 1 187 ? -1.248  -17.447 -8.113  1.00 28.94 ? 187 VAL A CG2   1 
ATOM   1377 N  N     . LEU A 1 188 ? -0.871  -18.284 -3.638  1.00 31.29 ? 188 LEU A N     1 
ATOM   1378 C  CA    . LEU A 1 188 ? -1.114  -18.997 -2.404  1.00 30.57 ? 188 LEU A CA    1 
ATOM   1379 C  C     . LEU A 1 188 ? -2.531  -18.779 -1.908  1.00 33.96 ? 188 LEU A C     1 
ATOM   1380 O  O     . LEU A 1 188 ? -2.957  -17.638 -1.696  1.00 33.49 ? 188 LEU A O     1 
ATOM   1381 C  CB    . LEU A 1 188 ? -0.148  -18.562 -1.306  1.00 33.21 ? 188 LEU A CB    1 
ATOM   1382 C  CG    . LEU A 1 188 ? -0.503  -19.215 0.032   1.00 36.56 ? 188 LEU A CG    1 
ATOM   1383 C  CD1   . LEU A 1 188 ? -0.085  -20.688 0.008   1.00 38.97 ? 188 LEU A CD1   1 
ATOM   1384 C  CD2   . LEU A 1 188 ? 0.174   -18.488 1.172   1.00 38.71 ? 188 LEU A CD2   1 
ATOM   1385 N  N     . ASP A 1 189 ? -3.281  -19.867 -1.780  1.00 33.03 ? 189 ASP A N     1 
ATOM   1386 C  CA    . ASP A 1 189 ? -4.639  -19.780 -1.238  1.00 35.51 ? 189 ASP A CA    1 
ATOM   1387 C  C     . ASP A 1 189 ? -4.381  -19.803 0.270   1.00 34.87 ? 189 ASP A C     1 
ATOM   1388 O  O     . ASP A 1 189 ? -3.757  -20.734 0.780   1.00 32.65 ? 189 ASP A O     1 
ATOM   1389 C  CB    . ASP A 1 189 ? -5.473  -20.996 -1.640  1.00 37.53 ? 189 ASP A CB    1 
ATOM   1390 C  CG    . ASP A 1 189 ? -6.935  -20.854 -1.261  1.00 42.02 ? 189 ASP A CG    1 
ATOM   1391 O  OD1   . ASP A 1 189 ? -7.253  -20.261 -0.203  1.00 42.26 ? 189 ASP A OD1   1 
ATOM   1392 O  OD2   . ASP A 1 189 ? -7.779  -21.333 -2.043  1.00 47.21 ? 189 ASP A OD2   1 
ATOM   1393 N  N     . THR A 1 190 ? -4.796  -18.753 0.967   1.00 31.15 ? 190 THR A N     1 
ATOM   1394 C  CA    . THR A 1 190 ? -4.555  -18.682 2.394   1.00 31.87 ? 190 THR A CA    1 
ATOM   1395 C  C     . THR A 1 190 ? -5.618  -19.365 3.265   1.00 31.31 ? 190 THR A C     1 
ATOM   1396 O  O     . THR A 1 190 ? -5.546  -19.289 4.491   1.00 30.96 ? 190 THR A O     1 
ATOM   1397 C  CB    . THR A 1 190 ? -4.400  -17.216 2.864   1.00 32.45 ? 190 THR A CB    1 
ATOM   1398 O  OG1   . THR A 1 190 ? -5.666  -16.564 2.774   1.00 27.12 ? 190 THR A OG1   1 
ATOM   1399 C  CG2   . THR A 1 190 ? -3.365  -16.470 2.002   1.00 31.98 ? 190 THR A CG2   1 
ATOM   1400 N  N     . GLY A 1 191 ? -6.614  -19.984 2.641   1.00 30.94 ? 191 GLY A N     1 
ATOM   1401 C  CA    . GLY A 1 191 ? -7.651  -20.661 3.402   1.00 32.45 ? 191 GLY A CA    1 
ATOM   1402 C  C     . GLY A 1 191 ? -7.086  -21.685 4.381   1.00 32.60 ? 191 GLY A C     1 
ATOM   1403 O  O     . GLY A 1 191 ? -6.249  -22.513 4.017   1.00 30.83 ? 191 GLY A O     1 
ATOM   1404 N  N     . GLY A 1 192 ? -7.494  -21.578 5.640   1.00 35.19 ? 192 GLY A N     1 
ATOM   1405 C  CA    . GLY A 1 192 ? -7.028  -22.502 6.661   1.00 38.38 ? 192 GLY A CA    1 
ATOM   1406 C  C     . GLY A 1 192 ? -5.631  -22.223 7.180   1.00 42.04 ? 192 GLY A C     1 
ATOM   1407 O  O     . GLY A 1 192 ? -5.081  -23.027 7.932   1.00 41.48 ? 192 GLY A O     1 
HETATM 1408 N  N     . MSE A 1 193 ? -5.051  -21.085 6.798   1.00 41.57 ? 193 MSE A N     1 
HETATM 1409 C  CA    . MSE A 1 193 ? -3.704  -20.746 7.248   1.00 43.53 ? 193 MSE A CA    1 
HETATM 1410 C  C     . MSE A 1 193 ? -3.684  -19.479 8.086   1.00 42.40 ? 193 MSE A C     1 
HETATM 1411 O  O     . MSE A 1 193 ? -4.457  -18.553 7.855   1.00 42.39 ? 193 MSE A O     1 
HETATM 1412 C  CB    . MSE A 1 193 ? -2.771  -20.557 6.062   1.00 46.29 ? 193 MSE A CB    1 
HETATM 1413 C  CG    . MSE A 1 193 ? -2.666  -21.735 5.140   1.00 51.33 ? 193 MSE A CG    1 
HETATM 1414 SE SE    . MSE A 1 193 ? -1.494  -21.302 3.657   1.00 64.80 ? 193 MSE A SE    1 
HETATM 1415 C  CE    . MSE A 1 193 ? 0.198   -21.313 4.584   1.00 56.05 ? 193 MSE A CE    1 
ATOM   1416 N  N     . THR A 1 194 ? -2.792  -19.439 9.064   1.00 40.21 ? 194 THR A N     1 
ATOM   1417 C  CA    . THR A 1 194 ? -2.679  -18.257 9.914   1.00 41.65 ? 194 THR A CA    1 
ATOM   1418 C  C     . THR A 1 194 ? -1.728  -17.235 9.284   1.00 39.42 ? 194 THR A C     1 
ATOM   1419 O  O     . THR A 1 194 ? -1.034  -17.525 8.289   1.00 37.43 ? 194 THR A O     1 
ATOM   1420 C  CB    . THR A 1 194 ? -2.157  -18.618 11.338  1.00 44.26 ? 194 THR A CB    1 
ATOM   1421 O  OG1   . THR A 1 194 ? -0.836  -19.169 11.249  1.00 44.28 ? 194 THR A OG1   1 
ATOM   1422 C  CG2   . THR A 1 194 ? -3.086  -19.628 12.014  1.00 43.74 ? 194 THR A CG2   1 
ATOM   1423 N  N     . LEU A 1 195 ? -1.697  -16.041 9.870   1.00 38.07 ? 195 LEU A N     1 
ATOM   1424 C  CA    . LEU A 1 195 ? -0.816  -14.983 9.387   1.00 38.82 ? 195 LEU A CA    1 
ATOM   1425 C  C     . LEU A 1 195 ? 0.624   -15.486 9.369   1.00 38.72 ? 195 LEU A C     1 
ATOM   1426 O  O     . LEU A 1 195 ? 1.319   -15.392 8.347   1.00 38.17 ? 195 LEU A O     1 
ATOM   1427 C  CB    . LEU A 1 195 ? -0.926  -13.744 10.277  1.00 36.26 ? 195 LEU A CB    1 
ATOM   1428 C  CG    . LEU A 1 195 ? 0.012   -12.559 9.990   1.00 36.94 ? 195 LEU A CG    1 
ATOM   1429 C  CD1   . LEU A 1 195 ? -0.137  -12.086 8.530   1.00 27.57 ? 195 LEU A CD1   1 
ATOM   1430 C  CD2   . LEU A 1 195 ? -0.326  -11.421 10.940  1.00 34.37 ? 195 LEU A CD2   1 
ATOM   1431 N  N     . ASP A 1 196 ? 1.037   -16.094 10.480  1.00 40.37 ? 196 ASP A N     1 
ATOM   1432 C  CA    . ASP A 1 196 ? 2.392   -16.615 10.608  1.00 41.65 ? 196 ASP A CA    1 
ATOM   1433 C  C     . ASP A 1 196 ? 2.712   -17.693 9.589   1.00 40.38 ? 196 ASP A C     1 
ATOM   1434 O  O     . ASP A 1 196 ? 3.839   -17.768 9.095   1.00 44.14 ? 196 ASP A O     1 
ATOM   1435 C  CB    . ASP A 1 196 ? 2.649   -17.112 12.030  1.00 48.22 ? 196 ASP A CB    1 
ATOM   1436 C  CG    . ASP A 1 196 ? 2.700   -15.976 13.046  1.00 54.59 ? 196 ASP A CG    1 
ATOM   1437 O  OD1   . ASP A 1 196 ? 3.120   -14.851 12.690  1.00 55.37 ? 196 ASP A OD1   1 
ATOM   1438 O  OD2   . ASP A 1 196 ? 2.316   -16.211 14.207  1.00 58.61 ? 196 ASP A OD2   1 
ATOM   1439 N  N     . GLU A 1 197 ? 1.719   -18.504 9.247   1.00 37.92 ? 197 GLU A N     1 
ATOM   1440 C  CA    . GLU A 1 197 ? 1.921   -19.558 8.255   1.00 38.65 ? 197 GLU A CA    1 
ATOM   1441 C  C     . GLU A 1 197 ? 2.093   -18.984 6.839   1.00 36.86 ? 197 GLU A C     1 
ATOM   1442 O  O     . GLU A 1 197 ? 2.921   -19.466 6.069   1.00 35.03 ? 197 GLU A O     1 
ATOM   1443 C  CB    . GLU A 1 197 ? 0.778   -20.572 8.323   1.00 41.18 ? 197 GLU A CB    1 
ATOM   1444 C  CG    . GLU A 1 197 ? 0.800   -21.374 9.627   1.00 48.33 ? 197 GLU A CG    1 
ATOM   1445 C  CD    . GLU A 1 197 ? -0.508  -22.081 9.949   1.00 52.70 ? 197 GLU A CD    1 
ATOM   1446 O  OE1   . GLU A 1 197 ? -1.250  -22.479 9.019   1.00 53.50 ? 197 GLU A OE1   1 
ATOM   1447 O  OE2   . GLU A 1 197 ? -0.792  -22.236 11.155  1.00 55.55 ? 197 GLU A OE2   1 
ATOM   1448 N  N     . VAL A 1 198 ? 1.341   -17.934 6.511   1.00 33.67 ? 198 VAL A N     1 
ATOM   1449 C  CA    . VAL A 1 198 ? 1.455   -17.306 5.198   1.00 32.95 ? 198 VAL A CA    1 
ATOM   1450 C  C     . VAL A 1 198 ? 2.848   -16.673 5.086   1.00 30.82 ? 198 VAL A C     1 
ATOM   1451 O  O     . VAL A 1 198 ? 3.543   -16.811 4.062   1.00 32.18 ? 198 VAL A O     1 
ATOM   1452 C  CB    . VAL A 1 198 ? 0.361   -16.213 5.012   1.00 34.32 ? 198 VAL A CB    1 
ATOM   1453 C  CG1   . VAL A 1 198 ? 0.528   -15.497 3.669   1.00 31.43 ? 198 VAL A CG1   1 
ATOM   1454 C  CG2   . VAL A 1 198 ? -1.012  -16.844 5.098   1.00 34.50 ? 198 VAL A CG2   1 
ATOM   1455 N  N     . VAL A 1 199 ? 3.261   -16.010 6.160   1.00 30.41 ? 199 VAL A N     1 
ATOM   1456 C  CA    . VAL A 1 199 ? 4.563   -15.360 6.206   1.00 33.76 ? 199 VAL A CA    1 
ATOM   1457 C  C     . VAL A 1 199 ? 5.665   -16.385 5.988   1.00 37.37 ? 199 VAL A C     1 
ATOM   1458 O  O     . VAL A 1 199 ? 6.556   -16.193 5.152   1.00 36.76 ? 199 VAL A O     1 
ATOM   1459 C  CB    . VAL A 1 199 ? 4.774   -14.651 7.547   1.00 30.59 ? 199 VAL A CB    1 
ATOM   1460 C  CG1   . VAL A 1 199 ? 6.243   -14.283 7.746   1.00 31.07 ? 199 VAL A CG1   1 
ATOM   1461 C  CG2   . VAL A 1 199 ? 3.903   -13.411 7.610   1.00 30.80 ? 199 VAL A CG2   1 
ATOM   1462 N  N     . ALA A 1 200 ? 5.568   -17.493 6.715   1.00 38.53 ? 200 ALA A N     1 
ATOM   1463 C  CA    . ALA A 1 200 ? 6.553   -18.558 6.614   1.00 39.54 ? 200 ALA A CA    1 
ATOM   1464 C  C     . ALA A 1 200 ? 6.573   -19.095 5.188   1.00 37.39 ? 200 ALA A C     1 
ATOM   1465 O  O     . ALA A 1 200 ? 7.631   -19.197 4.571   1.00 40.33 ? 200 ALA A O     1 
ATOM   1466 C  CB    . ALA A 1 200 ? 6.236   -19.669 7.617   1.00 39.59 ? 200 ALA A CB    1 
ATOM   1467 N  N     . TRP A 1 201 ? 5.396   -19.328 4.624   1.00 36.18 ? 201 TRP A N     1 
ATOM   1468 C  CA    . TRP A 1 201 ? 5.308   -19.839 3.264   1.00 36.05 ? 201 TRP A CA    1 
ATOM   1469 C  C     . TRP A 1 201 ? 5.989   -18.899 2.269   1.00 37.38 ? 201 TRP A C     1 
ATOM   1470 O  O     . TRP A 1 201 ? 6.685   -19.349 1.367   1.00 36.87 ? 201 TRP A O     1 
ATOM   1471 C  CB    . TRP A 1 201 ? 3.843   -20.032 2.875   1.00 38.67 ? 201 TRP A CB    1 
ATOM   1472 C  CG    . TRP A 1 201 ? 3.634   -20.706 1.548   1.00 39.27 ? 201 TRP A CG    1 
ATOM   1473 C  CD1   . TRP A 1 201 ? 3.432   -22.038 1.335   1.00 39.96 ? 201 TRP A CD1   1 
ATOM   1474 C  CD2   . TRP A 1 201 ? 3.534   -20.075 0.265   1.00 41.35 ? 201 TRP A CD2   1 
ATOM   1475 N  NE1   . TRP A 1 201 ? 3.205   -22.276 0.000   1.00 41.79 ? 201 TRP A NE1   1 
ATOM   1476 C  CE2   . TRP A 1 201 ? 3.261   -21.087 -0.678  1.00 42.82 ? 201 TRP A CE2   1 
ATOM   1477 C  CE3   . TRP A 1 201 ? 3.641   -18.752 -0.178  1.00 44.42 ? 201 TRP A CE3   1 
ATOM   1478 C  CZ2   . TRP A 1 201 ? 3.092   -20.819 -2.039  1.00 43.73 ? 201 TRP A CZ2   1 
ATOM   1479 C  CZ3   . TRP A 1 201 ? 3.472   -18.484 -1.531  1.00 45.89 ? 201 TRP A CZ3   1 
ATOM   1480 C  CH2   . TRP A 1 201 ? 3.200   -19.515 -2.445  1.00 43.39 ? 201 TRP A CH2   1 
ATOM   1481 N  N     . VAL A 1 202 ? 5.782   -17.594 2.440   1.00 37.10 ? 202 VAL A N     1 
ATOM   1482 C  CA    . VAL A 1 202 ? 6.373   -16.609 1.539   1.00 34.80 ? 202 VAL A CA    1 
ATOM   1483 C  C     . VAL A 1 202 ? 7.884   -16.619 1.648   1.00 34.41 ? 202 VAL A C     1 
ATOM   1484 O  O     . VAL A 1 202 ? 8.578   -16.739 0.635   1.00 31.80 ? 202 VAL A O     1 
ATOM   1485 C  CB    . VAL A 1 202 ? 5.811   -15.177 1.782   1.00 31.08 ? 202 VAL A CB    1 
ATOM   1486 C  CG1   . VAL A 1 202 ? 6.579   -14.139 0.944   1.00 30.19 ? 202 VAL A CG1   1 
ATOM   1487 C  CG2   . VAL A 1 202 ? 4.328   -15.139 1.419   1.00 32.56 ? 202 VAL A CG2   1 
ATOM   1488 N  N     . LEU A 1 203 ? 8.391   -16.504 2.871   1.00 39.02 ? 203 LEU A N     1 
ATOM   1489 C  CA    . LEU A 1 203 ? 9.832   -16.524 3.108   1.00 39.90 ? 203 LEU A CA    1 
ATOM   1490 C  C     . LEU A 1 203 ? 10.487  -17.787 2.556   1.00 42.69 ? 203 LEU A C     1 
ATOM   1491 O  O     . LEU A 1 203 ? 11.618  -17.740 2.061   1.00 42.79 ? 203 LEU A O     1 
ATOM   1492 C  CB    . LEU A 1 203 ? 10.123  -16.415 4.598   1.00 39.29 ? 203 LEU A CB    1 
ATOM   1493 C  CG    . LEU A 1 203 ? 9.805   -15.055 5.212   1.00 42.16 ? 203 LEU A CG    1 
ATOM   1494 C  CD1   . LEU A 1 203 ? 9.792   -15.172 6.732   1.00 41.64 ? 203 LEU A CD1   1 
ATOM   1495 C  CD2   . LEU A 1 203 ? 10.817  -14.011 4.739   1.00 37.32 ? 203 LEU A CD2   1 
ATOM   1496 N  N     . ALA A 1 204 ? 9.757   -18.903 2.602   1.00 44.83 ? 204 ALA A N     1 
ATOM   1497 C  CA    . ALA A 1 204 ? 10.272  -20.186 2.116   1.00 46.13 ? 204 ALA A CA    1 
ATOM   1498 C  C     . ALA A 1 204 ? 10.333  -20.277 0.604   1.00 48.44 ? 204 ALA A C     1 
ATOM   1499 O  O     . ALA A 1 204 ? 10.958  -21.194 0.064   1.00 48.21 ? 204 ALA A O     1 
ATOM   1500 C  CB    . ALA A 1 204 ? 9.441   -21.340 2.668   1.00 46.86 ? 204 ALA A CB    1 
ATOM   1501 N  N     . HIS A 1 205 ? 9.684   -19.339 -0.084  1.00 46.89 ? 205 HIS A N     1 
ATOM   1502 C  CA    . HIS A 1 205 ? 9.688   -19.360 -1.537  1.00 47.29 ? 205 HIS A CA    1 
ATOM   1503 C  C     . HIS A 1 205 ? 10.513  -18.245 -2.159  1.00 49.51 ? 205 HIS A C     1 
ATOM   1504 O  O     . HIS A 1 205 ? 10.533  -18.078 -3.380  1.00 50.48 ? 205 HIS A O     1 
ATOM   1505 C  CB    . HIS A 1 205 ? 8.266   -19.378 -2.083  1.00 48.46 ? 205 HIS A CB    1 
ATOM   1506 C  CG    . HIS A 1 205 ? 7.550   -20.673 -1.855  1.00 50.72 ? 205 HIS A CG    1 
ATOM   1507 N  ND1   . HIS A 1 205 ? 7.426   -21.637 -2.832  1.00 50.05 ? 205 HIS A ND1   1 
ATOM   1508 C  CD2   . HIS A 1 205 ? 6.917   -21.164 -0.762  1.00 52.44 ? 205 HIS A CD2   1 
ATOM   1509 C  CE1   . HIS A 1 205 ? 6.746   -22.664 -2.352  1.00 50.65 ? 205 HIS A CE1   1 
ATOM   1510 N  NE2   . HIS A 1 205 ? 6.425   -22.401 -1.098  1.00 51.71 ? 205 HIS A NE2   1 
ATOM   1511 N  N     . ILE A 1 206 ? 11.218  -17.504 -1.311  1.00 51.49 ? 206 ILE A N     1 
ATOM   1512 C  CA    . ILE A 1 206 ? 12.083  -16.416 -1.763  1.00 53.02 ? 206 ILE A CA    1 
ATOM   1513 C  C     . ILE A 1 206 ? 13.521  -16.906 -1.910  1.00 53.55 ? 206 ILE A C     1 
ATOM   1514 O  O     . ILE A 1 206 ? 13.693  -17.991 -2.499  1.00 54.73 ? 206 ILE A O     1 
ATOM   1515 C  CB    . ILE A 1 206 ? 12.075  -15.245 -0.767  1.00 51.97 ? 206 ILE A CB    1 
ATOM   1516 C  CG1   . ILE A 1 206 ? 10.690  -14.608 -0.722  1.00 50.09 ? 206 ILE A CG1   1 
ATOM   1517 C  CG2   . ILE A 1 206 ? 13.123  -14.212 -1.159  1.00 55.05 ? 206 ILE A CG2   1 
ATOM   1518 C  CD1   . ILE A 1 206 ? 10.593  -13.448 0.226   1.00 50.90 ? 206 ILE A CD1   1 
HETATM 1519 O  O3P   . C5P B 2 .   ? -0.438  5.489   7.130   1.00 40.66 ? 301 C5P A O3P   1 
HETATM 1520 P  P     . C5P B 2 .   ? -1.925  5.008   6.755   1.00 39.47 ? 301 C5P A P     1 
HETATM 1521 O  O1P   . C5P B 2 .   ? -2.850  5.006   8.053   1.00 37.65 ? 301 C5P A O1P   1 
HETATM 1522 O  O2P   . C5P B 2 .   ? -1.882  3.660   6.176   1.00 34.65 ? 301 C5P A O2P   1 
HETATM 1523 O  "O5'" . C5P B 2 .   ? -2.519  6.070   5.723   1.00 41.90 ? 301 C5P A "O5'" 1 
HETATM 1524 C  "C5'" . C5P B 2 .   ? -3.793  5.621   5.441   1.00 41.33 ? 301 C5P A "C5'" 1 
HETATM 1525 C  "C4'" . C5P B 2 .   ? -4.443  6.605   4.516   1.00 40.59 ? 301 C5P A "C4'" 1 
HETATM 1526 O  "O4'" . C5P B 2 .   ? -3.707  6.818   3.267   1.00 35.58 ? 301 C5P A "O4'" 1 
HETATM 1527 C  "C3'" . C5P B 2 .   ? -5.852  6.119   4.219   1.00 38.38 ? 301 C5P A "C3'" 1 
HETATM 1528 O  "O3'" . C5P B 2 .   ? -6.802  7.009   4.790   1.00 47.74 ? 301 C5P A "O3'" 1 
HETATM 1529 C  "C2'" . C5P B 2 .   ? -5.922  6.036   2.699   1.00 35.91 ? 301 C5P A "C2'" 1 
HETATM 1530 O  "O2'" . C5P B 2 .   ? -6.923  6.923   2.231   1.00 41.08 ? 301 C5P A "O2'" 1 
HETATM 1531 C  "C1'" . C5P B 2 .   ? -4.528  6.403   2.146   1.00 34.50 ? 301 C5P A "C1'" 1 
HETATM 1532 N  N1    . C5P B 2 .   ? -3.957  5.195   1.474   1.00 31.27 ? 301 C5P A N1    1 
HETATM 1533 C  C2    . C5P B 2 .   ? -4.404  4.806   0.242   1.00 31.02 ? 301 C5P A C2    1 
HETATM 1534 N  N3    . C5P B 2 .   ? -3.903  3.722   -0.369  1.00 30.67 ? 301 C5P A N3    1 
HETATM 1535 C  C4    . C5P B 2 .   ? -2.954  2.993   0.215   1.00 30.29 ? 301 C5P A C4    1 
HETATM 1536 C  C5    . C5P B 2 .   ? -2.475  3.365   1.478   1.00 23.18 ? 301 C5P A C5    1 
HETATM 1537 C  C6    . C5P B 2 .   ? -2.989  4.466   2.088   1.00 27.89 ? 301 C5P A C6    1 
HETATM 1538 O  O2    . C5P B 2 .   ? -5.273  5.447   -0.319  1.00 31.48 ? 301 C5P A O2    1 
HETATM 1539 N  N4    . C5P B 2 .   ? -2.446  1.884   -0.409  1.00 27.17 ? 301 C5P A N4    1 
HETATM 1540 O  O     . HOH C 3 .   ? -2.115  -12.153 -15.230 1.00 26.52 ? 401 HOH A O     1 
HETATM 1541 O  O     . HOH C 3 .   ? 9.312   -3.003  -11.094 1.00 23.96 ? 402 HOH A O     1 
HETATM 1542 O  O     . HOH C 3 .   ? 2.287   12.972  13.931  1.00 28.25 ? 403 HOH A O     1 
HETATM 1543 O  O     . HOH C 3 .   ? -2.723  -6.171  -4.815  1.00 27.77 ? 404 HOH A O     1 
HETATM 1544 O  O     . HOH C 3 .   ? -10.194 -19.997 0.445   1.00 35.95 ? 405 HOH A O     1 
HETATM 1545 O  O     . HOH C 3 .   ? 2.780   -9.613  -6.191  1.00 22.28 ? 406 HOH A O     1 
HETATM 1546 O  O     . HOH C 3 .   ? 16.047  1.725   -0.289  1.00 32.53 ? 407 HOH A O     1 
HETATM 1547 O  O     . HOH C 3 .   ? 13.609  15.837  0.005   1.00 33.59 ? 408 HOH A O     1 
HETATM 1548 O  O     . HOH C 3 .   ? 1.206   -20.136 -8.535  1.00 34.59 ? 409 HOH A O     1 
HETATM 1549 O  O     . HOH C 3 .   ? -17.160 -15.173 11.342  1.00 56.31 ? 410 HOH A O     1 
HETATM 1550 O  O     . HOH C 3 .   ? -5.661  -6.713  3.153   1.00 36.60 ? 411 HOH A O     1 
HETATM 1551 O  O     . HOH C 3 .   ? -4.078  25.263  5.549   1.00 39.99 ? 412 HOH A O     1 
HETATM 1552 O  O     . HOH C 3 .   ? 16.882  -0.609  1.036   1.00 37.08 ? 413 HOH A O     1 
HETATM 1553 O  O     . HOH C 3 .   ? -7.638  20.628  15.122  1.00 23.69 ? 414 HOH A O     1 
HETATM 1554 O  O     . HOH C 3 .   ? 0.415   -10.561 -8.852  1.00 41.21 ? 415 HOH A O     1 
HETATM 1555 O  O     . HOH C 3 .   ? 4.421   -6.789  -8.694  1.00 34.04 ? 416 HOH A O     1 
HETATM 1556 O  O     . HOH C 3 .   ? -7.433  19.245  8.890   1.00 26.40 ? 417 HOH A O     1 
HETATM 1557 O  O     . HOH C 3 .   ? -4.445  -6.906  -6.843  1.00 23.99 ? 418 HOH A O     1 
HETATM 1558 O  O     . HOH C 3 .   ? 10.004  -0.242  6.668   1.00 31.05 ? 419 HOH A O     1 
HETATM 1559 O  O     . HOH C 3 .   ? -0.250  2.387   4.174   1.00 27.68 ? 420 HOH A O     1 
HETATM 1560 O  O     . HOH C 3 .   ? -3.335  -6.658  5.280   1.00 47.91 ? 421 HOH A O     1 
HETATM 1561 O  O     . HOH C 3 .   ? 3.203   -0.848  -1.193  1.00 36.36 ? 422 HOH A O     1 
HETATM 1562 O  O     . HOH C 3 .   ? 0.758   1.568   -3.447  1.00 49.74 ? 423 HOH A O     1 
HETATM 1563 O  O     . HOH C 3 .   ? -8.996  -7.677  -7.723  1.00 42.65 ? 424 HOH A O     1 
HETATM 1564 O  O     . HOH C 3 .   ? -2.729  -13.598 4.989   1.00 39.03 ? 425 HOH A O     1 
HETATM 1565 O  O     . HOH C 3 .   ? 7.732   15.361  -5.387  1.00 33.91 ? 426 HOH A O     1 
HETATM 1566 O  O     . HOH C 3 .   ? 10.972  8.602   -3.029  1.00 32.89 ? 427 HOH A O     1 
HETATM 1567 O  O     . HOH C 3 .   ? -4.389  -14.909 6.792   1.00 52.19 ? 428 HOH A O     1 
HETATM 1568 O  O     . HOH C 3 .   ? -5.880  -13.946 2.275   1.00 29.86 ? 429 HOH A O     1 
HETATM 1569 O  O     . HOH C 3 .   ? 6.356   3.891   4.241   1.00 30.68 ? 430 HOH A O     1 
HETATM 1570 O  O     . HOH C 3 .   ? 2.242   4.094   6.111   1.00 39.99 ? 431 HOH A O     1 
HETATM 1571 O  O     . HOH C 3 .   ? 1.494   -6.081  0.263   1.00 32.61 ? 432 HOH A O     1 
HETATM 1572 O  O     . HOH C 3 .   ? -10.661 13.044  4.306   1.00 33.17 ? 433 HOH A O     1 
HETATM 1573 O  O     . HOH C 3 .   ? 13.557  -6.949  -8.223  1.00 35.98 ? 434 HOH A O     1 
HETATM 1574 O  O     . HOH C 3 .   ? -15.656 -16.736 13.052  1.00 54.13 ? 435 HOH A O     1 
HETATM 1575 O  O     . HOH C 3 .   ? 0.715   13.063  -11.236 1.00 41.59 ? 436 HOH A O     1 
HETATM 1576 O  O     . HOH C 3 .   ? 12.624  23.739  3.030   1.00 40.08 ? 437 HOH A O     1 
HETATM 1577 O  O     . HOH C 3 .   ? -9.133  13.560  12.420  1.00 41.39 ? 438 HOH A O     1 
HETATM 1578 O  O     . HOH C 3 .   ? -0.325  0.629   -15.081 1.00 46.91 ? 439 HOH A O     1 
HETATM 1579 O  O     . HOH C 3 .   ? 9.851   14.984  11.580  1.00 37.85 ? 440 HOH A O     1 
HETATM 1580 O  O     . HOH C 3 .   ? 9.894   15.003  -6.921  1.00 46.39 ? 441 HOH A O     1 
HETATM 1581 O  O     . HOH C 3 .   ? -3.545  0.673   -3.038  1.00 37.94 ? 442 HOH A O     1 
HETATM 1582 O  O     . HOH C 3 .   ? -2.549  -22.633 -2.618  1.00 36.66 ? 443 HOH A O     1 
HETATM 1583 O  O     . HOH C 3 .   ? 7.120   21.980  8.810   1.00 45.60 ? 444 HOH A O     1 
HETATM 1584 O  O     . HOH C 3 .   ? 2.942   6.885   -11.556 1.00 35.44 ? 445 HOH A O     1 
HETATM 1585 O  O     . HOH C 3 .   ? -0.439  4.286   -4.299  1.00 42.86 ? 446 HOH A O     1 
HETATM 1586 O  O     . HOH C 3 .   ? 15.548  4.553   0.504   1.00 45.90 ? 447 HOH A O     1 
HETATM 1587 O  O     . HOH C 3 .   ? 7.651   12.962  -10.613 1.00 48.70 ? 448 HOH A O     1 
HETATM 1588 O  O     . HOH C 3 .   ? -6.638  -8.650  -6.159  1.00 34.44 ? 449 HOH A O     1 
HETATM 1589 O  O     . HOH C 3 .   ? 5.347   -7.699  -15.516 1.00 38.01 ? 450 HOH A O     1 
HETATM 1590 O  O     . HOH C 3 .   ? 0.486   5.613   -11.261 1.00 43.80 ? 451 HOH A O     1 
HETATM 1591 O  O     . HOH C 3 .   ? -3.190  8.403   13.264  1.00 48.57 ? 452 HOH A O     1 
HETATM 1592 O  O     . HOH C 3 .   ? -5.291  -4.200  -7.400  1.00 39.82 ? 453 HOH A O     1 
HETATM 1593 O  O     . HOH C 3 .   ? -5.561  26.016  -3.100  1.00 56.07 ? 454 HOH A O     1 
HETATM 1594 O  O     . HOH C 3 .   ? -5.051  24.097  3.102   1.00 43.89 ? 455 HOH A O     1 
HETATM 1595 O  O     . HOH C 3 .   ? -5.886  2.470   2.652   1.00 55.95 ? 456 HOH A O     1 
HETATM 1596 O  O     . HOH C 3 .   ? 8.452   -4.049  8.333   1.00 43.95 ? 457 HOH A O     1 
HETATM 1597 O  O     . HOH C 3 .   ? 3.309   8.723   -13.812 1.00 50.63 ? 458 HOH A O     1 
HETATM 1598 O  O     . HOH C 3 .   ? 3.125   -0.037  -4.047  1.00 39.58 ? 459 HOH A O     1 
HETATM 1599 O  O     . HOH C 3 .   ? -9.311  11.125  5.916   1.00 37.50 ? 460 HOH A O     1 
HETATM 1600 O  O     . HOH C 3 .   ? -7.886  -4.363  3.076   1.00 46.77 ? 461 HOH A O     1 
HETATM 1601 O  O     . HOH C 3 .   ? -21.692 -15.999 -0.868  1.00 42.26 ? 462 HOH A O     1 
HETATM 1602 O  O     . HOH C 3 .   ? 15.716  -19.776 -1.450  1.00 48.26 ? 463 HOH A O     1 
HETATM 1603 O  O     . HOH C 3 .   ? -9.803  -11.243 6.054   1.00 39.24 ? 464 HOH A O     1 
HETATM 1604 O  O     . HOH C 3 .   ? 9.589   7.450   -10.632 1.00 38.40 ? 465 HOH A O     1 
HETATM 1605 O  O     . HOH C 3 .   ? -3.473  1.859   5.057   1.00 46.55 ? 466 HOH A O     1 
HETATM 1606 O  O     . HOH C 3 .   ? -4.229  -2.680  -5.018  1.00 40.03 ? 467 HOH A O     1 
HETATM 1607 O  O     . HOH C 3 .   ? 6.094   -7.176  11.646  1.00 46.69 ? 468 HOH A O     1 
HETATM 1608 O  O     . HOH C 3 .   ? -10.971 -6.922  -3.579  1.00 52.07 ? 469 HOH A O     1 
HETATM 1609 O  O     . HOH C 3 .   ? 2.242   27.266  8.172   1.00 49.53 ? 470 HOH A O     1 
HETATM 1610 O  O     . HOH C 3 .   ? -13.194 16.951  5.225   1.00 56.01 ? 471 HOH A O     1 
HETATM 1611 O  O     . HOH C 3 .   ? 5.433   -13.341 11.411  1.00 51.35 ? 472 HOH A O     1 
HETATM 1612 O  O     . HOH C 3 .   ? 10.104  -19.699 6.506   1.00 45.33 ? 473 HOH A O     1 
HETATM 1613 O  O     . HOH C 3 .   ? 7.982   0.615   8.127   1.00 64.14 ? 474 HOH A O     1 
HETATM 1614 O  O     . HOH C 3 .   ? 5.039   12.439  16.358  1.00 50.54 ? 475 HOH A O     1 
HETATM 1615 O  O     . HOH C 3 .   ? -12.682 13.378  7.746   1.00 54.03 ? 476 HOH A O     1 
HETATM 1616 O  O     . HOH C 3 .   ? 7.891   -16.054 -6.879  1.00 50.90 ? 477 HOH A O     1 
HETATM 1617 O  O     . HOH C 3 .   ? 16.912  -9.280  9.822   1.00 55.03 ? 478 HOH A O     1 
HETATM 1618 O  O     . HOH C 3 .   ? 13.612  7.268   -2.467  1.00 48.68 ? 479 HOH A O     1 
HETATM 1619 O  O     . HOH C 3 .   ? 2.424   -11.994 13.461  1.00 61.20 ? 480 HOH A O     1 
HETATM 1620 O  O     . HOH C 3 .   ? 15.515  8.948   -3.736  1.00 64.94 ? 481 HOH A O     1 
HETATM 1621 O  O     . HOH C 3 .   ? -1.106  14.057  -13.465 1.00 51.57 ? 482 HOH A O     1 
HETATM 1622 O  O     . HOH C 3 .   ? 10.531  -15.846 -5.459  1.00 53.99 ? 483 HOH A O     1 
HETATM 1623 O  O     . HOH C 3 .   ? -22.404 -16.740 1.979   1.00 48.90 ? 484 HOH A O     1 
# 
